data_6W1M
#
_entry.id   6W1M
#
_cell.length_a   1.00
_cell.length_b   1.00
_cell.length_c   1.00
_cell.angle_alpha   90.00
_cell.angle_beta   90.00
_cell.angle_gamma   90.00
#
_symmetry.space_group_name_H-M   'P 1'
#
loop_
_entity.id
_entity.type
_entity.pdbx_description
1 polymer '5-hydroxytryptamine receptor 3A'
2 branched 2-acetamido-2-deoxy-beta-D-glucopyranose-(4-4)-2-acetamido-2-deoxy-beta-D-glucopyranose
3 branched beta-D-mannopyranose-(1-4)-2-acetamido-2-deoxy-beta-D-glucopyranose-(1-4)-2-acetamido-2-deoxy-beta-D-glucopyranose
4 branched 2-acetamido-2-deoxy-beta-D-glucopyranose-(1-4)-2-acetamido-2-deoxy-beta-D-glucopyranose
5 non-polymer ondansetron
#
_entity_poly.entity_id   1
_entity_poly.type   'polypeptide(L)'
_entity_poly.pdbx_seq_one_letter_code
;TTQPALLRLSDHLLANYKKGVRPVRDWRKPTTVSIDVIMYAILNVDEKNQVLTTYIWYRQYWTDEFLQWTPEDFDNVTKL
SIPTDSIWVPDILINEFVDVGKSPNIPYVYVHHRGEVQNYKPLQLVTACSLDIYNFPFDVQNCSLTFTSWLHTIQDINIT
LWRSPEEVRSDKSIFINQGEWELLEVFPQFKEFSIDISNSYAEMKFYVIIRRRPLFYAVSLLLPSIFLMVVDIVGFCLPP
DSGERVSFKITLLLGYSVFLIIVSDTLPATAIGTPLIGVYFVVCMALLVISLAETIFIVRLVHKQDLQRPVPDWLRHLVL
DRIAWILCLGEQPMAHRPPATFQANKTDDCSAMGNHCSHVGGPQDLEKTPRGRGSPLPPPREASLAVRGLLQELSSIRHF
LEKRDEMREVARDWLRVGYVLDRLLFRIYLLAVLAYSITLVTLWSIWHYS
;
_entity_poly.pdbx_strand_id   A,B,C,D,E
#
loop_
_chem_comp.id
_chem_comp.type
_chem_comp.name
_chem_comp.formula
BMA D-saccharide, beta linking beta-D-mannopyranose 'C6 H12 O6'
NAG D-saccharide, beta linking 2-acetamido-2-deoxy-beta-D-glucopyranose 'C8 H15 N O6'
S87 non-polymer ondansetron 'C18 H19 N3 O'
#
# COMPACT_ATOMS: atom_id res chain seq x y z
N THR A 1 10.19 -71.58 1.80
CA THR A 1 10.62 -70.33 1.20
C THR A 1 12.14 -70.21 1.15
N THR A 2 12.61 -69.07 0.64
CA THR A 2 14.02 -68.74 0.58
C THR A 2 14.28 -67.55 1.48
N GLN A 3 15.47 -66.98 1.36
CA GLN A 3 15.83 -65.79 2.10
C GLN A 3 16.35 -64.66 1.18
N PRO A 4 15.54 -64.18 0.22
CA PRO A 4 16.09 -63.24 -0.77
C PRO A 4 16.33 -61.85 -0.20
N ALA A 5 15.44 -61.40 0.67
CA ALA A 5 15.51 -60.16 1.42
C ALA A 5 14.46 -60.26 2.52
N LEU A 6 14.02 -59.12 3.04
CA LEU A 6 12.79 -59.08 3.81
C LEU A 6 11.81 -58.04 3.28
N LEU A 7 11.73 -57.90 1.96
CA LEU A 7 10.63 -57.27 1.28
C LEU A 7 9.53 -58.26 0.95
N ARG A 8 9.69 -59.52 1.35
CA ARG A 8 8.68 -60.52 1.07
C ARG A 8 7.50 -60.37 2.01
N LEU A 9 7.68 -59.63 3.10
CA LEU A 9 6.52 -59.25 3.90
C LEU A 9 5.66 -58.24 3.16
N SER A 10 6.27 -57.19 2.61
CA SER A 10 5.53 -56.19 1.85
C SER A 10 4.95 -56.76 0.57
N ASP A 11 5.49 -57.85 0.05
CA ASP A 11 4.83 -58.55 -1.04
C ASP A 11 3.64 -59.34 -0.53
N HIS A 12 3.67 -59.73 0.74
CA HIS A 12 2.63 -60.61 1.27
C HIS A 12 1.34 -59.89 1.54
N LEU A 13 1.39 -58.64 1.97
CA LEU A 13 0.18 -57.98 2.45
C LEU A 13 -0.20 -56.77 1.61
N LEU A 14 0.47 -56.53 0.49
CA LEU A 14 0.04 -55.55 -0.49
C LEU A 14 -0.13 -56.16 -1.89
N ALA A 15 -0.25 -57.47 -2.00
CA ALA A 15 -0.42 -58.08 -3.30
C ALA A 15 -1.83 -57.86 -3.82
N ASN A 16 -2.83 -58.34 -3.07
CA ASN A 16 -4.24 -58.22 -3.43
C ASN A 16 -4.98 -57.26 -2.51
N TYR A 17 -4.34 -56.15 -2.16
CA TYR A 17 -4.94 -55.18 -1.27
C TYR A 17 -5.66 -54.11 -2.08
N LYS A 18 -6.89 -53.82 -1.71
CA LYS A 18 -7.71 -52.82 -2.38
C LYS A 18 -7.78 -51.57 -1.52
N LYS A 19 -7.27 -50.46 -2.04
CA LYS A 19 -7.21 -49.22 -1.29
C LYS A 19 -8.48 -48.40 -1.34
N GLY A 20 -9.58 -48.98 -1.81
CA GLY A 20 -10.81 -48.23 -1.89
C GLY A 20 -11.82 -48.59 -0.82
N VAL A 21 -11.71 -49.78 -0.29
CA VAL A 21 -12.71 -50.28 0.65
C VAL A 21 -12.36 -49.82 2.06
N ARG A 22 -13.39 -49.57 2.85
CA ARG A 22 -13.16 -49.27 4.25
C ARG A 22 -12.79 -50.57 4.95
N PRO A 23 -11.65 -50.65 5.57
CA PRO A 23 -11.05 -51.94 5.93
C PRO A 23 -11.52 -52.58 7.23
N VAL A 24 -12.64 -53.30 7.15
CA VAL A 24 -13.17 -54.07 8.27
C VAL A 24 -13.60 -55.44 7.77
N ARG A 25 -13.56 -56.43 8.67
CA ARG A 25 -14.09 -57.75 8.35
C ARG A 25 -15.61 -57.71 8.33
N ASP A 26 -16.22 -57.39 9.47
CA ASP A 26 -17.65 -57.19 9.55
C ASP A 26 -17.94 -55.72 9.28
N TRP A 27 -18.85 -55.46 8.36
CA TRP A 27 -19.11 -54.08 7.94
C TRP A 27 -19.93 -53.28 8.95
N ARG A 28 -20.35 -53.89 10.05
CA ARG A 28 -21.17 -53.21 11.03
C ARG A 28 -20.36 -52.52 12.11
N LYS A 29 -19.05 -52.71 12.14
CA LYS A 29 -18.26 -52.05 13.16
C LYS A 29 -17.59 -50.82 12.58
N PRO A 30 -17.62 -49.69 13.27
CA PRO A 30 -17.00 -48.48 12.73
C PRO A 30 -15.49 -48.50 12.90
N THR A 31 -14.83 -47.72 12.05
CA THR A 31 -13.40 -47.49 12.17
C THR A 31 -13.18 -46.29 13.08
N THR A 32 -12.34 -46.47 14.09
CA THR A 32 -12.18 -45.49 15.16
C THR A 32 -10.81 -44.84 15.04
N VAL A 33 -10.78 -43.63 14.52
CA VAL A 33 -9.52 -42.89 14.48
C VAL A 33 -9.29 -42.21 15.82
N SER A 34 -8.05 -41.81 16.06
CA SER A 34 -7.71 -41.20 17.35
C SER A 34 -6.70 -40.09 17.09
N ILE A 35 -7.11 -38.85 17.29
CA ILE A 35 -6.32 -37.70 16.86
C ILE A 35 -5.88 -36.90 18.08
N ASP A 36 -4.81 -36.13 17.92
CA ASP A 36 -4.54 -34.97 18.77
C ASP A 36 -3.66 -33.99 18.02
N VAL A 37 -3.46 -32.82 18.64
CA VAL A 37 -2.91 -31.63 18.00
C VAL A 37 -2.07 -30.88 19.01
N ILE A 38 -0.84 -30.51 18.65
CA ILE A 38 -0.09 -29.51 19.40
C ILE A 38 0.11 -28.30 18.51
N MET A 39 0.28 -27.15 19.13
CA MET A 39 0.18 -25.87 18.46
C MET A 39 1.56 -25.30 18.20
N TYR A 40 1.80 -24.85 16.98
CA TYR A 40 3.15 -24.38 16.65
C TYR A 40 3.26 -22.89 16.46
N ALA A 41 2.41 -22.25 15.65
CA ALA A 41 2.56 -20.82 15.43
C ALA A 41 1.22 -20.19 15.08
N ILE A 42 1.04 -18.95 15.52
CA ILE A 42 -0.05 -18.09 15.08
C ILE A 42 0.53 -17.22 13.98
N LEU A 43 0.19 -17.51 12.73
CA LEU A 43 0.83 -16.79 11.64
C LEU A 43 0.20 -15.43 11.40
N ASN A 44 -1.13 -15.35 11.40
CA ASN A 44 -1.79 -14.10 11.08
C ASN A 44 -3.17 -14.10 11.72
N VAL A 45 -3.61 -12.94 12.19
CA VAL A 45 -4.97 -12.72 12.67
C VAL A 45 -5.51 -11.51 11.92
N ASP A 46 -6.50 -11.73 11.08
CA ASP A 46 -7.08 -10.67 10.26
C ASP A 46 -8.40 -10.26 10.90
N GLU A 47 -8.40 -9.15 11.62
CA GLU A 47 -9.61 -8.71 12.30
C GLU A 47 -10.66 -8.18 11.34
N LYS A 48 -10.24 -7.71 10.16
CA LYS A 48 -11.21 -7.18 9.21
C LYS A 48 -11.99 -8.30 8.54
N ASN A 49 -11.30 -9.33 8.07
CA ASN A 49 -11.93 -10.39 7.30
C ASN A 49 -12.37 -11.56 8.15
N GLN A 50 -12.12 -11.51 9.46
CA GLN A 50 -12.49 -12.54 10.43
C GLN A 50 -11.85 -13.90 10.10
N VAL A 51 -10.56 -13.87 9.76
CA VAL A 51 -9.84 -15.04 9.27
C VAL A 51 -8.57 -15.24 10.09
N LEU A 52 -8.43 -16.43 10.66
CA LEU A 52 -7.27 -16.84 11.44
C LEU A 52 -6.38 -17.78 10.63
N THR A 53 -5.07 -17.61 10.75
CA THR A 53 -4.11 -18.42 10.00
C THR A 53 -3.09 -18.99 10.97
N THR A 54 -3.06 -20.31 11.13
CA THR A 54 -2.20 -20.96 12.09
C THR A 54 -1.34 -22.03 11.41
N TYR A 55 -0.66 -22.82 12.23
CA TYR A 55 0.17 -23.91 11.75
C TYR A 55 0.29 -24.90 12.90
N ILE A 56 -0.15 -26.13 12.72
CA ILE A 56 -0.17 -27.11 13.79
C ILE A 56 0.64 -28.34 13.38
N TRP A 57 0.88 -29.20 14.35
CA TRP A 57 1.38 -30.54 14.11
C TRP A 57 0.27 -31.51 14.46
N TYR A 58 0.08 -32.53 13.64
CA TYR A 58 -1.09 -33.37 13.69
C TYR A 58 -0.69 -34.84 13.58
N ARG A 59 -1.39 -35.71 14.31
CA ARG A 59 -1.14 -37.14 14.20
C ARG A 59 -2.42 -37.90 14.50
N GLN A 60 -2.49 -39.14 14.01
CA GLN A 60 -3.71 -39.93 14.09
C GLN A 60 -3.37 -41.40 13.92
N TYR A 61 -4.20 -42.28 14.49
CA TYR A 61 -4.05 -43.69 14.18
C TYR A 61 -5.42 -44.36 14.15
N TRP A 62 -5.50 -45.43 13.36
CA TRP A 62 -6.70 -46.24 13.27
C TRP A 62 -6.27 -47.70 13.18
N THR A 63 -7.19 -48.58 12.81
CA THR A 63 -6.93 -50.02 12.85
C THR A 63 -7.58 -50.67 11.66
N ASP A 64 -6.85 -51.55 10.97
CA ASP A 64 -7.43 -52.30 9.87
C ASP A 64 -7.04 -53.75 9.92
N GLU A 65 -7.99 -54.62 9.57
CA GLU A 65 -7.79 -56.06 9.69
C GLU A 65 -7.18 -56.66 8.44
N PHE A 66 -6.74 -55.85 7.50
CA PHE A 66 -6.12 -56.36 6.28
C PHE A 66 -4.61 -56.23 6.29
N LEU A 67 -4.06 -55.56 7.29
CA LEU A 67 -2.63 -55.29 7.41
C LEU A 67 -2.04 -56.01 8.61
N GLN A 68 -2.41 -57.27 8.81
CA GLN A 68 -1.98 -58.01 9.98
C GLN A 68 -1.09 -59.18 9.57
N TRP A 69 -0.15 -59.52 10.45
CA TRP A 69 0.75 -60.63 10.21
C TRP A 69 1.24 -61.16 11.54
N THR A 70 1.76 -62.37 11.53
CA THR A 70 2.44 -62.87 12.72
C THR A 70 3.87 -62.37 12.72
N PRO A 71 4.38 -61.85 13.84
CA PRO A 71 5.74 -61.30 13.83
C PRO A 71 6.81 -62.35 13.63
N GLU A 72 6.65 -63.53 14.18
CA GLU A 72 7.56 -64.61 13.85
C GLU A 72 7.25 -65.11 12.44
N ASP A 73 8.17 -65.91 11.91
CA ASP A 73 8.31 -66.39 10.52
C ASP A 73 8.41 -65.24 9.48
N PHE A 74 8.68 -64.03 9.94
CA PHE A 74 9.14 -62.94 9.09
C PHE A 74 10.38 -62.31 9.68
N ASP A 75 11.17 -63.14 10.39
CA ASP A 75 12.39 -62.73 11.09
C ASP A 75 12.09 -61.64 12.12
N ASN A 76 11.02 -61.84 12.88
CA ASN A 76 10.72 -61.08 14.11
C ASN A 76 10.48 -59.60 13.87
N VAL A 77 10.08 -59.21 12.67
CA VAL A 77 9.81 -57.80 12.40
C VAL A 77 8.44 -57.46 12.96
N THR A 78 8.34 -56.29 13.60
CA THR A 78 7.11 -55.87 14.24
C THR A 78 6.49 -54.62 13.65
N LYS A 79 7.26 -53.81 12.92
CA LYS A 79 6.68 -52.66 12.25
C LYS A 79 7.50 -52.33 11.02
N LEU A 80 6.87 -51.64 10.08
CA LEU A 80 7.57 -51.28 8.85
C LEU A 80 6.91 -50.03 8.29
N SER A 81 7.55 -49.45 7.28
CA SER A 81 7.06 -48.27 6.61
C SER A 81 6.38 -48.65 5.31
N ILE A 82 5.22 -48.07 5.07
CA ILE A 82 4.46 -48.30 3.84
C ILE A 82 4.15 -46.93 3.27
N PRO A 83 4.22 -46.72 1.95
CA PRO A 83 3.87 -45.43 1.38
C PRO A 83 2.40 -45.10 1.60
N THR A 84 2.10 -43.80 1.63
CA THR A 84 0.79 -43.35 2.09
C THR A 84 -0.26 -43.58 1.02
N ASP A 85 0.12 -43.48 -0.26
CA ASP A 85 -0.83 -43.56 -1.36
C ASP A 85 -1.12 -44.99 -1.79
N SER A 86 -0.94 -45.97 -0.92
CA SER A 86 -1.24 -47.35 -1.24
C SER A 86 -2.08 -48.03 -0.17
N ILE A 87 -2.66 -47.27 0.77
CA ILE A 87 -3.55 -47.81 1.79
C ILE A 87 -4.76 -46.89 1.91
N TRP A 88 -5.73 -47.33 2.71
CA TRP A 88 -6.92 -46.54 2.97
C TRP A 88 -6.62 -45.45 3.99
N VAL A 89 -7.01 -44.23 3.69
CA VAL A 89 -6.80 -43.10 4.59
C VAL A 89 -8.13 -42.38 4.82
N PRO A 90 -8.54 -42.15 6.05
CA PRO A 90 -9.81 -41.46 6.30
C PRO A 90 -9.73 -39.99 5.96
N ASP A 91 -10.91 -39.41 5.71
CA ASP A 91 -11.04 -38.03 5.26
C ASP A 91 -11.47 -37.13 6.42
N ILE A 92 -10.49 -36.73 7.21
CA ILE A 92 -10.75 -35.87 8.37
C ILE A 92 -10.49 -34.44 7.94
N LEU A 93 -11.53 -33.63 7.89
CA LEU A 93 -11.41 -32.23 7.52
C LEU A 93 -11.86 -31.34 8.66
N ILE A 94 -11.83 -30.03 8.41
CA ILE A 94 -12.19 -29.01 9.38
C ILE A 94 -13.42 -28.30 8.84
N ASN A 95 -14.37 -27.98 9.73
CA ASN A 95 -15.56 -27.27 9.27
C ASN A 95 -15.25 -25.83 8.88
N GLU A 96 -14.28 -25.20 9.53
CA GLU A 96 -14.11 -23.76 9.40
C GLU A 96 -13.15 -23.36 8.29
N PHE A 97 -12.88 -24.23 7.32
CA PHE A 97 -12.03 -23.86 6.19
C PHE A 97 -12.64 -22.74 5.39
N VAL A 98 -11.79 -21.83 4.89
CA VAL A 98 -12.19 -20.84 3.92
C VAL A 98 -11.23 -20.85 2.75
N ASP A 99 -10.13 -21.59 2.89
CA ASP A 99 -9.09 -21.65 1.87
C ASP A 99 -8.25 -22.89 2.14
N VAL A 100 -7.26 -23.13 1.28
CA VAL A 100 -6.37 -24.27 1.42
C VAL A 100 -4.97 -23.75 1.70
N GLY A 101 -4.39 -24.18 2.80
CA GLY A 101 -3.02 -23.84 3.12
C GLY A 101 -2.03 -24.83 2.54
N LYS A 102 -0.85 -24.32 2.20
CA LYS A 102 0.21 -25.15 1.65
C LYS A 102 1.01 -25.78 2.78
N SER A 103 1.18 -27.09 2.72
CA SER A 103 1.84 -27.85 3.76
C SER A 103 2.59 -29.00 3.10
N PRO A 104 3.71 -29.43 3.68
CA PRO A 104 4.48 -30.52 3.07
C PRO A 104 3.75 -31.85 3.19
N ASN A 105 3.98 -32.72 2.23
CA ASN A 105 3.42 -34.06 2.32
C ASN A 105 4.41 -35.01 2.98
N ILE A 106 3.88 -35.98 3.70
CA ILE A 106 4.67 -37.01 4.36
C ILE A 106 4.37 -38.33 3.66
N PRO A 107 5.28 -38.88 2.90
CA PRO A 107 4.92 -40.01 2.05
C PRO A 107 4.99 -41.39 2.71
N TYR A 108 5.05 -41.48 4.03
CA TYR A 108 5.16 -42.78 4.66
C TYR A 108 4.30 -42.84 5.91
N VAL A 109 3.89 -44.06 6.27
CA VAL A 109 3.19 -44.35 7.52
C VAL A 109 3.84 -45.55 8.17
N TYR A 110 3.56 -45.71 9.46
CA TYR A 110 3.92 -46.92 10.21
C TYR A 110 2.77 -47.90 10.23
N VAL A 111 3.10 -49.18 10.30
CA VAL A 111 2.10 -50.25 10.44
C VAL A 111 2.65 -51.25 11.44
N HIS A 112 1.99 -51.39 12.59
CA HIS A 112 2.37 -52.43 13.53
C HIS A 112 1.73 -53.75 13.13
N HIS A 113 2.08 -54.82 13.85
CA HIS A 113 1.66 -56.16 13.45
C HIS A 113 0.28 -56.53 13.95
N ARG A 114 -0.49 -55.57 14.43
CA ARG A 114 -1.89 -55.77 14.74
C ARG A 114 -2.81 -55.00 13.82
N GLY A 115 -2.28 -54.11 13.00
CA GLY A 115 -3.08 -53.26 12.14
C GLY A 115 -3.11 -51.82 12.55
N GLU A 116 -2.38 -51.43 13.57
CA GLU A 116 -2.39 -50.04 14.02
C GLU A 116 -1.54 -49.21 13.07
N VAL A 117 -2.19 -48.37 12.28
CA VAL A 117 -1.52 -47.54 11.28
C VAL A 117 -1.37 -46.14 11.84
N GLN A 118 -0.14 -45.66 12.00
CA GLN A 118 0.11 -44.34 12.54
C GLN A 118 0.47 -43.37 11.43
N ASN A 119 0.04 -42.12 11.59
CA ASN A 119 0.21 -41.14 10.52
C ASN A 119 0.53 -39.79 11.13
N TYR A 120 1.73 -39.28 10.88
CA TYR A 120 2.18 -37.98 11.34
C TYR A 120 2.19 -37.03 10.15
N LYS A 121 1.61 -35.84 10.31
CA LYS A 121 1.69 -34.84 9.26
C LYS A 121 1.50 -33.44 9.81
N PRO A 122 2.25 -32.46 9.32
CA PRO A 122 1.97 -31.07 9.65
C PRO A 122 1.06 -30.44 8.62
N LEU A 123 0.28 -29.46 9.07
CA LEU A 123 -0.66 -28.84 8.15
C LEU A 123 -0.98 -27.42 8.56
N GLN A 124 -0.75 -26.50 7.62
CA GLN A 124 -1.16 -25.11 7.77
C GLN A 124 -2.65 -24.99 7.48
N LEU A 125 -3.37 -24.25 8.30
CA LEU A 125 -4.81 -24.16 8.13
C LEU A 125 -5.28 -22.73 8.29
N VAL A 126 -6.16 -22.32 7.38
CA VAL A 126 -6.76 -20.99 7.39
C VAL A 126 -8.24 -21.15 7.73
N THR A 127 -8.66 -20.56 8.83
CA THR A 127 -10.02 -20.75 9.31
C THR A 127 -10.73 -19.43 9.50
N ALA A 128 -12.03 -19.53 9.71
CA ALA A 128 -12.89 -18.38 9.96
C ALA A 128 -13.35 -18.40 11.41
N CYS A 129 -13.24 -17.26 12.08
CA CYS A 129 -13.54 -17.18 13.49
C CYS A 129 -14.17 -15.84 13.80
N SER A 130 -14.84 -15.77 14.95
CA SER A 130 -15.48 -14.55 15.41
C SER A 130 -14.54 -13.82 16.35
N LEU A 131 -14.23 -12.56 16.03
CA LEU A 131 -13.25 -11.78 16.77
C LEU A 131 -13.94 -10.55 17.37
N ASP A 132 -13.83 -10.40 18.68
CA ASP A 132 -14.40 -9.25 19.37
C ASP A 132 -13.32 -8.21 19.65
N ILE A 133 -13.58 -6.98 19.24
CA ILE A 133 -12.57 -5.93 19.33
C ILE A 133 -13.16 -4.90 20.28
N TYR A 134 -13.85 -5.37 21.32
CA TYR A 134 -14.49 -4.43 22.24
C TYR A 134 -13.46 -3.65 23.04
N ASN A 135 -12.41 -4.31 23.49
CA ASN A 135 -11.29 -3.67 24.18
C ASN A 135 -10.02 -4.06 23.45
N PHE A 136 -9.46 -3.11 22.68
CA PHE A 136 -8.54 -3.49 21.61
C PHE A 136 -7.19 -4.05 22.09
N PRO A 137 -6.37 -3.33 22.87
CA PRO A 137 -5.07 -3.92 23.20
C PRO A 137 -5.13 -4.98 24.29
N PHE A 138 -6.23 -5.14 25.00
CA PHE A 138 -6.35 -6.13 26.05
C PHE A 138 -7.54 -7.03 25.69
N ASP A 139 -7.29 -8.06 24.88
CA ASP A 139 -8.39 -8.89 24.41
C ASP A 139 -7.96 -10.34 24.25
N VAL A 140 -8.75 -11.24 24.79
CA VAL A 140 -8.56 -12.66 24.55
C VAL A 140 -9.52 -13.08 23.45
N GLN A 141 -9.14 -14.11 22.70
CA GLN A 141 -9.97 -14.61 21.62
C GLN A 141 -10.26 -16.07 21.87
N ASN A 142 -11.35 -16.56 21.27
CA ASN A 142 -11.83 -17.91 21.51
C ASN A 142 -12.19 -18.51 20.16
N CYS A 143 -11.21 -19.12 19.50
CA CYS A 143 -11.39 -19.67 18.17
C CYS A 143 -11.59 -21.18 18.24
N SER A 144 -12.31 -21.72 17.26
CA SER A 144 -12.68 -23.12 17.26
C SER A 144 -12.07 -23.84 16.06
N LEU A 145 -11.65 -25.07 16.26
CA LEU A 145 -11.23 -25.97 15.19
C LEU A 145 -12.02 -27.25 15.36
N THR A 146 -12.79 -27.62 14.34
CA THR A 146 -13.70 -28.76 14.48
C THR A 146 -13.32 -29.84 13.49
N PHE A 147 -12.63 -30.87 13.96
CA PHE A 147 -12.26 -32.00 13.11
C PHE A 147 -13.46 -32.92 12.94
N THR A 148 -13.76 -33.27 11.70
CA THR A 148 -14.89 -34.14 11.42
C THR A 148 -14.65 -34.90 10.13
N SER A 149 -15.36 -36.01 10.00
CA SER A 149 -15.37 -36.74 8.74
C SER A 149 -16.40 -36.10 7.84
N TRP A 150 -16.00 -35.77 6.62
CA TRP A 150 -16.88 -34.98 5.77
C TRP A 150 -17.96 -35.82 5.10
N LEU A 151 -17.74 -37.11 4.90
CA LEU A 151 -18.74 -37.92 4.24
C LEU A 151 -19.32 -38.98 5.16
N HIS A 152 -18.47 -39.76 5.81
CA HIS A 152 -18.91 -40.93 6.55
C HIS A 152 -19.66 -40.55 7.82
N THR A 153 -20.74 -41.28 8.10
CA THR A 153 -21.55 -41.05 9.28
C THR A 153 -20.90 -41.71 10.50
N ILE A 154 -21.61 -41.73 11.63
CA ILE A 154 -20.97 -42.17 12.86
C ILE A 154 -20.92 -43.68 12.99
N GLN A 155 -21.68 -44.42 12.19
CA GLN A 155 -21.51 -45.87 12.17
C GLN A 155 -20.51 -46.31 11.12
N ASP A 156 -19.72 -45.38 10.59
CA ASP A 156 -18.60 -45.74 9.75
C ASP A 156 -17.29 -45.23 10.33
N ILE A 157 -17.23 -43.95 10.69
CA ILE A 157 -16.03 -43.35 11.24
C ILE A 157 -16.38 -42.64 12.53
N ASN A 158 -15.68 -42.98 13.60
CA ASN A 158 -15.86 -42.41 14.92
C ASN A 158 -14.53 -41.80 15.35
N ILE A 159 -14.57 -40.71 16.10
CA ILE A 159 -13.37 -39.95 16.43
C ILE A 159 -13.19 -39.93 17.95
N THR A 160 -11.99 -40.29 18.40
CA THR A 160 -11.62 -40.27 19.80
C THR A 160 -10.37 -39.42 19.94
N LEU A 161 -9.89 -39.21 21.15
CA LEU A 161 -8.59 -38.60 21.38
C LEU A 161 -7.51 -39.65 21.57
N TRP A 162 -6.29 -39.27 21.21
CA TRP A 162 -5.11 -40.10 21.46
C TRP A 162 -4.90 -40.26 22.96
N ARG A 163 -4.69 -39.13 23.64
CA ARG A 163 -4.33 -39.07 25.04
C ARG A 163 -5.41 -38.28 25.78
N SER A 164 -5.29 -38.24 27.10
CA SER A 164 -6.34 -37.68 27.93
C SER A 164 -6.40 -36.15 27.76
N PRO A 165 -7.59 -35.56 27.85
CA PRO A 165 -7.71 -34.11 27.60
C PRO A 165 -7.11 -33.21 28.66
N GLU A 166 -6.43 -33.73 29.68
CA GLU A 166 -5.67 -32.85 30.56
C GLU A 166 -4.30 -32.54 29.98
N GLU A 167 -3.67 -33.50 29.30
CA GLU A 167 -2.39 -33.24 28.65
C GLU A 167 -2.51 -32.33 27.46
N VAL A 168 -3.66 -32.29 26.81
CA VAL A 168 -3.81 -31.44 25.63
C VAL A 168 -4.02 -30.00 26.05
N ARG A 169 -4.64 -29.77 27.21
CA ARG A 169 -4.87 -28.42 27.71
C ARG A 169 -3.55 -27.75 28.10
N SER A 170 -2.69 -28.46 28.81
CA SER A 170 -1.49 -27.89 29.41
C SER A 170 -0.24 -28.17 28.59
N ASP A 171 -0.33 -28.08 27.28
CA ASP A 171 0.79 -28.41 26.40
C ASP A 171 1.19 -27.15 25.63
N LYS A 172 2.14 -26.40 26.18
CA LYS A 172 2.77 -25.28 25.49
C LYS A 172 4.25 -25.58 25.46
N SER A 173 4.67 -26.37 24.50
CA SER A 173 6.02 -26.91 24.50
C SER A 173 6.86 -26.43 23.33
N ILE A 174 6.30 -26.38 22.13
CA ILE A 174 7.03 -25.98 20.95
C ILE A 174 6.45 -24.74 20.30
N PHE A 175 5.65 -23.98 21.04
CA PHE A 175 5.04 -22.77 20.51
C PHE A 175 6.10 -21.69 20.33
N ILE A 176 5.92 -20.88 19.29
CA ILE A 176 6.87 -19.81 18.96
C ILE A 176 6.35 -18.51 19.54
N ASN A 177 7.05 -17.99 20.55
CA ASN A 177 6.66 -16.76 21.22
C ASN A 177 7.23 -15.55 20.48
N GLN A 178 7.20 -14.39 21.14
CA GLN A 178 7.68 -13.10 20.63
C GLN A 178 6.96 -12.69 19.34
N GLY A 179 5.68 -13.01 19.27
CA GLY A 179 4.96 -12.83 18.03
C GLY A 179 3.56 -12.25 18.16
N GLU A 180 3.38 -11.32 19.11
CA GLU A 180 2.20 -10.49 19.35
C GLU A 180 1.03 -11.28 19.94
N TRP A 181 1.10 -12.60 19.96
CA TRP A 181 0.01 -13.43 20.45
C TRP A 181 0.58 -14.48 21.38
N GLU A 182 -0.07 -14.66 22.53
CA GLU A 182 0.35 -15.61 23.53
C GLU A 182 -0.68 -16.71 23.63
N LEU A 183 -0.25 -17.96 23.52
CA LEU A 183 -1.16 -19.08 23.64
C LEU A 183 -1.45 -19.35 25.10
N LEU A 184 -2.73 -19.55 25.43
CA LEU A 184 -3.11 -19.83 26.80
C LEU A 184 -3.43 -21.30 27.03
N GLU A 185 -4.39 -21.84 26.27
CA GLU A 185 -4.72 -23.25 26.39
C GLU A 185 -5.41 -23.72 25.11
N VAL A 186 -5.40 -25.04 24.90
CA VAL A 186 -6.08 -25.69 23.80
C VAL A 186 -6.94 -26.79 24.41
N PHE A 187 -8.25 -26.58 24.48
CA PHE A 187 -9.13 -27.48 25.20
C PHE A 187 -10.00 -28.27 24.25
N PRO A 188 -9.96 -29.60 24.27
CA PRO A 188 -10.78 -30.40 23.36
C PRO A 188 -12.11 -30.79 23.97
N GLN A 189 -13.07 -31.08 23.10
CA GLN A 189 -14.40 -31.48 23.53
C GLN A 189 -15.10 -32.23 22.42
N PHE A 190 -15.61 -33.42 22.73
CA PHE A 190 -16.34 -34.24 21.78
C PHE A 190 -17.81 -33.90 21.81
N LYS A 191 -18.41 -33.74 20.63
CA LYS A 191 -19.87 -33.58 20.53
C LYS A 191 -20.33 -34.30 19.28
N GLU A 192 -21.59 -34.73 19.30
CA GLU A 192 -22.11 -35.69 18.32
C GLU A 192 -23.15 -35.02 17.44
N PHE A 193 -22.68 -34.46 16.34
CA PHE A 193 -23.52 -33.64 15.48
C PHE A 193 -24.43 -34.49 14.61
N SER A 194 -25.68 -34.05 14.47
CA SER A 194 -26.67 -34.76 13.68
C SER A 194 -27.55 -33.76 12.96
N ILE A 195 -27.82 -34.03 11.68
CA ILE A 195 -28.65 -33.13 10.90
C ILE A 195 -30.12 -33.55 10.95
N ASP A 196 -30.36 -34.84 11.14
CA ASP A 196 -31.70 -35.38 11.32
C ASP A 196 -31.56 -36.74 12.00
N ILE A 197 -32.65 -37.52 11.95
CA ILE A 197 -32.56 -38.91 12.39
C ILE A 197 -31.75 -39.70 11.38
N SER A 198 -30.99 -40.67 11.88
CA SER A 198 -30.21 -41.67 11.14
C SER A 198 -29.11 -41.08 10.25
N ASN A 199 -28.71 -39.82 10.46
CA ASN A 199 -27.55 -39.24 9.80
C ASN A 199 -26.80 -38.39 10.82
N SER A 200 -25.86 -39.02 11.51
CA SER A 200 -25.12 -38.39 12.59
C SER A 200 -23.64 -38.38 12.25
N TYR A 201 -23.00 -37.25 12.46
CA TYR A 201 -21.57 -37.10 12.19
C TYR A 201 -20.82 -36.87 13.48
N ALA A 202 -19.84 -37.71 13.77
CA ALA A 202 -19.01 -37.47 14.94
C ALA A 202 -18.03 -36.36 14.66
N GLU A 203 -17.75 -35.54 15.66
CA GLU A 203 -16.79 -34.47 15.48
C GLU A 203 -16.09 -34.14 16.79
N MET A 204 -14.84 -33.70 16.68
CA MET A 204 -14.02 -33.33 17.82
C MET A 204 -13.68 -31.86 17.70
N LYS A 205 -13.89 -31.11 18.77
CA LYS A 205 -13.82 -29.65 18.71
C LYS A 205 -12.75 -29.15 19.65
N PHE A 206 -11.75 -28.47 19.09
CA PHE A 206 -10.68 -27.85 19.86
C PHE A 206 -10.94 -26.36 19.97
N TYR A 207 -10.81 -25.82 21.17
CA TYR A 207 -10.90 -24.38 21.41
C TYR A 207 -9.50 -23.86 21.71
N VAL A 208 -8.98 -23.02 20.84
CA VAL A 208 -7.74 -22.32 21.13
C VAL A 208 -8.07 -20.96 21.73
N ILE A 209 -7.30 -20.55 22.72
CA ILE A 209 -7.51 -19.28 23.40
C ILE A 209 -6.20 -18.52 23.37
N ILE A 210 -6.20 -17.38 22.68
CA ILE A 210 -4.99 -16.58 22.52
C ILE A 210 -5.23 -15.20 23.09
N ARG A 211 -4.16 -14.57 23.57
CA ARG A 211 -4.23 -13.25 24.17
C ARG A 211 -3.19 -12.35 23.52
N ARG A 212 -3.59 -11.13 23.20
CA ARG A 212 -2.69 -10.19 22.54
C ARG A 212 -1.75 -9.56 23.55
N ARG A 213 -0.47 -9.44 23.18
CA ARG A 213 0.49 -8.73 24.01
C ARG A 213 0.33 -7.23 23.80
N PRO A 214 -0.08 -6.48 24.82
CA PRO A 214 -0.43 -5.07 24.61
C PRO A 214 0.77 -4.13 24.56
N LEU A 215 2.00 -4.63 24.54
CA LEU A 215 3.15 -3.73 24.63
C LEU A 215 3.41 -2.99 23.34
N PHE A 216 2.90 -3.50 22.21
CA PHE A 216 3.14 -2.83 20.93
C PHE A 216 2.36 -1.53 20.85
N TYR A 217 1.24 -1.46 21.55
CA TYR A 217 0.26 -0.39 21.41
C TYR A 217 0.24 0.49 22.66
N ALA A 218 1.41 0.73 23.22
CA ALA A 218 1.60 1.75 24.25
C ALA A 218 2.67 2.74 23.83
N VAL A 219 3.37 2.48 22.73
CA VAL A 219 4.32 3.43 22.17
C VAL A 219 3.85 3.98 20.82
N SER A 220 2.88 3.35 20.18
CA SER A 220 2.41 3.81 18.89
C SER A 220 1.22 4.74 18.99
N LEU A 221 0.42 4.65 20.04
CA LEU A 221 -0.72 5.55 20.17
C LEU A 221 -0.92 6.11 21.57
N LEU A 222 -0.22 5.62 22.58
CA LEU A 222 -0.34 6.23 23.90
C LEU A 222 0.68 7.35 24.08
N LEU A 223 1.82 7.25 23.43
CA LEU A 223 2.89 8.22 23.63
C LEU A 223 2.61 9.56 22.92
N PRO A 224 2.13 9.63 21.66
CA PRO A 224 1.76 10.95 21.13
C PRO A 224 0.49 11.51 21.73
N SER A 225 -0.35 10.69 22.35
CA SER A 225 -1.60 11.21 22.90
C SER A 225 -1.35 12.00 24.18
N ILE A 226 -0.40 11.55 25.01
CA ILE A 226 -0.03 12.32 26.19
C ILE A 226 1.00 13.39 25.86
N PHE A 227 1.56 13.36 24.66
CA PHE A 227 2.54 14.38 24.30
C PHE A 227 1.87 15.68 23.89
N LEU A 228 0.77 15.60 23.15
CA LEU A 228 0.08 16.83 22.74
C LEU A 228 -0.81 17.38 23.83
N MET A 229 -0.87 16.75 25.00
CA MET A 229 -1.42 17.41 26.17
C MET A 229 -0.45 18.43 26.75
N VAL A 230 0.83 18.06 26.89
CA VAL A 230 1.78 18.94 27.56
C VAL A 230 2.19 20.10 26.68
N VAL A 231 1.94 20.04 25.38
CA VAL A 231 2.18 21.19 24.52
C VAL A 231 1.08 22.23 24.75
N ASP A 232 -0.14 21.81 25.04
CA ASP A 232 -1.18 22.77 25.40
C ASP A 232 -1.03 23.33 26.81
N ILE A 233 -0.34 22.62 27.70
CA ILE A 233 -0.13 23.16 29.03
C ILE A 233 0.87 24.32 28.98
N VAL A 234 1.92 24.19 28.18
CA VAL A 234 2.82 25.32 27.96
C VAL A 234 2.28 26.29 26.93
N GLY A 235 1.14 26.00 26.32
CA GLY A 235 0.53 26.94 25.40
C GLY A 235 -0.30 28.01 26.05
N PHE A 236 -0.72 27.80 27.30
CA PHE A 236 -1.46 28.83 28.01
C PHE A 236 -0.57 29.88 28.64
N CYS A 237 0.75 29.72 28.57
CA CYS A 237 1.63 30.72 29.15
C CYS A 237 1.77 31.96 28.29
N LEU A 238 1.29 31.93 27.05
CA LEU A 238 1.26 33.12 26.22
C LEU A 238 0.24 34.11 26.76
N PRO A 239 0.56 35.41 26.77
CA PRO A 239 -0.46 36.39 27.12
C PRO A 239 -1.46 36.53 25.98
N PRO A 240 -2.73 36.80 26.29
CA PRO A 240 -3.77 36.70 25.26
C PRO A 240 -3.75 37.82 24.24
N ASP A 241 -3.30 39.01 24.59
CA ASP A 241 -3.33 40.14 23.67
C ASP A 241 -2.14 40.17 22.70
N SER A 242 -1.34 39.12 22.65
CA SER A 242 -0.20 39.13 21.75
C SER A 242 -0.62 38.93 20.30
N GLY A 243 -1.30 37.83 20.01
CA GLY A 243 -1.83 37.56 18.70
C GLY A 243 -1.50 36.18 18.17
N GLU A 244 -0.40 35.59 18.65
CA GLU A 244 0.00 34.26 18.18
C GLU A 244 -0.68 33.16 18.96
N ARG A 245 -1.42 33.49 20.02
CA ARG A 245 -2.03 32.46 20.85
C ARG A 245 -3.15 31.75 20.10
N VAL A 246 -3.87 32.48 19.26
CA VAL A 246 -4.91 31.86 18.45
C VAL A 246 -4.29 31.02 17.35
N SER A 247 -3.21 31.51 16.75
CA SER A 247 -2.51 30.75 15.74
C SER A 247 -1.76 29.55 16.31
N PHE A 248 -1.44 29.59 17.61
CA PHE A 248 -0.81 28.45 18.25
C PHE A 248 -1.78 27.30 18.41
N LYS A 249 -3.00 27.60 18.86
CA LYS A 249 -3.94 26.54 19.22
C LYS A 249 -4.53 25.86 18.00
N ILE A 250 -4.69 26.57 16.90
CA ILE A 250 -5.25 25.94 15.70
C ILE A 250 -4.20 25.11 14.98
N THR A 251 -2.92 25.37 15.21
CA THR A 251 -1.88 24.62 14.54
C THR A 251 -1.82 23.19 15.05
N LEU A 252 -1.88 22.99 16.37
CA LEU A 252 -1.79 21.63 16.88
C LEU A 252 -3.12 20.90 16.86
N LEU A 253 -4.23 21.62 16.72
CA LEU A 253 -5.49 20.94 16.42
C LEU A 253 -5.47 20.39 15.00
N LEU A 254 -4.84 21.12 14.07
CA LEU A 254 -4.49 20.56 12.79
C LEU A 254 -3.51 19.41 12.94
N GLY A 255 -2.54 19.57 13.84
CA GLY A 255 -1.53 18.54 14.04
C GLY A 255 -2.04 17.27 14.68
N TYR A 256 -3.11 17.36 15.47
CA TYR A 256 -3.67 16.17 16.08
C TYR A 256 -4.72 15.51 15.20
N SER A 257 -5.36 16.28 14.33
CA SER A 257 -6.31 15.70 13.39
C SER A 257 -5.62 14.86 12.33
N VAL A 258 -4.36 15.16 12.02
CA VAL A 258 -3.56 14.28 11.20
C VAL A 258 -3.25 12.99 11.95
N PHE A 259 -3.06 13.09 13.26
CA PHE A 259 -2.72 11.92 14.07
C PHE A 259 -3.88 10.95 14.20
N LEU A 260 -5.12 11.45 14.24
CA LEU A 260 -6.27 10.55 14.34
C LEU A 260 -6.49 9.78 13.05
N ILE A 261 -6.13 10.37 11.93
CA ILE A 261 -6.38 9.73 10.64
C ILE A 261 -5.32 8.68 10.34
N ILE A 262 -4.05 8.99 10.59
CA ILE A 262 -2.97 8.11 10.19
C ILE A 262 -2.87 6.88 11.09
N VAL A 263 -3.47 6.91 12.27
CA VAL A 263 -3.34 5.81 13.22
C VAL A 263 -4.58 4.93 13.15
N SER A 264 -5.73 5.52 12.81
CA SER A 264 -6.94 4.73 12.67
C SER A 264 -6.93 3.85 11.42
N ASP A 265 -6.01 4.08 10.49
CA ASP A 265 -5.85 3.19 9.34
C ASP A 265 -5.29 1.85 9.78
N THR A 266 -4.41 1.83 10.79
CA THR A 266 -3.79 0.60 11.25
C THR A 266 -4.44 0.02 12.49
N LEU A 267 -5.68 0.42 12.81
CA LEU A 267 -6.39 -0.12 13.97
C LEU A 267 -7.80 -0.53 13.55
N PRO A 268 -8.11 -1.82 13.52
CA PRO A 268 -9.39 -2.27 12.97
C PRO A 268 -10.54 -2.09 13.95
N ALA A 269 -11.76 -2.22 13.41
CA ALA A 269 -12.99 -2.11 14.20
C ALA A 269 -14.11 -2.80 13.44
N THR A 270 -14.70 -3.83 14.03
CA THR A 270 -15.73 -4.64 13.37
C THR A 270 -16.89 -4.93 14.30
N ALA A 271 -18.12 -4.76 13.78
CA ALA A 271 -19.41 -5.20 14.30
C ALA A 271 -19.82 -4.54 15.61
N ILE A 272 -19.04 -3.61 16.14
CA ILE A 272 -19.35 -2.97 17.41
C ILE A 272 -19.51 -1.49 17.14
N GLY A 273 -18.83 -1.01 16.10
CA GLY A 273 -18.62 0.41 15.96
C GLY A 273 -17.17 0.71 16.27
N THR A 274 -16.92 1.20 17.48
CA THR A 274 -15.58 1.47 17.95
C THR A 274 -15.26 0.63 19.18
N PRO A 275 -13.98 0.37 19.46
CA PRO A 275 -13.60 -0.15 20.77
C PRO A 275 -13.65 0.92 21.86
N LEU A 276 -13.19 0.57 23.06
CA LEU A 276 -13.13 1.56 24.13
C LEU A 276 -11.95 2.52 23.99
N ILE A 277 -11.03 2.26 23.06
CA ILE A 277 -9.98 3.23 22.79
C ILE A 277 -10.54 4.44 22.06
N GLY A 278 -11.48 4.22 21.13
CA GLY A 278 -12.09 5.31 20.39
C GLY A 278 -12.93 6.22 21.25
N VAL A 279 -13.43 5.74 22.38
CA VAL A 279 -14.10 6.62 23.33
C VAL A 279 -13.09 7.52 24.03
N TYR A 280 -11.91 6.99 24.31
CA TYR A 280 -10.88 7.76 25.01
C TYR A 280 -10.08 8.67 24.09
N PHE A 281 -10.47 8.80 22.83
CA PHE A 281 -9.91 9.83 21.96
C PHE A 281 -10.89 10.95 21.66
N VAL A 282 -12.19 10.67 21.73
CA VAL A 282 -13.18 11.74 21.67
C VAL A 282 -13.07 12.62 22.91
N VAL A 283 -12.72 12.03 24.05
CA VAL A 283 -12.42 12.81 25.25
C VAL A 283 -11.17 13.65 25.04
N CYS A 284 -10.20 13.14 24.28
CA CYS A 284 -9.02 13.93 23.96
C CYS A 284 -9.35 15.09 23.02
N MET A 285 -10.34 14.92 22.15
CA MET A 285 -10.76 16.03 21.28
C MET A 285 -11.57 17.05 22.05
N ALA A 286 -12.50 16.59 22.88
CA ALA A 286 -13.34 17.51 23.63
C ALA A 286 -12.56 18.25 24.70
N LEU A 287 -11.45 17.68 25.17
CA LEU A 287 -10.61 18.41 26.11
C LEU A 287 -9.72 19.41 25.41
N LEU A 288 -9.69 19.42 24.09
CA LEU A 288 -8.84 20.34 23.35
C LEU A 288 -9.63 21.42 22.62
N VAL A 289 -10.91 21.17 22.32
CA VAL A 289 -11.78 22.22 21.79
C VAL A 289 -12.13 23.22 22.90
N ILE A 290 -12.29 22.73 24.13
CA ILE A 290 -12.50 23.61 25.27
C ILE A 290 -11.26 24.46 25.53
N SER A 291 -10.07 23.93 25.22
CA SER A 291 -8.86 24.75 25.23
C SER A 291 -8.91 25.80 24.13
N LEU A 292 -9.57 25.53 23.02
CA LEU A 292 -9.70 26.51 21.95
C LEU A 292 -10.86 27.44 22.19
N ALA A 293 -11.90 26.98 22.88
CA ALA A 293 -13.06 27.83 23.13
C ALA A 293 -12.84 28.80 24.28
N GLU A 294 -11.76 28.65 25.05
CA GLU A 294 -11.52 29.64 26.10
C GLU A 294 -10.51 30.69 25.67
N THR A 295 -9.58 30.33 24.77
CA THR A 295 -8.74 31.37 24.17
C THR A 295 -9.48 32.14 23.09
N ILE A 296 -10.65 31.67 22.65
CA ILE A 296 -11.45 32.42 21.70
C ILE A 296 -12.32 33.44 22.41
N PHE A 297 -12.39 33.36 23.73
CA PHE A 297 -13.23 34.20 24.56
C PHE A 297 -12.46 35.29 25.29
N ILE A 298 -11.21 35.04 25.64
CA ILE A 298 -10.39 36.08 26.24
C ILE A 298 -9.98 37.10 25.20
N VAL A 299 -9.68 36.65 23.98
CA VAL A 299 -9.30 37.55 22.90
C VAL A 299 -10.46 38.44 22.51
N ARG A 300 -11.69 37.95 22.65
CA ARG A 300 -12.86 38.79 22.40
C ARG A 300 -13.01 39.87 23.46
N LEU A 301 -12.63 39.58 24.69
CA LEU A 301 -12.70 40.57 25.76
C LEU A 301 -11.48 41.47 25.83
N VAL A 302 -10.33 41.01 25.39
CA VAL A 302 -9.09 41.76 25.50
C VAL A 302 -8.73 42.21 24.10
N HIS A 303 -9.17 43.42 23.75
CA HIS A 303 -9.06 43.95 22.39
C HIS A 303 -9.39 45.43 22.47
N LYS A 304 -9.00 46.17 21.44
CA LYS A 304 -9.22 47.61 21.37
C LYS A 304 -10.15 47.95 20.20
N GLN A 305 -11.45 47.99 20.48
CA GLN A 305 -12.46 48.21 19.44
C GLN A 305 -13.35 49.41 19.73
N ASP A 306 -12.83 50.42 20.45
CA ASP A 306 -13.60 51.55 20.98
C ASP A 306 -14.78 51.06 21.82
N LEU A 307 -14.48 50.43 22.95
CA LEU A 307 -15.52 49.84 23.77
C LEU A 307 -15.74 50.61 25.07
N GLN A 308 -16.84 50.28 25.74
CA GLN A 308 -17.36 51.06 26.86
C GLN A 308 -16.78 50.61 28.19
N ARG A 309 -17.40 51.08 29.26
CA ARG A 309 -16.94 50.82 30.61
C ARG A 309 -17.20 49.37 31.01
N PRO A 310 -16.32 48.78 31.83
CA PRO A 310 -16.64 47.48 32.42
C PRO A 310 -17.73 47.67 33.47
N VAL A 311 -18.64 46.70 33.50
CA VAL A 311 -19.86 46.85 34.29
C VAL A 311 -19.52 46.73 35.77
N PRO A 312 -19.96 47.67 36.62
CA PRO A 312 -19.63 47.58 38.05
C PRO A 312 -20.31 46.42 38.77
N ASP A 313 -21.33 45.84 38.16
CA ASP A 313 -21.81 44.52 38.59
C ASP A 313 -20.72 43.48 38.45
N TRP A 314 -19.95 43.55 37.36
CA TRP A 314 -18.96 42.53 37.07
C TRP A 314 -17.55 43.01 37.34
N LEU A 315 -17.40 44.16 38.01
CA LEU A 315 -16.12 44.58 38.57
C LEU A 315 -16.02 44.19 40.03
N ARG A 316 -17.10 44.38 40.79
CA ARG A 316 -17.13 43.93 42.18
C ARG A 316 -17.14 42.41 42.25
N HIS A 317 -17.83 41.76 41.31
CA HIS A 317 -17.93 40.31 41.32
C HIS A 317 -16.60 39.65 40.92
N LEU A 318 -15.78 40.34 40.13
CA LEU A 318 -14.63 39.66 39.55
C LEU A 318 -13.32 40.09 40.19
N VAL A 319 -13.04 41.39 40.23
CA VAL A 319 -11.70 41.83 40.64
C VAL A 319 -11.55 41.71 42.15
N LEU A 320 -12.57 42.10 42.90
CA LEU A 320 -12.44 42.19 44.35
C LEU A 320 -12.84 40.91 45.08
N ASP A 321 -13.43 39.94 44.38
CA ASP A 321 -13.84 38.69 45.01
C ASP A 321 -12.91 37.54 44.67
N ARG A 322 -12.28 37.57 43.51
CA ARG A 322 -11.30 36.57 43.13
C ARG A 322 -9.88 36.94 43.55
N ILE A 323 -9.74 37.91 44.47
CA ILE A 323 -8.45 38.31 45.01
C ILE A 323 -8.17 37.46 46.25
N ALA A 324 -9.14 36.65 46.65
CA ALA A 324 -9.00 35.71 47.75
C ALA A 324 -9.25 34.28 47.34
N TRP A 325 -9.58 34.02 46.08
CA TRP A 325 -9.97 32.67 45.65
C TRP A 325 -8.83 31.97 44.93
N ILE A 326 -8.14 32.67 44.03
CA ILE A 326 -7.07 32.08 43.24
C ILE A 326 -5.75 32.83 43.42
N LEU A 327 -5.81 34.15 43.46
CA LEU A 327 -4.62 35.00 43.57
C LEU A 327 -4.62 35.61 44.97
N CYS A 328 -3.56 36.35 45.29
CA CYS A 328 -3.52 37.13 46.53
C CYS A 328 -3.50 38.62 46.23
N LEU A 385 -8.38 90.46 24.85
CA LEU A 385 -9.01 89.54 23.92
C LEU A 385 -8.07 88.39 23.57
N ALA A 386 -6.76 88.70 23.54
CA ALA A 386 -5.77 87.70 23.17
C ALA A 386 -5.54 86.70 24.29
N VAL A 387 -5.81 87.08 25.54
CA VAL A 387 -5.66 86.12 26.62
C VAL A 387 -6.84 85.17 26.67
N ARG A 388 -7.96 85.53 26.02
CA ARG A 388 -9.08 84.62 25.89
C ARG A 388 -8.97 83.78 24.62
N GLY A 389 -8.41 84.35 23.56
CA GLY A 389 -8.30 83.63 22.30
C GLY A 389 -7.26 82.52 22.34
N LEU A 390 -6.15 82.75 23.04
CA LEU A 390 -5.18 81.69 23.25
C LEU A 390 -5.68 80.66 24.25
N LEU A 391 -6.54 81.09 25.18
CA LEU A 391 -7.09 80.15 26.17
C LEU A 391 -8.08 79.19 25.53
N GLN A 392 -8.79 79.64 24.50
CA GLN A 392 -9.67 78.73 23.77
C GLN A 392 -8.89 77.74 22.93
N GLU A 393 -7.68 78.13 22.50
CA GLU A 393 -6.85 77.20 21.75
C GLU A 393 -6.30 76.10 22.64
N LEU A 394 -5.81 76.44 23.83
CA LEU A 394 -5.17 75.44 24.69
C LEU A 394 -6.20 74.51 25.32
N SER A 395 -7.39 75.01 25.62
CA SER A 395 -8.43 74.17 26.20
C SER A 395 -8.96 73.16 25.19
N SER A 396 -8.89 73.50 23.90
CA SER A 396 -9.26 72.54 22.87
C SER A 396 -8.18 71.50 22.64
N ILE A 397 -6.91 71.88 22.84
CA ILE A 397 -5.82 70.91 22.72
C ILE A 397 -5.84 69.94 23.88
N ARG A 398 -6.12 70.44 25.09
CA ARG A 398 -6.24 69.58 26.27
C ARG A 398 -7.43 68.64 26.14
N HIS A 399 -8.52 69.10 25.51
CA HIS A 399 -9.66 68.25 25.26
C HIS A 399 -9.33 67.15 24.25
N PHE A 400 -8.40 67.42 23.33
CA PHE A 400 -7.99 66.41 22.38
C PHE A 400 -7.09 65.35 23.01
N LEU A 401 -6.40 65.69 24.10
CA LEU A 401 -5.58 64.70 24.80
C LEU A 401 -6.32 64.01 25.93
N GLU A 402 -7.25 64.69 26.61
CA GLU A 402 -8.00 64.04 27.67
C GLU A 402 -9.06 63.10 27.12
N LYS A 403 -9.35 63.18 25.82
CA LYS A 403 -10.09 62.14 25.13
C LYS A 403 -9.21 60.95 24.81
N ARG A 404 -7.91 61.17 24.60
CA ARG A 404 -6.99 60.11 24.19
C ARG A 404 -6.57 59.22 25.36
N ASP A 405 -6.26 59.81 26.52
CA ASP A 405 -5.71 59.02 27.61
C ASP A 405 -6.77 58.16 28.29
N GLU A 406 -8.03 58.59 28.26
CA GLU A 406 -9.10 57.74 28.78
C GLU A 406 -9.40 56.59 27.83
N MET A 407 -9.03 56.72 26.56
CA MET A 407 -9.09 55.58 25.66
C MET A 407 -7.94 54.62 25.91
N ARG A 408 -6.85 55.09 26.53
CA ARG A 408 -5.89 54.16 27.10
C ARG A 408 -6.39 53.60 28.42
N GLU A 409 -7.31 54.29 29.07
CA GLU A 409 -7.98 53.73 30.24
C GLU A 409 -9.11 52.79 29.86
N VAL A 410 -9.37 52.62 28.57
CA VAL A 410 -10.27 51.56 28.13
C VAL A 410 -9.66 50.20 28.47
N ALA A 411 -8.44 49.96 28.01
CA ALA A 411 -7.93 48.59 27.95
C ALA A 411 -7.48 48.10 29.31
N ARG A 412 -6.94 49.01 30.14
CA ARG A 412 -6.31 48.58 31.38
C ARG A 412 -7.31 48.02 32.37
N ASP A 413 -8.58 48.40 32.26
CA ASP A 413 -9.59 47.71 33.03
C ASP A 413 -9.96 46.38 32.38
N TRP A 414 -10.06 46.33 31.05
CA TRP A 414 -10.38 45.06 30.40
C TRP A 414 -9.20 44.12 30.34
N LEU A 415 -7.96 44.64 30.32
CA LEU A 415 -6.79 43.77 30.49
C LEU A 415 -6.76 43.16 31.88
N ARG A 416 -7.21 43.92 32.88
CA ARG A 416 -7.20 43.40 34.24
C ARG A 416 -8.25 42.33 34.43
N VAL A 417 -9.42 42.47 33.78
CA VAL A 417 -10.43 41.43 33.82
C VAL A 417 -9.99 40.22 33.02
N GLY A 418 -9.38 40.45 31.86
CA GLY A 418 -8.96 39.34 31.02
C GLY A 418 -7.80 38.54 31.57
N TYR A 419 -7.04 39.10 32.50
CA TYR A 419 -5.97 38.32 33.12
C TYR A 419 -6.46 37.49 34.30
N VAL A 420 -7.50 37.95 35.00
CA VAL A 420 -8.03 37.19 36.12
C VAL A 420 -8.82 36.00 35.62
N LEU A 421 -9.55 36.16 34.52
CA LEU A 421 -10.24 35.04 33.91
C LEU A 421 -9.27 34.03 33.32
N ASP A 422 -8.10 34.49 32.88
CA ASP A 422 -7.14 33.57 32.27
C ASP A 422 -6.46 32.71 33.31
N ARG A 423 -6.19 33.24 34.50
CA ARG A 423 -5.61 32.42 35.55
C ARG A 423 -6.67 31.57 36.24
N LEU A 424 -7.93 32.00 36.21
CA LEU A 424 -9.00 31.18 36.76
C LEU A 424 -9.25 29.95 35.90
N LEU A 425 -9.38 30.16 34.59
CA LEU A 425 -9.64 29.06 33.67
C LEU A 425 -8.41 28.18 33.48
N PHE A 426 -7.22 28.67 33.81
CA PHE A 426 -6.04 27.83 33.76
C PHE A 426 -6.03 26.79 34.85
N ARG A 427 -6.56 27.12 36.03
CA ARG A 427 -6.57 26.16 37.13
C ARG A 427 -7.63 25.08 36.90
N ILE A 428 -8.77 25.46 36.33
CA ILE A 428 -9.85 24.50 36.10
C ILE A 428 -9.46 23.53 34.99
N TYR A 429 -8.79 24.02 33.96
CA TYR A 429 -8.30 23.14 32.91
C TYR A 429 -7.17 22.26 33.41
N LEU A 430 -6.39 22.73 34.38
CA LEU A 430 -5.28 21.92 34.88
C LEU A 430 -5.79 20.82 35.80
N LEU A 431 -6.93 21.02 36.45
CA LEU A 431 -7.49 19.95 37.27
C LEU A 431 -8.17 18.89 36.40
N ALA A 432 -8.85 19.31 35.33
CA ALA A 432 -9.57 18.38 34.47
C ALA A 432 -8.62 17.47 33.70
N VAL A 433 -7.42 17.95 33.41
CA VAL A 433 -6.38 17.05 32.90
C VAL A 433 -5.90 16.13 34.00
N LEU A 434 -5.74 16.66 35.21
CA LEU A 434 -5.22 15.85 36.31
C LEU A 434 -6.25 14.87 36.83
N ALA A 435 -7.53 15.22 36.80
CA ALA A 435 -8.56 14.29 37.27
C ALA A 435 -8.77 13.14 36.30
N TYR A 436 -8.59 13.39 35.01
CA TYR A 436 -8.72 12.33 34.02
C TYR A 436 -7.45 11.51 33.88
N SER A 437 -6.30 12.05 34.29
CA SER A 437 -5.05 11.30 34.19
C SER A 437 -5.00 10.17 35.20
N ILE A 438 -5.53 10.38 36.41
CA ILE A 438 -5.52 9.32 37.41
C ILE A 438 -6.56 8.27 37.10
N THR A 439 -7.65 8.64 36.42
CA THR A 439 -8.68 7.67 36.05
C THR A 439 -8.17 6.72 34.99
N LEU A 440 -7.32 7.22 34.08
CA LEU A 440 -6.71 6.35 33.08
C LEU A 440 -5.67 5.43 33.71
N VAL A 441 -5.03 5.86 34.79
CA VAL A 441 -4.06 5.00 35.46
C VAL A 441 -4.76 3.97 36.34
N THR A 442 -5.79 4.38 37.08
CA THR A 442 -6.43 3.48 38.04
C THR A 442 -7.27 2.39 37.39
N LEU A 443 -7.55 2.48 36.09
CA LEU A 443 -8.12 1.35 35.38
C LEU A 443 -7.05 0.41 34.86
N TRP A 444 -5.85 0.93 34.57
CA TRP A 444 -4.76 0.10 34.13
C TRP A 444 -4.21 -0.77 35.27
N SER A 445 -4.28 -0.26 36.51
CA SER A 445 -3.81 -1.05 37.64
C SER A 445 -4.76 -2.19 37.98
N ILE A 446 -6.04 -2.07 37.62
CA ILE A 446 -6.99 -3.16 37.81
C ILE A 446 -6.65 -4.33 36.89
N TRP A 447 -6.29 -4.03 35.64
CA TRP A 447 -5.88 -5.09 34.73
C TRP A 447 -4.55 -5.71 35.14
N HIS A 448 -3.58 -4.88 35.54
CA HIS A 448 -2.23 -5.37 35.77
C HIS A 448 -2.13 -6.24 37.01
N TYR A 449 -2.92 -5.95 38.04
CA TYR A 449 -2.92 -6.77 39.25
C TYR A 449 -3.72 -8.03 39.01
N SER A 450 -3.02 -9.15 38.85
CA SER A 450 -3.57 -10.49 38.60
C SER A 450 -4.48 -10.55 37.37
N THR B 1 24.11 -63.74 -23.93
CA THR B 1 23.34 -62.55 -24.27
C THR B 1 23.71 -62.00 -25.64
N THR B 2 23.06 -60.89 -25.99
CA THR B 2 23.32 -60.18 -27.23
C THR B 2 23.90 -58.81 -26.88
N GLN B 3 23.97 -57.95 -27.89
CA GLN B 3 24.43 -56.57 -27.69
C GLN B 3 23.43 -55.55 -28.25
N PRO B 4 22.18 -55.52 -27.74
CA PRO B 4 21.18 -54.65 -28.40
C PRO B 4 21.38 -53.18 -28.10
N ALA B 5 21.80 -52.86 -26.88
CA ALA B 5 22.17 -51.53 -26.41
C ALA B 5 22.89 -51.74 -25.09
N LEU B 6 22.93 -50.70 -24.26
CA LEU B 6 23.26 -50.89 -22.85
C LEU B 6 22.21 -50.31 -21.92
N LEU B 7 20.94 -50.45 -22.29
CA LEU B 7 19.81 -50.31 -21.39
C LEU B 7 19.46 -51.62 -20.73
N ARG B 8 20.22 -52.68 -21.01
CA ARG B 8 19.94 -53.97 -20.41
C ARG B 8 20.43 -54.01 -18.97
N LEU B 9 21.27 -53.06 -18.58
CA LEU B 9 21.56 -52.90 -17.16
C LEU B 9 20.36 -52.35 -16.42
N SER B 10 19.74 -51.28 -16.95
CA SER B 10 18.55 -50.72 -16.32
C SER B 10 17.36 -51.66 -16.37
N ASP B 11 17.35 -52.61 -17.29
CA ASP B 11 16.34 -53.67 -17.22
C ASP B 11 16.69 -54.67 -16.13
N HIS B 12 17.96 -54.79 -15.79
CA HIS B 12 18.40 -55.82 -14.87
C HIS B 12 18.06 -55.48 -13.43
N LEU B 13 18.13 -54.21 -13.05
CA LEU B 13 18.04 -53.87 -11.64
C LEU B 13 16.82 -53.01 -11.33
N LEU B 14 15.92 -52.79 -12.29
CA LEU B 14 14.62 -52.19 -12.02
C LEU B 14 13.47 -53.06 -12.49
N ALA B 15 13.70 -54.34 -12.72
CA ALA B 15 12.61 -55.21 -13.16
C ALA B 15 11.67 -55.52 -12.01
N ASN B 16 12.20 -56.13 -10.95
CA ASN B 16 11.42 -56.51 -9.77
C ASN B 16 11.78 -55.66 -8.56
N TYR B 17 11.98 -54.36 -8.77
CA TYR B 17 12.36 -53.46 -7.69
C TYR B 17 11.11 -52.82 -7.10
N LYS B 18 11.02 -52.85 -5.77
CA LYS B 18 9.88 -52.29 -5.06
C LYS B 18 10.31 -50.98 -4.42
N LYS B 19 9.68 -49.88 -4.82
CA LYS B 19 10.05 -48.56 -4.34
C LYS B 19 9.39 -48.19 -3.03
N GLY B 20 8.81 -49.14 -2.31
CA GLY B 20 8.16 -48.82 -1.06
C GLY B 20 8.95 -49.26 0.15
N VAL B 21 9.80 -50.24 0.00
CA VAL B 21 10.50 -50.83 1.12
C VAL B 21 11.76 -50.03 1.40
N ARG B 22 12.12 -49.96 2.67
CA ARG B 22 13.39 -49.35 3.03
C ARG B 22 14.49 -50.32 2.66
N PRO B 23 15.42 -49.94 1.82
CA PRO B 23 16.28 -50.90 1.12
C PRO B 23 17.51 -51.40 1.87
N VAL B 24 17.30 -52.43 2.71
CA VAL B 24 18.39 -53.10 3.42
C VAL B 24 18.18 -54.60 3.33
N ARG B 25 19.29 -55.34 3.39
CA ARG B 25 19.21 -56.80 3.49
C ARG B 25 18.73 -57.21 4.87
N ASP B 26 19.50 -56.88 5.88
CA ASP B 26 19.11 -57.11 7.26
C ASP B 26 18.37 -55.87 7.75
N TRP B 27 17.19 -56.06 8.32
CA TRP B 27 16.35 -54.94 8.70
C TRP B 27 16.82 -54.24 9.97
N ARG B 28 17.86 -54.73 10.61
CA ARG B 28 18.34 -54.16 11.86
C ARG B 28 19.38 -53.06 11.65
N LYS B 29 19.83 -52.85 10.44
CA LYS B 29 20.82 -51.80 10.22
C LYS B 29 20.15 -50.56 9.68
N PRO B 30 20.46 -49.38 10.19
CA PRO B 30 19.81 -48.17 9.70
C PRO B 30 20.41 -47.70 8.39
N THR B 31 19.62 -46.94 7.65
CA THR B 31 20.08 -46.27 6.44
C THR B 31 20.65 -44.92 6.83
N THR B 32 21.87 -44.65 6.38
CA THR B 32 22.63 -43.48 6.85
C THR B 32 22.73 -42.49 5.69
N VAL B 33 21.93 -41.43 5.74
CA VAL B 33 22.06 -40.39 4.74
C VAL B 33 23.16 -39.42 5.15
N SER B 34 23.64 -38.62 4.21
CA SER B 34 24.75 -37.73 4.49
C SER B 34 24.51 -36.44 3.72
N ILE B 35 24.23 -35.35 4.44
CA ILE B 35 23.75 -34.13 3.82
C ILE B 35 24.77 -33.02 4.03
N ASP B 36 24.72 -32.00 3.16
CA ASP B 36 25.26 -30.69 3.48
C ASP B 36 24.56 -29.64 2.62
N VAL B 37 24.87 -28.37 2.91
CA VAL B 37 24.11 -27.21 2.44
C VAL B 37 25.09 -26.08 2.20
N ILE B 38 25.01 -25.43 1.03
CA ILE B 38 25.63 -24.13 0.85
C ILE B 38 24.55 -23.10 0.60
N MET B 39 24.86 -21.86 0.93
CA MET B 39 23.86 -20.83 1.06
C MET B 39 23.86 -19.93 -0.17
N TYR B 40 22.69 -19.65 -0.72
CA TYR B 40 22.65 -18.89 -1.96
C TYR B 40 22.10 -17.48 -1.80
N ALA B 41 20.94 -17.28 -1.18
CA ALA B 41 20.39 -15.94 -1.08
C ALA B 41 19.50 -15.82 0.15
N ILE B 42 19.51 -14.63 0.74
CA ILE B 42 18.55 -14.23 1.76
C ILE B 42 17.47 -13.45 1.03
N LEU B 43 16.31 -14.05 0.84
CA LEU B 43 15.29 -13.39 0.02
C LEU B 43 14.52 -12.35 0.81
N ASN B 44 14.12 -12.67 2.03
CA ASN B 44 13.28 -11.76 2.80
C ASN B 44 13.46 -12.05 4.27
N VAL B 45 13.44 -11.00 5.09
CA VAL B 45 13.43 -11.12 6.54
C VAL B 45 12.25 -10.29 7.04
N ASP B 46 11.25 -10.95 7.59
CA ASP B 46 10.04 -10.27 8.06
C ASP B 46 10.12 -10.18 9.57
N GLU B 47 10.48 -8.99 10.07
CA GLU B 47 10.63 -8.81 11.51
C GLU B 47 9.29 -8.81 12.24
N LYS B 48 8.21 -8.47 11.54
CA LYS B 48 6.90 -8.43 12.19
C LYS B 48 6.37 -9.84 12.42
N ASN B 49 6.42 -10.68 11.41
CA ASN B 49 5.83 -12.01 11.47
C ASN B 49 6.80 -13.08 11.92
N GLN B 50 8.07 -12.72 12.17
CA GLN B 50 9.14 -13.61 12.63
C GLN B 50 9.39 -14.74 11.63
N VAL B 51 9.44 -14.40 10.34
CA VAL B 51 9.53 -15.37 9.26
C VAL B 51 10.71 -15.04 8.36
N LEU B 52 11.60 -16.00 8.16
CA LEU B 52 12.76 -15.89 7.30
C LEU B 52 12.53 -16.66 6.00
N THR B 53 12.98 -16.08 4.89
CA THR B 53 12.80 -16.70 3.58
C THR B 53 14.14 -16.75 2.86
N THR B 54 14.66 -17.94 2.62
CA THR B 54 15.98 -18.10 2.02
C THR B 54 15.90 -18.98 0.78
N TYR B 55 17.06 -19.36 0.27
CA TYR B 55 17.17 -20.24 -0.90
C TYR B 55 18.52 -20.91 -0.81
N ILE B 56 18.57 -22.23 -0.74
CA ILE B 56 19.81 -22.96 -0.55
C ILE B 56 20.01 -23.93 -1.70
N TRP B 57 21.21 -24.49 -1.76
CA TRP B 57 21.50 -25.65 -2.60
C TRP B 57 21.78 -26.82 -1.68
N TYR B 58 21.25 -27.98 -2.03
CA TYR B 58 21.18 -29.12 -1.12
C TYR B 58 21.60 -30.39 -1.84
N ARG B 59 22.30 -31.27 -1.14
CA ARG B 59 22.67 -32.55 -1.72
C ARG B 59 22.77 -33.60 -0.61
N GLN B 60 22.65 -34.87 -0.99
CA GLN B 60 22.58 -35.96 -0.03
C GLN B 60 22.94 -37.26 -0.72
N TYR B 61 23.45 -38.22 0.04
CA TYR B 61 23.61 -39.56 -0.50
C TYR B 61 23.36 -40.60 0.58
N TRP B 62 22.92 -41.77 0.14
CA TRP B 62 22.70 -42.91 1.02
C TRP B 62 23.14 -44.16 0.28
N THR B 63 22.78 -45.32 0.79
CA THR B 63 23.29 -46.58 0.26
C THR B 63 22.19 -47.63 0.28
N ASP B 64 22.02 -48.34 -0.82
CA ASP B 64 21.04 -49.42 -0.84
C ASP B 64 21.60 -50.67 -1.49
N GLU B 65 21.25 -51.82 -0.95
CA GLU B 65 21.80 -53.08 -1.41
C GLU B 65 21.00 -53.71 -2.54
N PHE B 66 20.05 -52.98 -3.09
CA PHE B 66 19.26 -53.51 -4.19
C PHE B 66 19.67 -52.94 -5.54
N LEU B 67 20.56 -51.96 -5.54
CA LEU B 67 21.01 -51.26 -6.73
C LEU B 67 22.48 -51.54 -6.99
N GLN B 68 22.90 -52.79 -6.87
CA GLN B 68 24.30 -53.14 -7.01
C GLN B 68 24.51 -54.04 -8.21
N TRP B 69 25.68 -53.91 -8.84
CA TRP B 69 26.03 -54.74 -9.98
C TRP B 69 27.55 -54.83 -10.06
N THR B 70 28.02 -55.82 -10.80
CA THR B 70 29.44 -55.85 -11.10
C THR B 70 29.72 -54.96 -12.29
N PRO B 71 30.75 -54.11 -12.25
CA PRO B 71 30.99 -53.19 -13.37
C PRO B 71 31.41 -53.89 -14.64
N GLU B 72 32.20 -54.95 -14.55
CA GLU B 72 32.45 -55.75 -15.73
C GLU B 72 31.21 -56.57 -16.06
N ASP B 73 31.22 -57.15 -17.27
CA ASP B 73 30.11 -57.81 -18.00
C ASP B 73 28.88 -56.91 -18.20
N PHE B 74 29.04 -55.60 -18.02
CA PHE B 74 28.10 -54.61 -18.51
C PHE B 74 28.84 -53.54 -19.29
N ASP B 75 29.93 -53.95 -19.93
CA ASP B 75 30.83 -53.07 -20.69
C ASP B 75 31.37 -51.94 -19.83
N ASN B 76 31.81 -52.30 -18.62
CA ASN B 76 32.64 -51.46 -17.75
C ASN B 76 31.94 -50.19 -17.29
N VAL B 77 30.62 -50.17 -17.28
CA VAL B 77 29.91 -48.98 -16.82
C VAL B 77 29.94 -48.96 -15.29
N THR B 78 30.16 -47.78 -14.72
CA THR B 78 30.27 -47.64 -13.28
C THR B 78 29.20 -46.75 -12.66
N LYS B 79 28.54 -45.90 -13.43
CA LYS B 79 27.44 -45.12 -12.90
C LYS B 79 26.47 -44.79 -14.02
N LEU B 80 25.23 -44.52 -13.63
CA LEU B 80 24.20 -44.20 -14.61
C LEU B 80 23.16 -43.33 -13.95
N SER B 81 22.26 -42.79 -14.76
CA SER B 81 21.18 -41.95 -14.29
C SER B 81 19.89 -42.75 -14.23
N ILE B 82 19.17 -42.61 -13.12
CA ILE B 82 17.89 -43.28 -12.92
C ILE B 82 16.89 -42.18 -12.55
N PRO B 83 15.66 -42.22 -13.04
CA PRO B 83 14.67 -41.22 -12.63
C PRO B 83 14.35 -41.30 -11.14
N THR B 84 13.95 -40.17 -10.58
CA THR B 84 13.85 -40.06 -9.13
C THR B 84 12.62 -40.79 -8.60
N ASP B 85 11.54 -40.82 -9.38
CA ASP B 85 10.29 -41.38 -8.92
C ASP B 85 10.19 -42.88 -9.13
N SER B 86 11.32 -43.58 -9.19
CA SER B 86 11.31 -45.02 -9.33
C SER B 86 12.24 -45.71 -8.34
N ILE B 87 12.72 -45.00 -7.32
CA ILE B 87 13.53 -45.57 -6.26
C ILE B 87 13.04 -45.06 -4.93
N TRP B 88 13.61 -45.61 -3.86
CA TRP B 88 13.28 -45.18 -2.50
C TRP B 88 14.01 -43.88 -2.17
N VAL B 89 13.27 -42.91 -1.65
CA VAL B 89 13.85 -41.62 -1.29
C VAL B 89 13.48 -41.30 0.15
N PRO B 90 14.43 -40.96 1.02
CA PRO B 90 14.09 -40.66 2.41
C PRO B 90 13.40 -39.31 2.55
N ASP B 91 12.66 -39.17 3.65
CA ASP B 91 11.83 -38.00 3.91
C ASP B 91 12.52 -37.08 4.90
N ILE B 92 13.42 -36.25 4.40
CA ILE B 92 14.17 -35.32 5.22
C ILE B 92 13.46 -33.97 5.15
N LEU B 93 12.89 -33.53 6.26
CA LEU B 93 12.20 -32.26 6.32
C LEU B 93 12.87 -31.35 7.33
N ILE B 94 12.29 -30.17 7.48
CA ILE B 94 12.79 -29.13 8.39
C ILE B 94 11.74 -28.94 9.48
N ASN B 95 12.19 -28.74 10.72
CA ASN B 95 11.23 -28.52 11.79
C ASN B 95 10.56 -27.16 11.69
N GLU B 96 11.26 -26.16 11.18
CA GLU B 96 10.81 -24.79 11.28
C GLU B 96 9.95 -24.33 10.11
N PHE B 97 9.40 -25.25 9.33
CA PHE B 97 8.49 -24.87 8.24
C PHE B 97 7.27 -24.13 8.75
N VAL B 98 6.82 -23.13 7.99
CA VAL B 98 5.53 -22.50 8.23
C VAL B 98 4.75 -22.45 6.94
N ASP B 99 5.40 -22.79 5.82
CA ASP B 99 4.79 -22.72 4.51
C ASP B 99 5.62 -23.58 3.57
N VAL B 100 5.19 -23.68 2.32
CA VAL B 100 5.90 -24.45 1.30
C VAL B 100 6.41 -23.49 0.24
N GLY B 101 7.72 -23.51 0.00
CA GLY B 101 8.31 -22.72 -1.04
C GLY B 101 8.34 -23.47 -2.37
N LYS B 102 8.24 -22.71 -3.44
CA LYS B 102 8.27 -23.27 -4.78
C LYS B 102 9.71 -23.42 -5.25
N SER B 103 10.06 -24.61 -5.71
CA SER B 103 11.42 -24.92 -6.11
C SER B 103 11.36 -25.88 -7.27
N PRO B 104 12.34 -25.86 -8.19
CA PRO B 104 12.30 -26.76 -9.33
C PRO B 104 12.56 -28.20 -8.91
N ASN B 105 11.99 -29.13 -9.66
CA ASN B 105 12.28 -30.53 -9.41
C ASN B 105 13.42 -31.00 -10.29
N ILE B 106 14.20 -31.94 -9.76
CA ILE B 106 15.31 -32.54 -10.47
C ILE B 106 14.95 -34.00 -10.73
N PRO B 107 14.68 -34.38 -11.95
CA PRO B 107 14.10 -35.71 -12.18
C PRO B 107 15.10 -36.84 -12.30
N TYR B 108 16.35 -36.66 -11.91
CA TYR B 108 17.33 -37.74 -12.07
C TYR B 108 18.23 -37.82 -10.85
N VAL B 109 18.79 -39.02 -10.61
CA VAL B 109 19.80 -39.26 -9.60
C VAL B 109 20.92 -40.08 -10.22
N TYR B 110 22.07 -40.07 -9.55
CA TYR B 110 23.19 -40.94 -9.87
C TYR B 110 23.14 -42.20 -9.02
N VAL B 111 23.66 -43.30 -9.58
CA VAL B 111 23.79 -44.57 -8.86
C VAL B 111 25.14 -45.16 -9.22
N HIS B 112 26.04 -45.26 -8.24
CA HIS B 112 27.29 -45.96 -8.48
C HIS B 112 27.11 -47.46 -8.32
N HIS B 113 28.15 -48.22 -8.62
CA HIS B 113 28.03 -49.67 -8.68
C HIS B 113 28.19 -50.34 -7.32
N ARG B 114 28.14 -49.57 -6.25
CA ARG B 114 28.08 -50.12 -4.90
C ARG B 114 26.75 -49.85 -4.23
N GLY B 115 25.92 -49.00 -4.80
CA GLY B 115 24.66 -48.62 -4.20
C GLY B 115 24.63 -47.19 -3.70
N GLU B 116 25.67 -46.42 -3.93
CA GLU B 116 25.69 -45.05 -3.46
C GLU B 116 24.84 -44.19 -4.39
N VAL B 117 23.70 -43.74 -3.90
CA VAL B 117 22.75 -42.95 -4.68
C VAL B 117 22.92 -41.49 -4.31
N GLN B 118 23.30 -40.65 -5.27
CA GLN B 118 23.51 -39.23 -5.00
C GLN B 118 22.33 -38.42 -5.52
N ASN B 119 21.99 -37.36 -4.81
CA ASN B 119 20.79 -36.58 -5.12
C ASN B 119 21.07 -35.11 -4.90
N TYR B 120 21.05 -34.33 -5.97
CA TYR B 120 21.25 -32.89 -5.93
C TYR B 120 19.91 -32.21 -6.16
N LYS B 121 19.56 -31.25 -5.31
CA LYS B 121 18.34 -30.48 -5.55
C LYS B 121 18.41 -29.12 -4.88
N PRO B 122 17.90 -28.08 -5.51
CA PRO B 122 17.74 -26.79 -4.84
C PRO B 122 16.37 -26.67 -4.24
N LEU B 123 16.27 -25.90 -3.16
CA LEU B 123 14.98 -25.77 -2.50
C LEU B 123 14.86 -24.45 -1.75
N GLN B 124 13.83 -23.70 -2.09
CA GLN B 124 13.46 -22.49 -1.36
C GLN B 124 12.73 -22.88 -0.09
N LEU B 125 13.06 -22.25 1.02
CA LEU B 125 12.47 -22.63 2.29
C LEU B 125 12.08 -21.39 3.09
N VAL B 126 10.87 -21.44 3.66
CA VAL B 126 10.35 -20.38 4.50
C VAL B 126 10.26 -20.91 5.92
N THR B 127 10.99 -20.28 6.83
CA THR B 127 11.09 -20.77 8.19
C THR B 127 10.69 -19.71 9.20
N ALA B 128 10.53 -20.14 10.43
CA ALA B 128 10.19 -19.27 11.55
C ALA B 128 11.39 -19.17 12.47
N CYS B 129 11.72 -17.95 12.86
CA CYS B 129 12.91 -17.69 13.66
C CYS B 129 12.63 -16.56 14.64
N SER B 130 13.47 -16.48 15.66
CA SER B 130 13.37 -15.45 16.68
C SER B 130 14.30 -14.30 16.32
N LEU B 131 13.76 -13.10 16.20
CA LEU B 131 14.50 -11.93 15.74
C LEU B 131 14.51 -10.88 16.84
N ASP B 132 15.70 -10.46 17.25
CA ASP B 132 15.86 -9.43 18.26
C ASP B 132 16.15 -8.09 17.61
N ILE B 133 15.35 -7.08 17.95
CA ILE B 133 15.44 -5.78 17.30
C ILE B 133 15.85 -4.82 18.40
N TYR B 134 16.73 -5.26 19.30
CA TYR B 134 17.12 -4.41 20.41
C TYR B 134 17.94 -3.22 19.93
N ASN B 135 18.85 -3.44 18.99
CA ASN B 135 19.63 -2.38 18.36
C ASN B 135 19.45 -2.50 16.86
N PHE B 136 18.64 -1.59 16.28
CA PHE B 136 18.02 -1.87 14.98
C PHE B 136 19.01 -1.90 13.81
N PRO B 137 19.78 -0.84 13.50
CA PRO B 137 20.62 -0.95 12.30
C PRO B 137 21.89 -1.75 12.50
N PHE B 138 22.26 -2.09 13.74
CA PHE B 138 23.46 -2.86 14.00
C PHE B 138 23.03 -4.12 14.75
N ASP B 139 22.64 -5.16 14.02
CA ASP B 139 22.13 -6.36 14.67
C ASP B 139 22.50 -7.62 13.91
N VAL B 140 23.03 -8.60 14.61
CA VAL B 140 23.24 -9.91 14.05
C VAL B 140 22.07 -10.80 14.43
N GLN B 141 21.77 -11.78 13.60
CA GLN B 141 20.69 -12.70 13.86
C GLN B 141 21.23 -14.12 13.90
N ASN B 142 20.50 -15.00 14.56
CA ASN B 142 20.95 -16.37 14.79
C ASN B 142 19.77 -17.29 14.51
N CYS B 143 19.62 -17.70 13.25
CA CYS B 143 18.50 -18.52 12.82
C CYS B 143 18.92 -19.97 12.70
N SER B 144 17.97 -20.88 12.89
CA SER B 144 18.24 -22.30 12.91
C SER B 144 17.51 -23.00 11.78
N LEU B 145 18.17 -24.00 11.20
CA LEU B 145 17.55 -24.91 10.25
C LEU B 145 17.82 -26.32 10.74
N THR B 146 16.78 -27.09 11.00
CA THR B 146 16.96 -28.40 11.63
C THR B 146 16.45 -29.49 10.69
N PHE B 147 17.37 -30.15 10.01
CA PHE B 147 17.01 -31.25 9.13
C PHE B 147 16.75 -32.50 9.96
N THR B 148 15.63 -33.15 9.71
CA THR B 148 15.28 -34.36 10.45
C THR B 148 14.38 -35.24 9.61
N SER B 149 14.36 -36.51 9.96
CA SER B 149 13.40 -37.43 9.38
C SER B 149 12.09 -37.32 10.12
N TRP B 150 11.00 -37.11 9.40
CA TRP B 150 9.76 -36.79 10.06
C TRP B 150 9.06 -38.02 10.62
N LEU B 151 9.30 -39.21 10.07
CA LEU B 151 8.62 -40.39 10.57
C LEU B 151 9.58 -41.38 11.20
N HIS B 152 10.65 -41.73 10.48
CA HIS B 152 11.52 -42.83 10.90
C HIS B 152 12.35 -42.45 12.12
N THR B 153 12.51 -43.40 13.03
CA THR B 153 13.28 -43.21 14.23
C THR B 153 14.76 -43.41 13.94
N ILE B 154 15.60 -43.42 14.97
CA ILE B 154 17.05 -43.42 14.74
C ILE B 154 17.59 -44.79 14.40
N GLN B 155 16.84 -45.86 14.64
CA GLN B 155 17.26 -47.17 14.18
C GLN B 155 16.72 -47.49 12.79
N ASP B 156 16.20 -46.47 12.09
CA ASP B 156 15.85 -46.63 10.69
C ASP B 156 16.64 -45.66 9.82
N ILE B 157 16.63 -44.38 10.17
CA ILE B 157 17.33 -43.36 9.40
C ILE B 157 18.21 -42.55 10.35
N ASN B 158 19.48 -42.46 10.01
CA ASN B 158 20.48 -41.73 10.77
C ASN B 158 21.09 -40.69 9.84
N ILE B 159 21.47 -39.54 10.39
CA ILE B 159 21.92 -38.41 9.58
C ILE B 159 23.35 -38.05 9.95
N THR B 160 24.22 -37.95 8.94
CA THR B 160 25.61 -37.57 9.11
C THR B 160 25.85 -36.36 8.21
N LEU B 161 27.05 -35.80 8.25
CA LEU B 161 27.48 -34.80 7.28
C LEU B 161 28.25 -35.42 6.14
N TRP B 162 28.17 -34.77 4.98
CA TRP B 162 28.98 -35.15 3.83
C TRP B 162 30.46 -34.96 4.13
N ARG B 163 30.83 -33.72 4.42
CA ARG B 163 32.19 -33.29 4.62
C ARG B 163 32.35 -32.74 6.03
N SER B 164 33.58 -32.42 6.40
CA SER B 164 33.88 -32.04 7.77
C SER B 164 33.28 -30.67 8.10
N PRO B 165 32.85 -30.45 9.34
CA PRO B 165 32.18 -29.18 9.69
C PRO B 165 33.09 -27.96 9.71
N GLU B 166 34.36 -28.05 9.34
CA GLU B 166 35.14 -26.84 9.15
C GLU B 166 34.94 -26.25 7.77
N GLU B 167 34.75 -27.09 6.75
CA GLU B 167 34.47 -26.58 5.42
C GLU B 167 33.08 -25.98 5.29
N VAL B 168 32.14 -26.41 6.12
CA VAL B 168 30.79 -25.88 6.01
C VAL B 168 30.72 -24.51 6.67
N ARG B 169 31.53 -24.28 7.70
CA ARG B 169 31.56 -22.98 8.37
C ARG B 169 32.10 -21.88 7.46
N SER B 170 33.21 -22.16 6.77
CA SER B 170 33.95 -21.15 6.03
C SER B 170 33.65 -21.19 4.55
N ASP B 171 32.39 -21.39 4.17
CA ASP B 171 32.01 -21.52 2.77
C ASP B 171 31.07 -20.38 2.41
N LYS B 172 31.65 -19.29 1.90
CA LYS B 172 30.89 -18.18 1.33
C LYS B 172 31.38 -18.02 -0.09
N SER B 173 30.84 -18.83 -0.99
CA SER B 173 31.37 -18.92 -2.34
C SER B 173 30.42 -18.45 -3.41
N ILE B 174 29.14 -18.79 -3.31
CA ILE B 174 28.15 -18.42 -4.32
C ILE B 174 27.06 -17.55 -3.74
N PHE B 175 27.30 -16.93 -2.58
CA PHE B 175 26.30 -16.08 -1.96
C PHE B 175 26.14 -14.78 -2.74
N ILE B 176 24.92 -14.28 -2.78
CA ILE B 176 24.60 -13.06 -3.52
C ILE B 176 24.62 -11.88 -2.55
N ASN B 177 25.61 -11.01 -2.72
CA ASN B 177 25.76 -9.84 -1.87
C ASN B 177 24.91 -8.68 -2.38
N GLN B 178 25.20 -7.48 -1.86
CA GLN B 178 24.51 -6.22 -2.20
C GLN B 178 23.01 -6.29 -1.92
N GLY B 179 22.66 -6.99 -0.85
CA GLY B 179 21.27 -7.26 -0.59
C GLY B 179 20.82 -7.11 0.84
N GLU B 180 21.38 -6.12 1.55
CA GLU B 180 21.02 -5.65 2.90
C GLU B 180 21.44 -6.62 4.00
N TRP B 181 21.84 -7.84 3.64
CA TRP B 181 22.20 -8.85 4.63
C TRP B 181 23.51 -9.49 4.21
N GLU B 182 24.42 -9.63 5.17
CA GLU B 182 25.72 -10.21 4.94
C GLU B 182 25.81 -11.54 5.68
N LEU B 183 26.18 -12.59 4.97
CA LEU B 183 26.33 -13.89 5.60
C LEU B 183 27.67 -13.96 6.33
N LEU B 184 27.65 -14.46 7.56
CA LEU B 184 28.87 -14.57 8.33
C LEU B 184 29.38 -16.02 8.38
N GLU B 185 28.57 -16.95 8.86
CA GLU B 185 28.96 -18.35 8.90
C GLU B 185 27.73 -19.22 8.98
N VAL B 186 27.90 -20.49 8.60
CA VAL B 186 26.87 -21.52 8.69
C VAL B 186 27.48 -22.69 9.44
N PHE B 187 27.10 -22.86 10.70
CA PHE B 187 27.75 -23.83 11.56
C PHE B 187 26.84 -25.02 11.85
N PRO B 188 27.24 -26.24 11.52
CA PRO B 188 26.39 -27.40 11.77
C PRO B 188 26.68 -28.06 13.12
N GLN B 189 25.66 -28.77 13.61
CA GLN B 189 25.79 -29.46 14.89
C GLN B 189 24.77 -30.59 14.97
N PHE B 190 25.24 -31.79 15.28
CA PHE B 190 24.37 -32.95 15.42
C PHE B 190 23.88 -33.06 16.85
N LYS B 191 22.58 -33.32 17.01
CA LYS B 191 22.03 -33.62 18.33
C LYS B 191 20.93 -34.66 18.16
N GLU B 192 20.70 -35.44 19.21
CA GLU B 192 19.93 -36.67 19.12
C GLU B 192 18.63 -36.52 19.92
N PHE B 193 17.60 -36.06 19.20
CA PHE B 193 16.34 -35.69 19.84
C PHE B 193 15.52 -36.93 20.18
N SER B 194 14.91 -36.92 21.35
CA SER B 194 14.09 -38.03 21.83
C SER B 194 12.89 -37.48 22.58
N ILE B 195 11.71 -38.05 22.31
CA ILE B 195 10.50 -37.61 22.99
C ILE B 195 10.25 -38.42 24.25
N ASP B 196 10.69 -39.68 24.26
CA ASP B 196 10.62 -40.55 25.42
C ASP B 196 11.65 -41.65 25.24
N ILE B 197 11.51 -42.71 26.03
CA ILE B 197 12.33 -43.89 25.80
C ILE B 197 11.85 -44.60 24.55
N SER B 198 12.80 -45.18 23.82
CA SER B 198 12.62 -46.02 22.63
C SER B 198 11.97 -45.31 21.45
N ASN B 199 11.93 -43.97 21.43
CA ASN B 199 11.51 -43.21 20.26
C ASN B 199 12.42 -42.00 20.13
N SER B 200 13.51 -42.18 19.39
CA SER B 200 14.54 -41.16 19.24
C SER B 200 14.65 -40.78 17.78
N TYR B 201 14.73 -39.48 17.50
CA TYR B 201 14.84 -38.98 16.15
C TYR B 201 16.19 -38.29 15.98
N ALA B 202 16.97 -38.73 15.01
CA ALA B 202 18.22 -38.05 14.71
C ALA B 202 17.94 -36.77 13.97
N GLU B 203 18.71 -35.73 14.26
CA GLU B 203 18.53 -34.47 13.54
C GLU B 203 19.84 -33.72 13.44
N MET B 204 20.00 -32.96 12.37
CA MET B 204 21.17 -32.15 12.11
C MET B 204 20.76 -30.69 12.08
N LYS B 205 21.47 -29.85 12.80
CA LYS B 205 21.03 -28.48 13.05
C LYS B 205 22.07 -27.52 12.51
N PHE B 206 21.66 -26.68 11.56
CA PHE B 206 22.51 -25.64 10.99
C PHE B 206 22.13 -24.30 11.59
N TYR B 207 23.12 -23.53 12.02
CA TYR B 207 22.91 -22.18 12.49
C TYR B 207 23.45 -21.21 11.45
N VAL B 208 22.58 -20.43 10.85
CA VAL B 208 23.01 -19.35 9.98
C VAL B 208 23.09 -18.07 10.79
N ILE B 209 24.11 -17.26 10.54
CA ILE B 209 24.32 -16.01 11.24
C ILE B 209 24.46 -14.91 10.21
N ILE B 210 23.52 -13.97 10.21
CA ILE B 210 23.51 -12.90 9.23
C ILE B 210 23.58 -11.57 9.96
N ARG B 211 24.15 -10.58 9.29
CA ARG B 211 24.32 -9.25 9.84
C ARG B 211 23.79 -8.22 8.87
N ARG B 212 23.03 -7.25 9.38
CA ARG B 212 22.43 -6.22 8.54
C ARG B 212 23.46 -5.16 8.17
N ARG B 213 23.46 -4.75 6.91
CA ARG B 213 24.31 -3.65 6.49
C ARG B 213 23.66 -2.32 6.88
N PRO B 214 24.26 -1.55 7.78
CA PRO B 214 23.58 -0.38 8.33
C PRO B 214 23.62 0.86 7.44
N LEU B 215 24.11 0.76 6.20
CA LEU B 215 24.28 1.94 5.38
C LEU B 215 22.96 2.46 4.84
N PHE B 216 21.92 1.63 4.79
CA PHE B 216 20.63 2.09 4.28
C PHE B 216 19.97 3.07 5.23
N TYR B 217 20.27 2.93 6.52
CA TYR B 217 19.56 3.62 7.59
C TYR B 217 20.46 4.66 8.25
N ALA B 218 21.25 5.34 7.43
CA ALA B 218 21.96 6.54 7.84
C ALA B 218 21.62 7.71 6.95
N VAL B 219 20.88 7.48 5.87
CA VAL B 219 20.39 8.53 5.01
C VAL B 219 18.88 8.66 5.06
N SER B 220 18.18 7.66 5.58
CA SER B 220 16.73 7.72 5.65
C SER B 220 16.21 8.26 6.97
N LEU B 221 16.97 8.12 8.06
CA LEU B 221 16.51 8.65 9.34
C LEU B 221 17.57 9.37 10.14
N LEU B 222 18.84 9.31 9.76
CA LEU B 222 19.84 10.11 10.47
C LEU B 222 20.00 11.48 9.85
N LEU B 223 19.77 11.61 8.56
CA LEU B 223 19.99 12.87 7.87
C LEU B 223 18.89 13.90 8.16
N PRO B 224 17.58 13.59 8.16
CA PRO B 224 16.63 14.63 8.61
C PRO B 224 16.65 14.88 10.09
N SER B 225 17.19 13.98 10.89
CA SER B 225 17.20 14.19 12.34
C SER B 225 18.22 15.24 12.74
N ILE B 226 19.38 15.26 12.07
CA ILE B 226 20.35 16.33 12.33
C ILE B 226 20.06 17.57 11.50
N PHE B 227 19.14 17.49 10.55
CA PHE B 227 18.81 18.66 9.77
C PHE B 227 17.89 19.60 10.51
N LEU B 228 16.90 19.07 11.23
CA LEU B 228 16.00 19.93 11.97
C LEU B 228 16.57 20.39 13.30
N MET B 229 17.80 19.99 13.63
CA MET B 229 18.53 20.67 14.70
C MET B 229 19.06 22.02 14.24
N VAL B 230 19.67 22.08 13.05
CA VAL B 230 20.33 23.32 12.61
C VAL B 230 19.31 24.36 12.18
N VAL B 231 18.06 23.98 11.92
CA VAL B 231 17.03 24.97 11.66
C VAL B 231 16.63 25.67 12.97
N ASP B 232 16.66 24.95 14.10
CA ASP B 232 16.42 25.62 15.37
C ASP B 232 17.60 26.45 15.85
N ILE B 233 18.81 26.15 15.39
CA ILE B 233 19.94 26.98 15.79
C ILE B 233 19.87 28.34 15.12
N VAL B 234 19.48 28.39 13.85
CA VAL B 234 19.23 29.67 13.20
C VAL B 234 17.86 30.22 13.54
N GLY B 235 17.05 29.50 14.30
CA GLY B 235 15.77 30.03 14.73
C GLY B 235 15.84 30.90 15.94
N PHE B 236 16.91 30.81 16.72
CA PHE B 236 17.07 31.68 17.88
C PHE B 236 17.61 33.06 17.51
N CYS B 237 17.97 33.29 16.26
CA CYS B 237 18.48 34.59 15.88
C CYS B 237 17.39 35.64 15.72
N LEU B 238 16.13 35.23 15.71
CA LEU B 238 15.03 36.18 15.71
C LEU B 238 14.96 36.91 17.04
N PRO B 239 14.71 38.21 17.04
CA PRO B 239 14.45 38.90 18.30
C PRO B 239 13.08 38.52 18.83
N PRO B 240 12.92 38.45 20.15
CA PRO B 240 11.70 37.86 20.71
C PRO B 240 10.46 38.72 20.58
N ASP B 241 10.59 40.04 20.55
CA ASP B 241 9.43 40.92 20.49
C ASP B 241 8.88 41.12 19.09
N SER B 242 9.35 40.36 18.10
CA SER B 242 8.86 40.54 16.74
C SER B 242 7.47 39.96 16.57
N GLY B 243 7.30 38.67 16.86
CA GLY B 243 6.01 38.01 16.81
C GLY B 243 6.02 36.72 16.01
N GLU B 244 6.94 36.58 15.06
CA GLU B 244 6.98 35.37 14.24
C GLU B 244 7.81 34.28 14.89
N ARG B 245 8.47 34.58 16.01
CA ARG B 245 9.34 33.59 16.64
C ARG B 245 8.52 32.45 17.24
N VAL B 246 7.34 32.76 17.76
CA VAL B 246 6.46 31.71 18.28
C VAL B 246 5.86 30.91 17.14
N SER B 247 5.50 31.58 16.05
CA SER B 247 4.98 30.88 14.89
C SER B 247 6.06 30.09 14.15
N PHE B 248 7.32 30.46 14.33
CA PHE B 248 8.42 29.71 13.73
C PHE B 248 8.60 28.36 14.42
N LYS B 249 8.57 28.37 15.75
CA LYS B 249 8.91 27.17 16.51
C LYS B 249 7.81 26.13 16.45
N ILE B 250 6.56 26.54 16.37
CA ILE B 250 5.48 25.56 16.31
C ILE B 250 5.35 24.96 14.93
N THR B 251 5.86 25.64 13.90
CA THR B 251 5.75 25.11 12.55
C THR B 251 6.65 23.88 12.37
N LEU B 252 7.88 23.94 12.85
CA LEU B 252 8.75 22.78 12.65
C LEU B 252 8.54 21.69 13.70
N LEU B 253 7.90 22.00 14.81
CA LEU B 253 7.45 20.95 15.70
C LEU B 253 6.30 20.17 15.05
N LEU B 254 5.43 20.88 14.32
CA LEU B 254 4.51 20.19 13.42
C LEU B 254 5.26 19.45 12.32
N GLY B 255 6.32 20.05 11.80
CA GLY B 255 7.08 19.43 10.73
C GLY B 255 7.86 18.21 11.15
N TYR B 256 8.25 18.12 12.41
CA TYR B 256 8.98 16.95 12.88
C TYR B 256 8.04 15.86 13.38
N SER B 257 6.84 16.22 13.82
CA SER B 257 5.87 15.22 14.23
C SER B 257 5.34 14.45 13.04
N VAL B 258 5.33 15.05 11.86
CA VAL B 258 5.05 14.31 10.63
C VAL B 258 6.19 13.33 10.35
N PHE B 259 7.42 13.73 10.66
CA PHE B 259 8.58 12.88 10.38
C PHE B 259 8.62 11.65 11.27
N LEU B 260 8.18 11.75 12.52
CA LEU B 260 8.18 10.59 13.40
C LEU B 260 7.14 9.56 12.97
N ILE B 261 6.04 10.02 12.37
CA ILE B 261 4.97 9.10 12.01
C ILE B 261 5.30 8.38 10.71
N ILE B 262 5.82 9.10 9.71
CA ILE B 262 6.00 8.51 8.39
C ILE B 262 7.20 7.56 8.36
N VAL B 263 8.10 7.63 9.33
CA VAL B 263 9.31 6.82 9.30
C VAL B 263 9.12 5.62 10.22
N SER B 264 8.31 5.77 11.27
CA SER B 264 8.04 4.63 12.14
C SER B 264 7.15 3.58 11.51
N ASP B 265 6.50 3.90 10.39
CA ASP B 265 5.74 2.89 9.64
C ASP B 265 6.68 1.88 8.99
N THR B 266 7.86 2.32 8.54
CA THR B 266 8.80 1.44 7.87
C THR B 266 9.91 0.94 8.79
N LEU B 267 9.73 0.99 10.10
CA LEU B 267 10.73 0.49 11.05
C LEU B 267 10.05 -0.39 12.09
N PRO B 268 10.29 -1.70 12.08
CA PRO B 268 9.53 -2.59 12.96
C PRO B 268 10.05 -2.59 14.39
N ALA B 269 9.23 -3.17 15.27
CA ALA B 269 9.57 -3.28 16.69
C ALA B 269 8.72 -4.40 17.29
N THR B 270 9.38 -5.44 17.81
CA THR B 270 8.70 -6.62 18.35
C THR B 270 9.29 -7.07 19.67
N ALA B 271 8.41 -7.37 20.62
CA ALA B 271 8.62 -8.07 21.89
C ALA B 271 9.53 -7.33 22.88
N ILE B 272 9.99 -6.13 22.56
CA ILE B 272 10.89 -5.39 23.43
C ILE B 272 10.19 -4.09 23.80
N GLY B 273 9.30 -3.64 22.92
CA GLY B 273 8.84 -2.28 22.98
C GLY B 273 9.46 -1.50 21.85
N THR B 274 10.51 -0.74 22.15
CA THR B 274 11.27 0.00 21.16
C THR B 274 12.71 -0.47 21.13
N PRO B 275 13.40 -0.27 20.01
CA PRO B 275 14.87 -0.40 20.02
C PRO B 275 15.56 0.79 20.68
N LEU B 276 16.89 0.82 20.62
CA LEU B 276 17.61 1.97 21.15
C LEU B 276 17.56 3.18 20.24
N ILE B 277 17.05 3.04 19.02
CA ILE B 277 16.84 4.21 18.18
C ILE B 277 15.67 5.05 18.69
N GLY B 278 14.62 4.39 19.16
CA GLY B 278 13.46 5.09 19.69
C GLY B 278 13.73 5.86 20.97
N VAL B 279 14.77 5.46 21.72
CA VAL B 279 15.20 6.26 22.85
C VAL B 279 15.87 7.53 22.37
N TYR B 280 16.64 7.45 21.29
CA TYR B 280 17.37 8.59 20.77
C TYR B 280 16.52 9.52 19.92
N PHE B 281 15.20 9.30 19.85
CA PHE B 281 14.28 10.25 19.26
C PHE B 281 13.41 10.95 20.28
N VAL B 282 13.17 10.32 21.44
CA VAL B 282 12.54 11.02 22.55
C VAL B 282 13.46 12.11 23.08
N VAL B 283 14.77 11.87 23.04
CA VAL B 283 15.74 12.92 23.37
C VAL B 283 15.68 14.03 22.33
N CYS B 284 15.41 13.70 21.07
CA CYS B 284 15.24 14.73 20.06
C CYS B 284 13.97 15.55 20.27
N MET B 285 12.92 14.93 20.83
CA MET B 285 11.71 15.68 21.14
C MET B 285 11.89 16.54 22.38
N ALA B 286 12.51 15.98 23.42
CA ALA B 286 12.70 16.74 24.65
C ALA B 286 13.70 17.86 24.48
N LEU B 287 14.61 17.75 23.51
CA LEU B 287 15.52 18.85 23.24
C LEU B 287 14.87 19.94 22.40
N LEU B 288 13.65 19.70 21.91
CA LEU B 288 12.97 20.68 21.08
C LEU B 288 11.77 21.31 21.78
N VAL B 289 11.20 20.65 22.78
CA VAL B 289 10.17 21.28 23.60
C VAL B 289 10.81 22.31 24.52
N ILE B 290 12.03 22.03 25.01
CA ILE B 290 12.76 23.01 25.80
C ILE B 290 13.12 24.23 24.94
N SER B 291 13.34 24.02 23.64
CA SER B 291 13.46 25.15 22.73
C SER B 291 12.17 25.93 22.60
N LEU B 292 11.03 25.25 22.75
CA LEU B 292 9.74 25.93 22.70
C LEU B 292 9.37 26.51 24.06
N ALA B 293 9.82 25.90 25.14
CA ALA B 293 9.48 26.40 26.46
C ALA B 293 10.34 27.58 26.88
N GLU B 294 11.40 27.91 26.15
CA GLU B 294 12.15 29.10 26.51
C GLU B 294 11.76 30.30 25.67
N THR B 295 11.30 30.08 24.43
CA THR B 295 10.71 31.18 23.69
C THR B 295 9.30 31.48 24.14
N ILE B 296 8.70 30.61 24.95
CA ILE B 296 7.38 30.90 25.49
C ILE B 296 7.49 31.73 26.76
N PHE B 297 8.71 31.88 27.28
CA PHE B 297 8.99 32.57 28.53
C PHE B 297 9.57 33.95 28.32
N ILE B 298 10.33 34.16 27.25
CA ILE B 298 10.84 35.49 26.95
C ILE B 298 9.72 36.38 26.43
N VAL B 299 8.82 35.81 25.62
CA VAL B 299 7.69 36.57 25.09
C VAL B 299 6.74 36.99 26.20
N ARG B 300 6.65 36.19 27.26
CA ARG B 300 5.84 36.57 28.41
C ARG B 300 6.48 37.74 29.16
N LEU B 301 7.80 37.81 29.19
CA LEU B 301 8.48 38.92 29.85
C LEU B 301 8.66 40.14 28.96
N VAL B 302 8.71 39.96 27.65
CA VAL B 302 8.98 41.05 26.74
C VAL B 302 7.67 41.33 26.01
N HIS B 303 6.89 42.26 26.55
CA HIS B 303 5.54 42.53 26.09
C HIS B 303 5.10 43.84 26.74
N LYS B 304 4.06 44.45 26.17
CA LYS B 304 3.54 45.72 26.66
C LYS B 304 2.11 45.55 27.17
N GLN B 305 1.97 45.25 28.46
CA GLN B 305 0.67 44.96 29.05
C GLN B 305 0.34 45.88 30.24
N ASP B 306 0.86 47.11 30.23
CA ASP B 306 0.82 48.04 31.37
C ASP B 306 1.38 47.39 32.63
N LEU B 307 2.68 47.10 32.63
CA LEU B 307 3.29 46.38 33.74
C LEU B 307 4.20 47.28 34.56
N GLN B 308 4.59 46.77 35.72
CA GLN B 308 5.23 47.55 36.77
C GLN B 308 6.75 47.55 36.61
N ARG B 309 7.42 48.01 37.66
CA ARG B 309 8.87 48.15 37.66
C ARG B 309 9.55 46.80 37.72
N PRO B 310 10.72 46.66 37.09
CA PRO B 310 11.53 45.46 37.31
C PRO B 310 12.12 45.49 38.71
N VAL B 311 12.15 44.33 39.34
CA VAL B 311 12.48 44.25 40.77
C VAL B 311 13.96 44.52 40.95
N PRO B 312 14.36 45.42 41.86
CA PRO B 312 15.80 45.70 42.04
C PRO B 312 16.57 44.56 42.66
N ASP B 313 15.87 43.58 43.26
CA ASP B 313 16.49 42.31 43.56
C ASP B 313 16.97 41.62 42.28
N TRP B 314 16.18 41.72 41.21
CA TRP B 314 16.47 41.00 39.99
C TRP B 314 17.00 41.92 38.91
N LEU B 315 17.34 43.16 39.26
CA LEU B 315 18.11 44.04 38.39
C LEU B 315 19.59 43.98 38.73
N ARG B 316 19.92 43.97 40.02
CA ARG B 316 21.30 43.80 40.44
C ARG B 316 21.79 42.40 40.15
N HIS B 317 20.90 41.41 40.30
CA HIS B 317 21.28 40.02 40.07
C HIS B 317 21.48 39.73 38.60
N LEU B 318 20.81 40.46 37.71
CA LEU B 318 20.80 40.06 36.31
C LEU B 318 21.65 40.98 35.44
N VAL B 319 21.41 42.28 35.48
CA VAL B 319 22.07 43.16 34.51
C VAL B 319 23.52 43.40 34.88
N LEU B 320 23.81 43.58 36.16
CA LEU B 320 25.14 43.98 36.58
C LEU B 320 26.03 42.79 36.92
N ASP B 321 25.50 41.58 37.00
CA ASP B 321 26.30 40.41 37.32
C ASP B 321 26.58 39.54 36.11
N ARG B 322 25.69 39.54 35.12
CA ARG B 322 25.90 38.82 33.87
C ARG B 322 26.60 39.69 32.82
N ILE B 323 27.22 40.79 33.24
CA ILE B 323 27.97 41.66 32.34
C ILE B 323 29.43 41.18 32.33
N ALA B 324 29.73 40.20 33.20
CA ALA B 324 31.05 39.57 33.24
C ALA B 324 31.00 38.07 33.01
N TRP B 325 29.80 37.50 32.81
CA TRP B 325 29.68 36.05 32.71
C TRP B 325 29.53 35.59 31.27
N ILE B 326 28.73 36.29 30.48
CA ILE B 326 28.47 35.91 29.09
C ILE B 326 28.82 37.03 28.12
N LEU B 327 28.47 38.27 28.47
CA LEU B 327 28.69 39.42 27.62
C LEU B 327 29.80 40.27 28.25
N CYS B 328 30.21 41.33 27.57
CA CYS B 328 31.13 42.30 28.15
C CYS B 328 30.46 43.65 28.34
N LEU B 385 -4.82 86.74 36.48
CA LEU B 385 -5.60 85.52 36.53
C LEU B 385 -5.33 84.66 35.29
N ALA B 386 -5.08 85.33 34.17
CA ALA B 386 -4.84 84.61 32.92
C ALA B 386 -3.47 83.96 32.88
N VAL B 387 -2.51 84.48 33.65
CA VAL B 387 -1.21 83.83 33.70
C VAL B 387 -1.26 82.58 34.58
N ARG B 388 -2.28 82.47 35.44
CA ARG B 388 -2.47 81.25 36.22
C ARG B 388 -3.36 80.27 35.48
N GLY B 389 -4.35 80.78 34.72
CA GLY B 389 -5.26 79.89 34.01
C GLY B 389 -4.61 79.18 32.85
N LEU B 390 -3.71 79.86 32.14
CA LEU B 390 -2.94 79.19 31.10
C LEU B 390 -1.89 78.27 31.69
N LEU B 391 -1.40 78.57 32.89
CA LEU B 391 -0.40 77.72 33.52
C LEU B 391 -1.01 76.40 33.99
N GLN B 392 -2.29 76.42 34.38
CA GLN B 392 -2.96 75.17 34.72
C GLN B 392 -3.23 74.33 33.49
N GLU B 393 -3.37 74.96 32.33
CA GLU B 393 -3.56 74.22 31.10
C GLU B 393 -2.29 73.49 30.68
N LEU B 394 -1.15 74.19 30.74
CA LEU B 394 0.09 73.61 30.25
C LEU B 394 0.64 72.54 31.19
N SER B 395 0.42 72.71 32.50
CA SER B 395 0.89 71.73 33.45
C SER B 395 0.09 70.43 33.36
N SER B 396 -1.17 70.53 32.91
CA SER B 396 -1.96 69.32 32.68
C SER B 396 -1.57 68.64 31.38
N ILE B 397 -1.12 69.41 30.38
CA ILE B 397 -0.65 68.81 29.14
C ILE B 397 0.68 68.11 29.36
N ARG B 398 1.57 68.72 30.15
CA ARG B 398 2.84 68.09 30.50
C ARG B 398 2.64 66.83 31.32
N HIS B 399 1.63 66.83 32.19
CA HIS B 399 1.29 65.64 32.96
C HIS B 399 0.76 64.53 32.06
N PHE B 400 0.12 64.88 30.95
CA PHE B 400 -0.35 63.88 30.00
C PHE B 400 0.78 63.27 29.18
N LEU B 401 1.88 64.00 29.02
CA LEU B 401 3.04 63.45 28.31
C LEU B 401 4.04 62.79 29.23
N GLU B 402 4.21 63.29 30.46
CA GLU B 402 5.15 62.65 31.37
C GLU B 402 4.58 61.34 31.94
N LYS B 403 3.29 61.09 31.75
CA LYS B 403 2.73 59.77 31.96
C LYS B 403 3.03 58.86 30.78
N ARG B 404 3.15 59.41 29.58
CA ARG B 404 3.34 58.62 28.37
C ARG B 404 4.77 58.13 28.22
N ASP B 405 5.76 58.99 28.47
CA ASP B 405 7.14 58.62 28.19
C ASP B 405 7.69 57.63 29.20
N GLU B 406 7.17 57.64 30.43
CA GLU B 406 7.58 56.63 31.39
C GLU B 406 6.94 55.29 31.08
N MET B 407 5.84 55.29 30.32
CA MET B 407 5.31 54.02 29.81
C MET B 407 6.15 53.51 28.64
N ARG B 408 6.90 54.40 27.99
CA ARG B 408 7.96 53.91 27.10
C ARG B 408 9.18 53.49 27.90
N GLU B 409 9.31 53.98 29.12
CA GLU B 409 10.35 53.49 30.03
C GLU B 409 9.93 52.19 30.71
N VAL B 410 8.71 51.72 30.46
CA VAL B 410 8.35 50.37 30.88
C VAL B 410 9.21 49.35 30.16
N ALA B 411 9.20 49.39 28.82
CA ALA B 411 9.67 48.26 28.05
C ALA B 411 11.19 48.19 28.01
N ARG B 412 11.85 49.34 28.02
CA ARG B 412 13.29 49.37 27.79
C ARG B 412 14.07 48.73 28.93
N ASP B 413 13.48 48.69 30.12
CA ASP B 413 14.08 47.87 31.18
C ASP B 413 13.76 46.40 30.98
N TRP B 414 12.52 46.08 30.59
CA TRP B 414 12.17 44.68 30.37
C TRP B 414 12.73 44.14 29.06
N LEU B 415 12.92 44.99 28.05
CA LEU B 415 13.67 44.55 26.86
C LEU B 415 15.11 44.25 27.20
N ARG B 416 15.70 45.02 28.12
CA ARG B 416 17.08 44.79 28.48
C ARG B 416 17.24 43.50 29.28
N VAL B 417 16.26 43.18 30.13
CA VAL B 417 16.29 41.90 30.85
C VAL B 417 16.03 40.75 29.89
N GLY B 418 15.07 40.92 28.98
CA GLY B 418 14.73 39.86 28.05
C GLY B 418 15.80 39.55 27.02
N TYR B 419 16.71 40.48 26.78
CA TYR B 419 17.81 40.18 25.87
C TYR B 419 18.98 39.49 26.55
N VAL B 420 19.18 39.74 27.84
CA VAL B 420 20.27 39.08 28.55
C VAL B 420 19.91 37.63 28.83
N LEU B 421 18.64 37.36 29.14
CA LEU B 421 18.19 35.99 29.31
C LEU B 421 18.21 35.22 28.00
N ASP B 422 18.03 35.92 26.87
CA ASP B 422 18.00 35.23 25.59
C ASP B 422 19.39 34.82 25.15
N ARG B 423 20.41 35.63 25.45
CA ARG B 423 21.76 35.22 25.11
C ARG B 423 22.32 34.23 26.13
N LEU B 424 21.81 34.25 27.36
CA LEU B 424 22.23 33.27 28.35
C LEU B 424 21.69 31.89 28.01
N LEU B 425 20.40 31.80 27.70
CA LEU B 425 19.79 30.53 27.37
C LEU B 425 20.21 30.03 25.99
N PHE B 426 20.73 30.90 25.14
CA PHE B 426 21.25 30.47 23.86
C PHE B 426 22.56 29.69 24.02
N ARG B 427 23.39 30.06 24.99
CA ARG B 427 24.65 29.37 25.18
C ARG B 427 24.43 28.01 25.82
N ILE B 428 23.48 27.91 26.75
CA ILE B 428 23.21 26.65 27.43
C ILE B 428 22.58 25.65 26.48
N TYR B 429 21.70 26.13 25.60
CA TYR B 429 21.12 25.24 24.59
C TYR B 429 22.15 24.85 23.55
N LEU B 430 23.14 25.70 23.28
CA LEU B 430 24.14 25.37 22.29
C LEU B 430 25.14 24.35 22.83
N LEU B 431 25.35 24.32 24.15
CA LEU B 431 26.22 23.30 24.71
C LEU B 431 25.51 21.96 24.79
N ALA B 432 24.22 21.95 25.12
CA ALA B 432 23.48 20.69 25.26
C ALA B 432 23.31 19.99 23.92
N VAL B 433 23.27 20.74 22.83
CA VAL B 433 23.34 20.11 21.52
C VAL B 433 24.75 19.59 21.26
N LEU B 434 25.76 20.36 21.67
CA LEU B 434 27.14 19.97 21.41
C LEU B 434 27.59 18.84 22.32
N ALA B 435 27.08 18.77 23.55
CA ALA B 435 27.47 17.70 24.44
C ALA B 435 26.84 16.37 24.04
N TYR B 436 25.63 16.41 23.47
CA TYR B 436 24.98 15.20 23.00
C TYR B 436 25.46 14.79 21.63
N SER B 437 26.02 15.71 20.85
CA SER B 437 26.50 15.36 19.51
C SER B 437 27.75 14.51 19.58
N ILE B 438 28.63 14.77 20.54
CA ILE B 438 29.85 13.97 20.64
C ILE B 438 29.55 12.61 21.26
N THR B 439 28.52 12.51 22.09
CA THR B 439 28.14 11.23 22.68
C THR B 439 27.58 10.29 21.62
N LEU B 440 26.86 10.84 20.65
CA LEU B 440 26.35 10.03 19.55
C LEU B 440 27.49 9.59 18.62
N VAL B 441 28.55 10.39 18.52
CA VAL B 441 29.68 10.00 17.69
C VAL B 441 30.56 8.99 18.42
N THR B 442 30.83 9.20 19.71
CA THR B 442 31.77 8.35 20.42
C THR B 442 31.23 6.96 20.72
N LEU B 443 29.93 6.72 20.53
CA LEU B 443 29.43 5.36 20.55
C LEU B 443 29.52 4.70 19.19
N TRP B 444 29.47 5.49 18.11
CA TRP B 444 29.62 4.95 16.77
C TRP B 444 31.05 4.52 16.50
N SER B 445 32.03 5.20 17.10
CA SER B 445 33.42 4.81 16.91
C SER B 445 33.77 3.53 17.66
N ILE B 446 33.03 3.19 18.72
CA ILE B 446 33.24 1.92 19.40
C ILE B 446 32.81 0.75 18.51
N TRP B 447 31.69 0.91 17.80
CA TRP B 447 31.26 -0.12 16.87
C TRP B 447 32.20 -0.24 15.68
N HIS B 448 32.63 0.90 15.13
CA HIS B 448 33.36 0.89 13.87
C HIS B 448 34.76 0.33 14.03
N TYR B 449 35.40 0.56 15.18
CA TYR B 449 36.74 0.04 15.42
C TYR B 449 36.62 -1.44 15.79
N SER B 450 36.99 -2.31 14.86
CA SER B 450 36.96 -3.77 14.97
C SER B 450 35.60 -4.33 15.36
N THR C 1 3.08 -56.93 -44.23
CA THR C 1 2.20 -56.11 -43.39
C THR C 1 0.92 -55.73 -44.11
N THR C 2 0.10 -54.95 -43.41
CA THR C 2 -1.15 -54.44 -43.94
C THR C 2 -1.04 -52.92 -44.05
N GLN C 3 -2.17 -52.28 -44.29
CA GLN C 3 -2.24 -50.82 -44.33
C GLN C 3 -3.32 -50.25 -43.41
N PRO C 4 -3.24 -50.51 -42.09
CA PRO C 4 -4.39 -50.12 -41.23
C PRO C 4 -4.45 -48.62 -40.99
N ALA C 5 -3.30 -47.97 -40.85
CA ALA C 5 -3.13 -46.53 -40.72
C ALA C 5 -1.65 -46.27 -40.95
N LEU C 6 -1.17 -45.13 -40.45
CA LEU C 6 0.27 -44.96 -40.29
C LEU C 6 0.64 -44.55 -38.86
N LEU C 7 -0.04 -45.12 -37.89
CA LEU C 7 0.41 -45.16 -36.51
C LEU C 7 1.27 -46.38 -36.23
N ARG C 8 1.53 -47.19 -37.24
CA ARG C 8 2.36 -48.38 -37.06
C ARG C 8 3.82 -48.00 -36.98
N LEU C 9 4.17 -46.79 -37.39
CA LEU C 9 5.50 -46.28 -37.11
C LEU C 9 5.67 -46.00 -35.63
N SER C 10 4.71 -45.28 -35.04
CA SER C 10 4.77 -44.99 -33.61
C SER C 10 4.63 -46.23 -32.75
N ASP C 11 4.04 -47.30 -33.27
CA ASP C 11 4.09 -48.58 -32.58
C ASP C 11 5.47 -49.20 -32.71
N HIS C 12 6.20 -48.88 -33.77
CA HIS C 12 7.46 -49.54 -34.04
C HIS C 12 8.58 -49.06 -33.14
N LEU C 13 8.60 -47.78 -32.80
CA LEU C 13 9.76 -47.22 -32.11
C LEU C 13 9.45 -46.72 -30.71
N LEU C 14 8.24 -46.97 -30.21
CA LEU C 14 7.92 -46.74 -28.80
C LEU C 14 7.38 -47.99 -28.12
N ALA C 15 7.60 -49.17 -28.69
CA ALA C 15 7.12 -50.39 -28.05
C ALA C 15 7.98 -50.74 -26.85
N ASN C 16 9.27 -50.96 -27.07
CA ASN C 16 10.21 -51.33 -26.03
C ASN C 16 11.19 -50.19 -25.72
N TYR C 17 10.70 -48.97 -25.70
CA TYR C 17 11.55 -47.81 -25.46
C TYR C 17 11.54 -47.48 -23.97
N LYS C 18 12.73 -47.28 -23.41
CA LYS C 18 12.89 -46.96 -22.00
C LYS C 18 13.23 -45.49 -21.87
N LYS C 19 12.38 -44.73 -21.21
CA LYS C 19 12.56 -43.30 -21.08
C LYS C 19 13.46 -42.90 -19.92
N GLY C 20 14.20 -43.83 -19.35
CA GLY C 20 15.06 -43.48 -18.24
C GLY C 20 16.53 -43.44 -18.60
N VAL C 21 16.91 -44.15 -19.64
CA VAL C 21 18.31 -44.27 -20.01
C VAL C 21 18.73 -43.10 -20.87
N ARG C 22 19.97 -42.68 -20.71
CA ARG C 22 20.52 -41.67 -21.61
C ARG C 22 20.78 -42.32 -22.95
N PRO C 23 20.19 -41.84 -24.00
CA PRO C 23 20.07 -42.62 -25.25
C PRO C 23 21.26 -42.58 -26.20
N VAL C 24 22.24 -43.44 -25.93
CA VAL C 24 23.39 -43.62 -26.80
C VAL C 24 23.68 -45.11 -26.97
N ARG C 25 24.27 -45.46 -28.12
CA ARG C 25 24.73 -46.83 -28.33
C ARG C 25 25.96 -47.12 -27.48
N ASP C 26 27.04 -46.38 -27.74
CA ASP C 26 28.24 -46.45 -26.93
C ASP C 26 28.12 -45.43 -25.82
N TRP C 27 28.33 -45.85 -24.58
CA TRP C 27 28.12 -44.98 -23.44
C TRP C 27 29.22 -43.96 -23.25
N ARG C 28 30.27 -43.99 -24.07
CA ARG C 28 31.39 -43.07 -23.92
C ARG C 28 31.21 -41.77 -24.70
N LYS C 29 30.19 -41.66 -25.51
CA LYS C 29 29.99 -40.43 -26.26
C LYS C 29 28.95 -39.57 -25.57
N PRO C 30 29.19 -38.28 -25.42
CA PRO C 30 28.22 -37.43 -24.75
C PRO C 30 27.07 -37.04 -25.67
N THR C 31 25.94 -36.72 -25.04
CA THR C 31 24.79 -36.17 -25.75
C THR C 31 24.95 -34.66 -25.84
N THR C 32 24.83 -34.12 -27.05
CA THR C 32 25.16 -32.73 -27.33
C THR C 32 23.86 -31.97 -27.62
N VAL C 33 23.38 -31.21 -26.64
CA VAL C 33 22.22 -30.38 -26.89
C VAL C 33 22.66 -29.07 -27.53
N SER C 34 21.72 -28.36 -28.14
CA SER C 34 22.06 -27.13 -28.85
C SER C 34 20.93 -26.15 -28.62
N ILE C 35 21.20 -25.07 -27.89
CA ILE C 35 20.15 -24.19 -27.41
C ILE C 35 20.34 -22.80 -28.01
N ASP C 36 19.26 -22.03 -28.07
CA ASP C 36 19.35 -20.57 -28.15
C ASP C 36 18.07 -19.96 -27.61
N VAL C 37 18.07 -18.63 -27.50
CA VAL C 37 17.10 -17.86 -26.74
C VAL C 37 16.86 -16.54 -27.45
N ILE C 38 15.60 -16.18 -27.67
CA ILE C 38 15.25 -14.80 -28.03
C ILE C 38 14.42 -14.22 -26.90
N MET C 39 14.46 -12.90 -26.80
CA MET C 39 14.00 -12.20 -25.62
C MET C 39 12.64 -11.58 -25.87
N TYR C 40 11.71 -11.78 -24.96
CA TYR C 40 10.35 -11.30 -25.20
C TYR C 40 9.93 -10.13 -24.34
N ALA C 41 10.10 -10.18 -23.03
CA ALA C 41 9.66 -9.06 -22.19
C ALA C 41 10.48 -8.98 -20.92
N ILE C 42 10.70 -7.76 -20.46
CA ILE C 42 11.23 -7.48 -19.13
C ILE C 42 10.04 -7.21 -18.24
N LEU C 43 9.67 -8.16 -17.39
CA LEU C 43 8.44 -7.99 -16.63
C LEU C 43 8.64 -7.09 -15.41
N ASN C 44 9.72 -7.29 -14.67
CA ASN C 44 9.91 -6.54 -13.44
C ASN C 44 11.40 -6.49 -13.13
N VAL C 45 11.85 -5.36 -12.59
CA VAL C 45 13.20 -5.22 -12.07
C VAL C 45 13.08 -4.70 -10.66
N ASP C 46 13.46 -5.50 -9.68
CA ASP C 46 13.34 -5.15 -8.27
C ASP C 46 14.72 -4.75 -7.78
N GLU C 47 14.96 -3.44 -7.66
CA GLU C 47 16.27 -2.97 -7.23
C GLU C 47 16.53 -3.22 -5.76
N LYS C 48 15.48 -3.36 -4.95
CA LYS C 48 15.66 -3.59 -3.53
C LYS C 48 16.11 -5.03 -3.26
N ASN C 49 15.43 -5.99 -3.87
CA ASN C 49 15.67 -7.40 -3.59
C ASN C 49 16.67 -8.03 -4.55
N GLN C 50 17.18 -7.26 -5.52
CA GLN C 50 18.16 -7.70 -6.51
C GLN C 50 17.64 -8.88 -7.36
N VAL C 51 16.39 -8.77 -7.80
CA VAL C 51 15.68 -9.86 -8.48
C VAL C 51 15.12 -9.36 -9.79
N LEU C 52 15.49 -10.03 -10.89
CA LEU C 52 15.01 -9.74 -12.23
C LEU C 52 13.97 -10.76 -12.66
N THR C 53 12.93 -10.31 -13.34
CA THR C 53 11.84 -11.17 -13.80
C THR C 53 11.62 -10.95 -15.28
N THR C 54 11.86 -11.96 -16.09
CA THR C 54 11.77 -11.83 -17.54
C THR C 54 10.85 -12.90 -18.12
N TYR C 55 10.84 -13.01 -19.44
CA TYR C 55 10.05 -14.01 -20.14
C TYR C 55 10.71 -14.22 -21.48
N ILE C 56 11.16 -15.43 -21.78
CA ILE C 56 11.91 -15.70 -23.01
C ILE C 56 11.18 -16.77 -23.81
N TRP C 57 11.64 -16.94 -25.04
CA TRP C 57 11.28 -18.09 -25.87
C TRP C 57 12.52 -18.95 -26.03
N TYR C 58 12.37 -20.26 -25.92
CA TYR C 58 13.50 -21.16 -25.78
C TYR C 58 13.31 -22.37 -26.70
N ARG C 59 14.40 -22.86 -27.28
CA ARG C 59 14.34 -24.06 -28.09
C ARG C 59 15.67 -24.79 -28.01
N GLN C 60 15.64 -26.09 -28.31
CA GLN C 60 16.80 -26.95 -28.14
C GLN C 60 16.64 -28.20 -29.00
N TYR C 61 17.75 -28.81 -29.40
CA TYR C 61 17.66 -30.12 -30.02
C TYR C 61 18.86 -30.96 -29.63
N TRP C 62 18.66 -32.27 -29.64
CA TRP C 62 19.70 -33.24 -29.37
C TRP C 62 19.50 -34.42 -30.32
N THR C 63 20.19 -35.52 -30.05
CA THR C 63 20.21 -36.64 -30.98
C THR C 63 20.17 -37.93 -30.20
N ASP C 64 19.31 -38.87 -30.60
CA ASP C 64 19.29 -40.18 -29.96
C ASP C 64 19.21 -41.30 -30.97
N GLU C 65 19.92 -42.39 -30.71
CA GLU C 65 20.02 -43.49 -31.65
C GLU C 65 18.91 -44.50 -31.47
N PHE C 66 17.93 -44.22 -30.65
CA PHE C 66 16.83 -45.16 -30.44
C PHE C 66 15.57 -44.75 -31.18
N LEU C 67 15.57 -43.57 -31.78
CA LEU C 67 14.42 -43.00 -32.47
C LEU C 67 14.69 -42.86 -33.96
N GLN C 68 15.29 -43.88 -34.57
CA GLN C 68 15.67 -43.82 -35.96
C GLN C 68 14.88 -44.83 -36.79
N TRP C 69 14.63 -44.47 -38.04
CA TRP C 69 13.93 -45.35 -38.96
C TRP C 69 14.33 -45.01 -40.37
N THR C 70 14.06 -45.93 -41.29
CA THR C 70 14.21 -45.58 -42.70
C THR C 70 12.97 -44.89 -43.19
N PRO C 71 13.09 -43.78 -43.92
CA PRO C 71 11.89 -43.06 -44.35
C PRO C 71 11.03 -43.82 -45.34
N GLU C 72 11.65 -44.56 -46.25
CA GLU C 72 10.86 -45.45 -47.07
C GLU C 72 10.42 -46.65 -46.26
N ASP C 73 9.47 -47.41 -46.82
CA ASP C 73 8.66 -48.50 -46.22
C ASP C 73 7.86 -48.05 -44.99
N PHE C 74 7.71 -46.75 -44.79
CA PHE C 74 6.71 -46.19 -43.89
C PHE C 74 5.92 -45.11 -44.61
N ASP C 75 5.78 -45.28 -45.93
CA ASP C 75 5.11 -44.34 -46.83
C ASP C 75 5.76 -42.95 -46.76
N ASN C 76 7.10 -42.94 -46.81
CA ASN C 76 7.90 -41.75 -47.05
C ASN C 76 7.76 -40.68 -45.98
N VAL C 77 7.37 -41.05 -44.77
CA VAL C 77 7.25 -40.07 -43.70
C VAL C 77 8.64 -39.76 -43.17
N THR C 78 8.91 -38.48 -42.91
CA THR C 78 10.21 -38.05 -42.46
C THR C 78 10.22 -37.42 -41.08
N LYS C 79 9.09 -36.97 -40.56
CA LYS C 79 9.02 -36.46 -39.20
C LYS C 79 7.62 -36.66 -38.66
N LEU C 80 7.52 -36.70 -37.33
CA LEU C 80 6.24 -36.89 -36.69
C LEU C 80 6.29 -36.26 -35.31
N SER C 81 5.13 -36.17 -34.69
CA SER C 81 5.00 -35.62 -33.35
C SER C 81 4.89 -36.74 -32.33
N ILE C 82 5.64 -36.61 -31.24
CA ILE C 82 5.63 -37.58 -30.16
C ILE C 82 5.37 -36.79 -28.89
N PRO C 83 4.56 -37.28 -27.95
CA PRO C 83 4.36 -36.56 -26.69
C PRO C 83 5.64 -36.47 -25.88
N THR C 84 5.72 -35.43 -25.06
CA THR C 84 6.98 -35.07 -24.42
C THR C 84 7.30 -36.03 -23.28
N ASP C 85 6.28 -36.52 -22.59
CA ASP C 85 6.47 -37.34 -21.40
C ASP C 85 6.67 -38.81 -21.72
N SER C 86 7.14 -39.14 -22.91
CA SER C 86 7.41 -40.52 -23.27
C SER C 86 8.78 -40.71 -23.90
N ILE C 87 9.66 -39.71 -23.81
CA ILE C 87 11.03 -39.81 -24.29
C ILE C 87 11.97 -39.22 -23.24
N TRP C 88 13.26 -39.37 -23.49
CA TRP C 88 14.28 -38.82 -22.62
C TRP C 88 14.44 -37.33 -22.88
N VAL C 89 14.42 -36.54 -21.81
CA VAL C 89 14.59 -35.09 -21.92
C VAL C 89 15.70 -34.64 -20.98
N PRO C 90 16.69 -33.88 -21.45
CA PRO C 90 17.77 -33.44 -20.57
C PRO C 90 17.32 -32.36 -19.61
N ASP C 91 18.07 -32.24 -18.51
CA ASP C 91 17.72 -31.35 -17.41
C ASP C 91 18.59 -30.09 -17.48
N ILE C 92 18.17 -29.15 -18.30
CA ILE C 92 18.88 -27.89 -18.47
C ILE C 92 18.23 -26.86 -17.57
N LEU C 93 18.96 -26.42 -16.55
CA LEU C 93 18.46 -25.43 -15.62
C LEU C 93 19.33 -24.18 -15.67
N ILE C 94 18.97 -23.21 -14.82
CA ILE C 94 19.66 -21.92 -14.73
C ILE C 94 20.28 -21.86 -13.34
N ASN C 95 21.50 -21.31 -13.26
CA ASN C 95 22.13 -21.20 -11.95
C ASN C 95 21.47 -20.14 -11.08
N GLU C 96 20.93 -19.09 -11.69
CA GLU C 96 20.51 -17.92 -10.94
C GLU C 96 19.06 -17.96 -10.50
N PHE C 97 18.43 -19.13 -10.47
CA PHE C 97 17.06 -19.24 -9.97
C PHE C 97 16.95 -18.83 -8.51
N VAL C 98 15.85 -18.16 -8.17
CA VAL C 98 15.51 -17.91 -6.78
C VAL C 98 14.08 -18.34 -6.53
N ASP C 99 13.36 -18.66 -7.60
CA ASP C 99 11.95 -19.02 -7.50
C ASP C 99 11.58 -19.76 -8.78
N VAL C 100 10.34 -20.20 -8.87
CA VAL C 100 9.83 -20.90 -10.04
C VAL C 100 8.75 -20.05 -10.68
N GLY C 101 8.94 -19.73 -11.97
CA GLY C 101 7.94 -19.01 -12.71
C GLY C 101 6.95 -19.93 -13.37
N LYS C 102 5.71 -19.45 -13.52
CA LYS C 102 4.66 -20.22 -14.15
C LYS C 102 4.71 -20.01 -15.65
N SER C 103 4.71 -21.11 -16.40
CA SER C 103 4.85 -21.07 -17.85
C SER C 103 4.03 -22.21 -18.42
N PRO C 104 3.49 -22.06 -19.63
CA PRO C 104 2.68 -23.13 -20.21
C PRO C 104 3.53 -24.32 -20.60
N ASN C 105 2.93 -25.50 -20.56
CA ASN C 105 3.64 -26.67 -21.04
C ASN C 105 3.31 -26.94 -22.50
N ILE C 106 4.29 -27.49 -23.21
CA ILE C 106 4.14 -27.85 -24.60
C ILE C 106 4.20 -29.37 -24.68
N PRO C 107 3.10 -30.04 -24.97
CA PRO C 107 3.09 -31.50 -24.81
C PRO C 107 3.58 -32.29 -26.01
N TYR C 108 4.28 -31.67 -26.97
CA TYR C 108 4.72 -32.42 -28.14
C TYR C 108 6.12 -31.99 -28.54
N VAL C 109 6.83 -32.90 -29.21
CA VAL C 109 8.13 -32.65 -29.80
C VAL C 109 8.12 -33.18 -31.23
N TYR C 110 9.09 -32.72 -32.02
CA TYR C 110 9.37 -33.27 -33.34
C TYR C 110 10.47 -34.30 -33.27
N VAL C 111 10.42 -35.28 -34.17
CA VAL C 111 11.46 -36.28 -34.30
C VAL C 111 11.71 -36.51 -35.79
N HIS C 112 12.89 -36.16 -36.27
CA HIS C 112 13.24 -36.47 -37.65
C HIS C 112 13.74 -37.91 -37.74
N HIS C 113 13.99 -38.37 -38.97
CA HIS C 113 14.30 -39.77 -39.20
C HIS C 113 15.77 -40.10 -38.99
N ARG C 114 16.54 -39.20 -38.39
CA ARG C 114 17.89 -39.48 -37.97
C ARG C 114 18.04 -39.50 -36.46
N GLY C 115 17.02 -39.06 -35.72
CA GLY C 115 17.09 -38.96 -34.29
C GLY C 115 17.15 -37.55 -33.76
N GLU C 116 17.04 -36.55 -34.62
CA GLU C 116 17.10 -35.17 -34.17
C GLU C 116 15.76 -34.80 -33.55
N VAL C 117 15.74 -34.63 -32.24
CA VAL C 117 14.53 -34.31 -31.49
C VAL C 117 14.51 -32.83 -31.20
N GLN C 118 13.52 -32.11 -31.71
CA GLN C 118 13.42 -30.67 -31.49
C GLN C 118 12.38 -30.35 -30.44
N ASN C 119 12.64 -29.33 -29.64
CA ASN C 119 11.78 -29.02 -28.50
C ASN C 119 11.65 -27.51 -28.36
N TYR C 120 10.46 -26.98 -28.56
CA TYR C 120 10.16 -25.56 -28.41
C TYR C 120 9.36 -25.37 -27.13
N LYS C 121 9.77 -24.43 -26.30
CA LYS C 121 8.97 -24.11 -25.10
C LYS C 121 9.23 -22.69 -24.63
N PRO C 122 8.21 -21.98 -24.18
CA PRO C 122 8.42 -20.70 -23.52
C PRO C 122 8.53 -20.89 -22.01
N LEU C 123 9.28 -19.99 -21.38
CA LEU C 123 9.46 -20.13 -19.94
C LEU C 123 9.74 -18.81 -19.28
N GLN C 124 8.91 -18.46 -18.29
CA GLN C 124 9.13 -17.31 -17.43
C GLN C 124 10.19 -17.66 -16.39
N LEU C 125 11.12 -16.76 -16.16
CA LEU C 125 12.20 -17.07 -15.24
C LEU C 125 12.48 -15.88 -14.33
N VAL C 126 12.65 -16.17 -13.05
CA VAL C 126 12.97 -15.18 -12.03
C VAL C 126 14.39 -15.43 -11.55
N THR C 127 15.26 -14.45 -11.74
CA THR C 127 16.66 -14.65 -11.44
C THR C 127 17.17 -13.59 -10.48
N ALA C 128 18.37 -13.81 -9.98
CA ALA C 128 19.06 -12.90 -9.09
C ALA C 128 20.22 -12.26 -9.81
N CYS C 129 20.35 -10.95 -9.71
CA CYS C 129 21.36 -10.21 -10.44
C CYS C 129 21.86 -9.05 -9.60
N SER C 130 23.02 -8.54 -9.96
CA SER C 130 23.63 -7.41 -9.28
C SER C 130 23.27 -6.13 -10.00
N LEU C 131 22.67 -5.19 -9.29
CA LEU C 131 22.15 -3.95 -9.88
C LEU C 131 22.86 -2.77 -9.26
N ASP C 132 23.48 -1.95 -10.11
CA ASP C 132 24.17 -0.74 -9.66
C ASP C 132 23.29 0.49 -9.86
N ILE C 133 23.09 1.25 -8.80
CA ILE C 133 22.17 2.37 -8.83
C ILE C 133 23.04 3.60 -8.59
N TYR C 134 24.23 3.61 -9.17
CA TYR C 134 25.13 4.73 -8.93
C TYR C 134 24.61 6.01 -9.59
N ASN C 135 24.08 5.90 -10.80
CA ASN C 135 23.46 7.00 -11.51
C ASN C 135 22.05 6.56 -11.91
N PHE C 136 21.04 7.06 -11.19
CA PHE C 136 19.74 6.38 -11.17
C PHE C 136 18.99 6.43 -12.51
N PRO C 137 18.64 7.59 -13.07
CA PRO C 137 17.82 7.52 -14.29
C PRO C 137 18.61 7.18 -15.54
N PHE C 138 19.94 7.21 -15.50
CA PHE C 138 20.75 6.89 -16.67
C PHE C 138 21.65 5.72 -16.28
N ASP C 139 21.16 4.49 -16.42
CA ASP C 139 21.93 3.33 -15.98
C ASP C 139 21.69 2.13 -16.86
N VAL C 140 22.77 1.51 -17.29
CA VAL C 140 22.68 0.23 -17.98
C VAL C 140 22.92 -0.88 -16.96
N GLN C 141 22.34 -2.04 -17.21
CA GLN C 141 22.51 -3.18 -16.33
C GLN C 141 23.10 -4.33 -17.12
N ASN C 142 23.72 -5.26 -16.42
CA ASN C 142 24.44 -6.37 -17.03
C ASN C 142 24.09 -7.63 -16.27
N CYS C 143 23.00 -8.29 -16.67
CA CYS C 143 22.50 -9.46 -15.99
C CYS C 143 22.91 -10.72 -16.73
N SER C 144 23.05 -11.83 -16.00
CA SER C 144 23.56 -13.07 -16.54
C SER C 144 22.50 -14.16 -16.45
N LEU C 145 22.43 -15.00 -17.48
CA LEU C 145 21.63 -16.22 -17.46
C LEU C 145 22.55 -17.36 -17.83
N THR C 146 22.68 -18.35 -16.96
CA THR C 146 23.67 -19.40 -17.17
C THR C 146 22.96 -20.74 -17.28
N PHE C 147 22.79 -21.22 -18.51
CA PHE C 147 22.19 -22.52 -18.74
C PHE C 147 23.21 -23.62 -18.49
N THR C 148 22.83 -24.61 -17.69
CA THR C 148 23.73 -25.70 -17.38
C THR C 148 22.94 -26.95 -17.05
N SER C 149 23.60 -28.08 -17.18
CA SER C 149 23.03 -29.34 -16.73
C SER C 149 23.29 -29.48 -15.25
N TRP C 150 22.24 -29.75 -14.48
CA TRP C 150 22.39 -29.70 -13.04
C TRP C 150 23.04 -30.95 -12.47
N LEU C 151 22.92 -32.09 -13.15
CA LEU C 151 23.50 -33.31 -12.60
C LEU C 151 24.64 -33.84 -13.46
N HIS C 152 24.40 -33.98 -14.76
CA HIS C 152 25.34 -34.67 -15.64
C HIS C 152 26.60 -33.84 -15.87
N THR C 153 27.74 -34.53 -15.88
CA THR C 153 29.03 -33.89 -16.10
C THR C 153 29.25 -33.69 -17.60
N ILE C 154 30.45 -33.27 -17.99
CA ILE C 154 30.67 -32.87 -19.38
C ILE C 154 30.91 -34.06 -20.29
N GLN C 155 31.20 -35.24 -19.75
CA GLN C 155 31.26 -36.42 -20.59
C GLN C 155 29.92 -37.13 -20.67
N ASP C 156 28.85 -36.47 -20.24
CA ASP C 156 27.50 -36.98 -20.47
C ASP C 156 26.67 -36.00 -21.28
N ILE C 157 26.65 -34.74 -20.87
CA ILE C 157 25.87 -33.71 -21.56
C ILE C 157 26.77 -32.52 -21.84
N ASN C 158 26.83 -32.13 -23.09
CA ASN C 158 27.61 -31.00 -23.56
C ASN C 158 26.67 -30.01 -24.23
N ILE C 159 26.97 -28.72 -24.12
CA ILE C 159 26.05 -27.68 -24.58
C ILE C 159 26.72 -26.85 -25.67
N THR C 160 26.03 -26.68 -26.79
CA THR C 160 26.50 -25.87 -27.91
C THR C 160 25.41 -24.85 -28.20
N LEU C 161 25.66 -23.95 -29.16
CA LEU C 161 24.63 -23.07 -29.67
C LEU C 161 23.99 -23.64 -30.92
N TRP C 162 22.73 -23.26 -31.13
CA TRP C 162 22.02 -23.58 -32.35
C TRP C 162 22.67 -22.90 -33.54
N ARG C 163 22.73 -21.58 -33.51
CA ARG C 163 23.19 -20.73 -34.59
C ARG C 163 24.37 -19.92 -34.09
N SER C 164 24.99 -19.18 -35.00
CA SER C 164 26.23 -18.48 -34.69
C SER C 164 25.97 -17.32 -33.74
N PRO C 165 26.92 -17.01 -32.84
CA PRO C 165 26.68 -15.95 -31.84
C PRO C 165 26.64 -14.53 -32.38
N GLU C 166 26.71 -14.31 -33.69
CA GLU C 166 26.44 -12.98 -34.21
C GLU C 166 24.95 -12.74 -34.40
N GLU C 167 24.19 -13.77 -34.79
CA GLU C 167 22.75 -13.63 -34.90
C GLU C 167 22.06 -13.49 -33.56
N VAL C 168 22.64 -14.04 -32.50
CA VAL C 168 22.01 -13.96 -31.20
C VAL C 168 22.21 -12.58 -30.60
N ARG C 169 23.32 -11.92 -30.91
CA ARG C 169 23.58 -10.58 -30.41
C ARG C 169 22.62 -9.55 -31.00
N SER C 170 22.40 -9.62 -32.31
CA SER C 170 21.66 -8.59 -33.04
C SER C 170 20.23 -8.99 -33.30
N ASP C 171 19.56 -9.61 -32.34
CA ASP C 171 18.20 -10.12 -32.53
C ASP C 171 17.27 -9.39 -31.57
N LYS C 172 16.69 -8.29 -32.04
CA LYS C 172 15.64 -7.58 -31.32
C LYS C 172 14.44 -7.54 -32.24
N SER C 173 13.68 -8.63 -32.26
CA SER C 173 12.64 -8.81 -33.25
C SER C 173 11.24 -8.84 -32.67
N ILE C 174 11.04 -9.53 -31.56
CA ILE C 174 9.72 -9.67 -30.94
C ILE C 174 9.68 -9.06 -29.56
N PHE C 175 10.64 -8.20 -29.21
CA PHE C 175 10.67 -7.59 -27.90
C PHE C 175 9.55 -6.58 -27.76
N ILE C 176 9.01 -6.46 -26.56
CA ILE C 176 7.90 -5.55 -26.27
C ILE C 176 8.47 -4.27 -25.69
N ASN C 177 8.38 -3.18 -26.45
CA ASN C 177 8.88 -1.89 -26.02
C ASN C 177 7.83 -1.15 -25.19
N GLN C 178 8.06 0.15 -25.00
CA GLN C 178 7.20 1.07 -24.23
C GLN C 178 7.02 0.61 -22.79
N GLY C 179 8.09 0.05 -22.23
CA GLY C 179 7.98 -0.58 -20.93
C GLY C 179 9.12 -0.31 -19.98
N GLU C 180 9.66 0.92 -20.01
CA GLU C 180 10.65 1.49 -19.10
C GLU C 180 12.05 0.91 -19.28
N TRP C 181 12.18 -0.17 -20.04
CA TRP C 181 13.47 -0.83 -20.23
C TRP C 181 13.66 -1.11 -21.70
N GLU C 182 14.84 -0.80 -22.20
CA GLU C 182 15.17 -1.00 -23.60
C GLU C 182 16.25 -2.07 -23.69
N LEU C 183 16.01 -3.08 -24.53
CA LEU C 183 16.98 -4.14 -24.72
C LEU C 183 18.07 -3.67 -25.67
N LEU C 184 19.32 -3.92 -25.32
CA LEU C 184 20.43 -3.51 -26.17
C LEU C 184 21.03 -4.70 -26.93
N GLU C 185 21.48 -5.72 -26.22
CA GLU C 185 22.01 -6.91 -26.86
C GLU C 185 21.96 -8.10 -25.90
N VAL C 186 22.01 -9.29 -26.47
CA VAL C 186 22.06 -10.54 -25.73
C VAL C 186 23.26 -11.32 -26.26
N PHE C 187 24.34 -11.36 -25.50
CA PHE C 187 25.59 -11.92 -25.99
C PHE C 187 25.90 -13.25 -25.32
N PRO C 188 26.07 -14.34 -26.06
CA PRO C 188 26.36 -15.63 -25.45
C PRO C 188 27.85 -15.91 -25.36
N GLN C 189 28.20 -16.79 -24.42
CA GLN C 189 29.59 -17.17 -24.21
C GLN C 189 29.67 -18.51 -23.51
N PHE C 190 30.42 -19.44 -24.08
CA PHE C 190 30.62 -20.76 -23.49
C PHE C 190 31.80 -20.75 -22.55
N LYS C 191 31.62 -21.34 -21.38
CA LYS C 191 32.74 -21.55 -20.46
C LYS C 191 32.55 -22.87 -19.76
N GLU C 192 33.65 -23.48 -19.34
CA GLU C 192 33.68 -24.88 -18.94
C GLU C 192 33.97 -24.99 -17.44
N PHE C 193 32.89 -24.99 -16.66
CA PHE C 193 32.99 -24.90 -15.22
C PHE C 193 33.40 -26.25 -14.61
N SER C 194 34.28 -26.19 -13.63
CA SER C 194 34.77 -27.39 -12.95
C SER C 194 34.95 -27.11 -11.47
N ILE C 195 34.52 -28.03 -10.64
CA ILE C 195 34.64 -27.85 -9.19
C ILE C 195 35.94 -28.47 -8.68
N ASP C 196 36.43 -29.50 -9.35
CA ASP C 196 37.71 -30.13 -9.05
C ASP C 196 38.16 -30.89 -10.29
N ILE C 197 39.13 -31.77 -10.10
CA ILE C 197 39.50 -32.68 -11.18
C ILE C 197 38.40 -33.71 -11.36
N SER C 198 38.17 -34.12 -12.61
CA SER C 198 37.26 -35.17 -13.06
C SER C 198 35.79 -34.91 -12.75
N ASN C 199 35.41 -33.68 -12.43
CA ASN C 199 33.99 -33.31 -12.30
C ASN C 199 33.82 -31.92 -12.92
N SER C 200 33.51 -31.90 -14.22
CA SER C 200 33.41 -30.67 -14.98
C SER C 200 32.01 -30.55 -15.54
N TYR C 201 31.42 -29.37 -15.42
CA TYR C 201 30.07 -29.11 -15.91
C TYR C 201 30.14 -28.09 -17.03
N ALA C 202 29.61 -28.45 -18.20
CA ALA C 202 29.53 -27.49 -19.29
C ALA C 202 28.41 -26.52 -19.02
N GLU C 203 28.62 -25.26 -19.40
CA GLU C 203 27.57 -24.27 -19.22
C GLU C 203 27.66 -23.19 -20.28
N MET C 204 26.52 -22.63 -20.64
CA MET C 204 26.41 -21.57 -21.63
C MET C 204 25.85 -20.33 -20.95
N LYS C 205 26.50 -19.20 -21.14
CA LYS C 205 26.21 -18.00 -20.36
C LYS C 205 25.77 -16.88 -21.29
N PHE C 206 24.55 -16.41 -21.09
CA PHE C 206 24.00 -15.29 -21.84
C PHE C 206 24.06 -14.03 -20.97
N TYR C 207 24.54 -12.93 -21.55
CA TYR C 207 24.53 -11.64 -20.90
C TYR C 207 23.48 -10.78 -21.55
N VAL C 208 22.46 -10.40 -20.81
CA VAL C 208 21.48 -9.43 -21.30
C VAL C 208 21.90 -8.06 -20.79
N ILE C 209 21.75 -7.04 -21.64
CA ILE C 209 22.12 -5.68 -21.30
C ILE C 209 20.91 -4.80 -21.56
N ILE C 210 20.37 -4.21 -20.51
CA ILE C 210 19.18 -3.39 -20.61
C ILE C 210 19.50 -1.98 -20.13
N ARG C 211 18.78 -1.00 -20.67
CA ARG C 211 18.98 0.40 -20.34
C ARG C 211 17.64 1.02 -19.99
N ARG C 212 17.61 1.80 -18.91
CA ARG C 212 16.39 2.43 -18.45
C ARG C 212 16.07 3.66 -19.28
N ARG C 213 14.80 3.81 -19.64
CA ARG C 213 14.36 5.02 -20.33
C ARG C 213 14.17 6.14 -19.31
N PRO C 214 14.95 7.21 -19.36
CA PRO C 214 14.93 8.21 -18.30
C PRO C 214 13.79 9.21 -18.39
N LEU C 215 12.84 9.02 -19.30
CA LEU C 215 11.81 10.04 -19.50
C LEU C 215 10.77 10.04 -18.38
N PHE C 216 10.64 8.94 -17.64
CA PHE C 216 9.66 8.89 -16.56
C PHE C 216 10.07 9.79 -15.40
N TYR C 217 11.37 9.98 -15.24
CA TYR C 217 11.94 10.61 -14.06
C TYR C 217 12.52 11.97 -14.40
N ALA C 218 11.83 12.70 -15.27
CA ALA C 218 12.09 14.11 -15.50
C ALA C 218 10.85 14.94 -15.26
N VAL C 219 9.70 14.30 -15.04
CA VAL C 219 8.47 14.99 -14.67
C VAL C 219 8.04 14.67 -13.25
N SER C 220 8.59 13.62 -12.65
CA SER C 220 8.20 13.25 -11.30
C SER C 220 9.10 13.84 -10.24
N LEU C 221 10.36 14.14 -10.56
CA LEU C 221 11.24 14.74 -9.57
C LEU C 221 12.09 15.89 -10.08
N LEU C 222 12.14 16.14 -11.38
CA LEU C 222 12.87 17.30 -11.85
C LEU C 222 11.98 18.52 -11.93
N LEU C 223 10.69 18.34 -12.16
CA LEU C 223 9.78 19.46 -12.33
C LEU C 223 9.43 20.15 -11.01
N PRO C 224 9.12 19.47 -9.89
CA PRO C 224 8.96 20.23 -8.65
C PRO C 224 10.26 20.76 -8.06
N SER C 225 11.41 20.21 -8.47
CA SER C 225 12.66 20.69 -7.89
C SER C 225 13.05 22.05 -8.45
N ILE C 226 12.77 22.30 -9.74
CA ILE C 226 13.00 23.62 -10.30
C ILE C 226 11.83 24.55 -10.06
N PHE C 227 10.71 24.02 -9.59
CA PHE C 227 9.57 24.88 -9.32
C PHE C 227 9.71 25.63 -8.00
N LEU C 228 10.21 24.96 -6.97
CA LEU C 228 10.38 25.63 -5.70
C LEU C 228 11.65 26.48 -5.65
N MET C 229 12.42 26.54 -6.72
CA MET C 229 13.43 27.58 -6.85
C MET C 229 12.80 28.92 -7.20
N VAL C 230 11.88 28.94 -8.17
CA VAL C 230 11.34 30.21 -8.65
C VAL C 230 10.34 30.82 -7.67
N VAL C 231 9.85 30.03 -6.71
CA VAL C 231 9.03 30.61 -5.66
C VAL C 231 9.90 31.38 -4.67
N ASP C 232 11.14 30.94 -4.44
CA ASP C 232 12.06 31.71 -3.62
C ASP C 232 12.62 32.93 -4.33
N ILE C 233 12.64 32.94 -5.65
CA ILE C 233 13.11 34.11 -6.36
C ILE C 233 12.11 35.25 -6.23
N VAL C 234 10.81 34.94 -6.33
CA VAL C 234 9.79 35.94 -6.07
C VAL C 234 9.53 36.12 -4.59
N GLY C 235 10.19 35.33 -3.73
CA GLY C 235 10.05 35.53 -2.31
C GLY C 235 10.94 36.60 -1.73
N PHE C 236 12.00 36.98 -2.44
CA PHE C 236 12.86 38.05 -1.97
C PHE C 236 12.31 39.44 -2.30
N CYS C 237 11.22 39.53 -3.03
CA CYS C 237 10.66 40.83 -3.35
C CYS C 237 9.90 41.45 -2.19
N LEU C 238 9.63 40.70 -1.14
CA LEU C 238 9.03 41.25 0.05
C LEU C 238 10.03 42.16 0.77
N PRO C 239 9.59 43.31 1.28
CA PRO C 239 10.48 44.10 2.11
C PRO C 239 10.66 43.44 3.46
N PRO C 240 11.83 43.57 4.07
CA PRO C 240 12.14 42.76 5.26
C PRO C 240 11.41 43.17 6.52
N ASP C 241 11.06 44.44 6.67
CA ASP C 241 10.42 44.90 7.90
C ASP C 241 8.91 44.67 7.93
N SER C 242 8.36 43.92 6.98
CA SER C 242 6.92 43.70 6.97
C SER C 242 6.51 42.70 8.05
N GLY C 243 7.08 41.50 8.01
CA GLY C 243 6.82 40.48 9.03
C GLY C 243 6.46 39.13 8.45
N GLU C 244 5.90 39.10 7.25
CA GLU C 244 5.50 37.84 6.65
C GLU C 244 6.64 37.17 5.90
N ARG C 245 7.78 37.85 5.77
CA ARG C 245 8.88 37.30 4.99
C ARG C 245 9.50 36.11 5.70
N VAL C 246 9.53 36.14 7.03
CA VAL C 246 10.04 35.00 7.79
C VAL C 246 9.04 33.85 7.74
N SER C 247 7.75 34.17 7.83
CA SER C 247 6.72 33.15 7.71
C SER C 247 6.59 32.60 6.30
N PHE C 248 7.03 33.36 5.30
CA PHE C 248 7.01 32.86 3.93
C PHE C 248 8.08 31.79 3.73
N LYS C 249 9.28 32.02 4.23
CA LYS C 249 10.41 31.14 3.94
C LYS C 249 10.31 29.83 4.68
N ILE C 250 9.75 29.83 5.89
CA ILE C 250 9.64 28.59 6.63
C ILE C 250 8.50 27.72 6.12
N THR C 251 7.53 28.32 5.42
CA THR C 251 6.42 27.54 4.91
C THR C 251 6.85 26.62 3.79
N LEU C 252 7.65 27.13 2.84
CA LEU C 252 8.04 26.27 1.73
C LEU C 252 9.23 25.39 2.07
N LEU C 253 9.98 25.69 3.12
CA LEU C 253 10.94 24.73 3.63
C LEU C 253 10.22 23.53 4.26
N LEU C 254 9.10 23.81 4.92
CA LEU C 254 8.18 22.72 5.30
C LEU C 254 7.61 22.06 4.06
N GLY C 255 7.29 22.84 3.03
CA GLY C 255 6.71 22.28 1.83
C GLY C 255 7.66 21.45 1.00
N TYR C 256 8.96 21.72 1.09
CA TYR C 256 9.92 20.91 0.35
C TYR C 256 10.40 19.71 1.14
N SER C 257 10.34 19.78 2.46
CA SER C 257 10.70 18.62 3.28
C SER C 257 9.67 17.52 3.16
N VAL C 258 8.41 17.86 2.87
CA VAL C 258 7.42 16.86 2.51
C VAL C 258 7.77 16.23 1.17
N PHE C 259 8.32 17.02 0.25
CA PHE C 259 8.64 16.52 -1.08
C PHE C 259 9.80 15.55 -1.07
N LEU C 260 10.79 15.75 -0.18
CA LEU C 260 11.91 14.82 -0.11
C LEU C 260 11.49 13.48 0.45
N ILE C 261 10.49 13.46 1.32
CA ILE C 261 10.08 12.22 1.96
C ILE C 261 9.20 11.40 1.04
N ILE C 262 8.24 12.04 0.36
CA ILE C 262 7.25 11.31 -0.42
C ILE C 262 7.84 10.76 -1.72
N VAL C 263 8.99 11.28 -2.16
CA VAL C 263 9.54 10.88 -3.45
C VAL C 263 10.66 9.86 -3.21
N SER C 264 11.33 9.95 -2.06
CA SER C 264 12.37 8.97 -1.74
C SER C 264 11.81 7.59 -1.39
N ASP C 265 10.50 7.50 -1.14
CA ASP C 265 9.87 6.20 -0.94
C ASP C 265 9.83 5.41 -2.25
N THR C 266 9.66 6.08 -3.38
CA THR C 266 9.58 5.41 -4.68
C THR C 266 10.89 5.44 -5.46
N LEU C 267 12.02 5.69 -4.80
CA LEU C 267 13.32 5.69 -5.47
C LEU C 267 14.31 4.86 -4.67
N PRO C 268 14.73 3.70 -5.17
CA PRO C 268 15.55 2.80 -4.37
C PRO C 268 17.00 3.21 -4.31
N ALA C 269 17.73 2.60 -3.38
CA ALA C 269 19.16 2.85 -3.19
C ALA C 269 19.77 1.66 -2.45
N THR C 270 20.73 0.98 -3.08
CA THR C 270 21.32 -0.23 -2.53
C THR C 270 22.84 -0.23 -2.68
N ALA C 271 23.52 -0.60 -1.59
CA ALA C 271 24.94 -0.95 -1.49
C ALA C 271 25.91 0.19 -1.78
N ILE C 272 25.43 1.39 -2.06
CA ILE C 272 26.29 2.51 -2.40
C ILE C 272 26.05 3.59 -1.34
N GLY C 273 24.87 3.59 -0.76
CA GLY C 273 24.41 4.74 -0.02
C GLY C 273 23.35 5.44 -0.83
N THR C 274 23.72 6.51 -1.51
CA THR C 274 22.84 7.25 -2.39
C THR C 274 23.37 7.24 -3.82
N PRO C 275 22.51 7.41 -4.81
CA PRO C 275 23.00 7.75 -6.16
C PRO C 275 23.48 9.18 -6.29
N LEU C 276 23.82 9.60 -7.51
CA LEU C 276 24.20 10.98 -7.72
C LEU C 276 23.02 11.94 -7.75
N ILE C 277 21.79 11.44 -7.74
CA ILE C 277 20.64 12.31 -7.62
C ILE C 277 20.52 12.84 -6.19
N GLY C 278 20.82 11.98 -5.20
CA GLY C 278 20.77 12.40 -3.81
C GLY C 278 21.80 13.43 -3.44
N VAL C 279 22.90 13.51 -4.18
CA VAL C 279 23.85 14.60 -3.98
C VAL C 279 23.27 15.91 -4.50
N TYR C 280 22.52 15.85 -5.60
CA TYR C 280 21.96 17.05 -6.20
C TYR C 280 20.66 17.51 -5.53
N PHE C 281 20.26 16.89 -4.42
CA PHE C 281 19.19 17.42 -3.60
C PHE C 281 19.67 18.00 -2.28
N VAL C 282 20.82 17.55 -1.78
CA VAL C 282 21.46 18.22 -0.65
C VAL C 282 21.92 19.60 -1.06
N VAL C 283 22.34 19.76 -2.32
CA VAL C 283 22.64 21.09 -2.85
C VAL C 283 21.38 21.93 -2.93
N CYS C 284 20.23 21.31 -3.20
CA CYS C 284 18.97 22.04 -3.21
C CYS C 284 18.57 22.46 -1.79
N MET C 285 18.93 21.67 -0.78
CA MET C 285 18.64 22.07 0.60
C MET C 285 19.59 23.16 1.06
N ALA C 286 20.88 23.02 0.76
CA ALA C 286 21.86 24.00 1.20
C ALA C 286 21.68 25.32 0.48
N LEU C 287 21.10 25.31 -0.72
CA LEU C 287 20.83 26.56 -1.41
C LEU C 287 19.57 27.23 -0.88
N LEU C 288 18.81 26.55 -0.01
CA LEU C 288 17.59 27.12 0.52
C LEU C 288 17.69 27.47 1.99
N VAL C 289 18.61 26.86 2.73
CA VAL C 289 18.88 27.31 4.10
C VAL C 289 19.64 28.63 4.08
N ILE C 290 20.52 28.83 3.10
CA ILE C 290 21.19 30.11 2.92
C ILE C 290 20.19 31.20 2.55
N SER C 291 19.12 30.83 1.84
CA SER C 291 18.00 31.75 1.63
C SER C 291 17.29 32.07 2.93
N LEU C 292 17.28 31.12 3.88
CA LEU C 292 16.65 31.38 5.17
C LEU C 292 17.61 32.05 6.12
N ALA C 293 18.91 31.81 5.98
CA ALA C 293 19.88 32.42 6.87
C ALA C 293 20.20 33.86 6.51
N GLU C 294 19.75 34.35 5.35
CA GLU C 294 19.99 35.76 5.06
C GLU C 294 18.76 36.61 5.36
N THR C 295 17.56 36.04 5.28
CA THR C 295 16.39 36.76 5.78
C THR C 295 16.31 36.70 7.29
N ILE C 296 17.10 35.86 7.95
CA ILE C 296 17.12 35.83 9.40
C ILE C 296 18.08 36.88 9.94
N PHE C 297 18.88 37.48 9.06
CA PHE C 297 19.91 38.44 9.41
C PHE C 297 19.52 39.87 9.10
N ILE C 298 18.72 40.09 8.07
CA ILE C 298 18.24 41.43 7.79
C ILE C 298 17.17 41.84 8.80
N VAL C 299 16.32 40.89 9.22
CA VAL C 299 15.28 41.15 10.20
C VAL C 299 15.90 41.48 11.56
N ARG C 300 17.06 40.89 11.85
CA ARG C 300 17.76 41.22 13.09
C ARG C 300 18.32 42.65 13.04
N LEU C 301 18.73 43.12 11.86
CA LEU C 301 19.23 44.48 11.72
C LEU C 301 18.14 45.51 11.51
N VAL C 302 17.01 45.11 10.94
CA VAL C 302 15.94 46.06 10.61
C VAL C 302 14.81 45.78 11.59
N HIS C 303 14.81 46.52 12.69
CA HIS C 303 13.91 46.29 13.82
C HIS C 303 14.01 47.50 14.73
N LYS C 304 13.02 47.67 15.59
CA LYS C 304 12.96 48.79 16.52
C LYS C 304 13.04 48.29 17.96
N GLN C 305 14.25 48.21 18.49
CA GLN C 305 14.49 47.66 19.82
C GLN C 305 15.22 48.64 20.75
N ASP C 306 15.03 49.95 20.54
CA ASP C 306 15.80 51.02 21.20
C ASP C 306 17.30 50.81 21.01
N LEU C 307 17.76 50.93 19.76
CA LEU C 307 19.16 50.64 19.46
C LEU C 307 19.94 51.90 19.12
N GLN C 308 21.26 51.75 19.09
CA GLN C 308 22.19 52.88 19.05
C GLN C 308 22.51 53.29 17.62
N ARG C 309 23.53 54.12 17.49
CA ARG C 309 23.93 54.68 16.21
C ARG C 309 24.57 53.63 15.32
N PRO C 310 24.37 53.73 14.00
CA PRO C 310 25.15 52.88 13.10
C PRO C 310 26.59 53.36 13.08
N VAL C 311 27.50 52.39 13.02
CA VAL C 311 28.92 52.67 13.23
C VAL C 311 29.46 53.41 12.01
N PRO C 312 30.17 54.54 12.17
CA PRO C 312 30.69 55.26 11.00
C PRO C 312 31.80 54.53 10.28
N ASP C 313 32.40 53.53 10.91
CA ASP C 313 33.22 52.56 10.19
C ASP C 313 32.38 51.83 9.15
N TRP C 314 31.14 51.49 9.49
CA TRP C 314 30.31 50.67 8.61
C TRP C 314 29.23 51.49 7.94
N LEU C 315 29.31 52.83 8.04
CA LEU C 315 28.50 53.72 7.22
C LEU C 315 29.27 54.17 5.98
N ARG C 316 30.56 54.50 6.15
CA ARG C 316 31.41 54.83 5.01
C ARG C 316 31.67 53.60 4.16
N HIS C 317 31.82 52.44 4.81
CA HIS C 317 32.09 51.21 4.08
C HIS C 317 30.89 50.72 3.29
N LEU C 318 29.69 51.05 3.74
CA LEU C 318 28.50 50.41 3.16
C LEU C 318 27.72 51.36 2.27
N VAL C 319 27.32 52.53 2.78
CA VAL C 319 26.40 53.36 2.03
C VAL C 319 27.10 54.08 0.89
N LEU C 320 28.30 54.58 1.15
CA LEU C 320 28.98 55.42 0.18
C LEU C 320 29.88 54.65 -0.78
N ASP C 321 30.13 53.36 -0.52
CA ASP C 321 30.99 52.56 -1.39
C ASP C 321 30.19 51.61 -2.27
N ARG C 322 29.03 51.17 -1.82
CA ARG C 322 28.15 50.32 -2.61
C ARG C 322 27.16 51.14 -3.44
N ILE C 323 27.42 52.44 -3.62
CA ILE C 323 26.60 53.31 -4.45
C ILE C 323 27.17 53.29 -5.86
N ALA C 324 28.30 52.64 -6.04
CA ALA C 324 28.91 52.45 -7.35
C ALA C 324 29.10 50.98 -7.71
N TRP C 325 28.73 50.05 -6.83
CA TRP C 325 29.00 48.64 -7.07
C TRP C 325 27.76 47.89 -7.57
N ILE C 326 26.60 48.17 -6.96
CA ILE C 326 25.37 47.48 -7.32
C ILE C 326 24.27 48.46 -7.74
N LEU C 327 24.15 49.57 -7.04
CA LEU C 327 23.12 50.56 -7.30
C LEU C 327 23.80 51.80 -7.89
N CYS C 328 23.00 52.79 -8.26
CA CYS C 328 23.54 54.08 -8.69
C CYS C 328 23.14 55.18 -7.72
N LEU C 385 8.12 86.53 36.56
CA LEU C 385 8.26 85.15 37.01
C LEU C 385 7.45 84.20 36.13
N ALA C 386 6.32 84.70 35.63
CA ALA C 386 5.45 83.87 34.82
C ALA C 386 6.00 83.66 33.42
N VAL C 387 6.86 84.57 32.94
CA VAL C 387 7.46 84.36 31.64
C VAL C 387 8.60 83.34 31.73
N ARG C 388 9.11 83.10 32.94
CA ARG C 388 10.09 82.04 33.14
C ARG C 388 9.41 80.71 33.47
N GLY C 389 8.30 80.76 34.19
CA GLY C 389 7.62 79.53 34.57
C GLY C 389 6.95 78.83 33.40
N LEU C 390 6.38 79.61 32.48
CA LEU C 390 5.85 79.02 31.26
C LEU C 390 6.96 78.58 30.31
N LEU C 391 8.11 79.24 30.39
CA LEU C 391 9.23 78.85 29.52
C LEU C 391 9.83 77.52 29.95
N GLN C 392 9.80 77.22 31.26
CA GLN C 392 10.26 75.92 31.73
C GLN C 392 9.28 74.82 31.34
N GLU C 393 8.01 75.16 31.18
CA GLU C 393 7.03 74.17 30.75
C GLU C 393 7.22 73.80 29.29
N LEU C 394 7.42 74.80 28.43
CA LEU C 394 7.51 74.54 26.98
C LEU C 394 8.83 73.88 26.61
N SER C 395 9.92 74.21 27.32
CA SER C 395 11.20 73.61 27.03
C SER C 395 11.23 72.14 27.45
N SER C 396 10.42 71.76 28.43
CA SER C 396 10.30 70.37 28.81
C SER C 396 9.42 69.60 27.84
N ILE C 397 8.43 70.26 27.23
CA ILE C 397 7.60 69.62 26.22
C ILE C 397 8.40 69.40 24.94
N ARG C 398 9.22 70.39 24.56
CA ARG C 398 10.09 70.25 23.39
C ARG C 398 11.13 69.15 23.60
N HIS C 399 11.61 69.01 24.84
CA HIS C 399 12.54 67.93 25.16
C HIS C 399 11.87 66.57 25.07
N PHE C 400 10.57 66.50 25.32
CA PHE C 400 9.84 65.25 25.19
C PHE C 400 9.59 64.87 23.74
N LEU C 401 9.58 65.85 22.84
CA LEU C 401 9.43 65.54 21.42
C LEU C 401 10.76 65.40 20.70
N GLU C 402 11.78 66.13 21.09
CA GLU C 402 13.09 65.98 20.44
C GLU C 402 13.78 64.71 20.87
N LYS C 403 13.30 64.05 21.93
CA LYS C 403 13.67 62.68 22.22
C LYS C 403 12.95 61.69 21.33
N ARG C 404 11.74 62.03 20.90
CA ARG C 404 10.91 61.12 20.12
C ARG C 404 11.32 61.06 18.66
N ASP C 405 11.61 62.21 18.04
CA ASP C 405 11.88 62.22 16.61
C ASP C 405 13.25 61.64 16.26
N GLU C 406 14.21 61.73 17.18
CA GLU C 406 15.49 61.08 16.95
C GLU C 406 15.38 59.57 17.13
N MET C 407 14.36 59.11 17.84
CA MET C 407 14.08 57.67 17.85
C MET C 407 13.40 57.23 16.57
N ARG C 408 12.78 58.16 15.83
CA ARG C 408 12.42 57.86 14.46
C ARG C 408 13.63 57.97 13.55
N GLU C 409 14.67 58.70 13.97
CA GLU C 409 15.94 58.71 13.26
C GLU C 409 16.79 57.49 13.60
N VAL C 410 16.33 56.64 14.51
CA VAL C 410 16.97 55.36 14.71
C VAL C 410 16.85 54.52 13.44
N ALA C 411 15.62 54.32 12.97
CA ALA C 411 15.37 53.25 12.01
C ALA C 411 15.80 53.63 10.61
N ARG C 412 15.70 54.91 10.26
CA ARG C 412 15.91 55.33 8.88
C ARG C 412 17.36 55.16 8.46
N ASP C 413 18.29 55.17 9.40
CA ASP C 413 19.64 54.78 9.07
C ASP C 413 19.78 53.26 8.98
N TRP C 414 19.13 52.53 9.88
CA TRP C 414 19.23 51.07 9.82
C TRP C 414 18.35 50.48 8.72
N LEU C 415 17.24 51.16 8.36
CA LEU C 415 16.50 50.75 7.17
C LEU C 415 17.33 50.96 5.91
N ARG C 416 18.13 52.02 5.88
CA ARG C 416 18.94 52.28 4.71
C ARG C 416 20.07 51.27 4.58
N VAL C 417 20.65 50.84 5.69
CA VAL C 417 21.66 49.79 5.66
C VAL C 417 21.02 48.45 5.30
N GLY C 418 19.86 48.16 5.87
CA GLY C 418 19.20 46.88 5.62
C GLY C 418 18.66 46.73 4.21
N TYR C 419 18.46 47.83 3.48
CA TYR C 419 18.03 47.70 2.10
C TYR C 419 19.21 47.53 1.14
N VAL C 420 20.38 48.06 1.47
CA VAL C 420 21.53 47.91 0.60
C VAL C 420 22.09 46.49 0.71
N LEU C 421 22.06 45.92 1.93
CA LEU C 421 22.46 44.52 2.10
C LEU C 421 21.47 43.57 1.44
N ASP C 422 20.19 43.96 1.35
CA ASP C 422 19.20 43.08 0.76
C ASP C 422 19.33 43.02 -0.75
N ARG C 423 19.70 44.13 -1.39
CA ARG C 423 19.91 44.10 -2.83
C ARG C 423 21.28 43.53 -3.18
N LEU C 424 22.23 43.63 -2.27
CA LEU C 424 23.53 43.01 -2.50
C LEU C 424 23.44 41.50 -2.44
N LEU C 425 22.80 40.97 -1.40
CA LEU C 425 22.67 39.53 -1.25
C LEU C 425 21.67 38.94 -2.23
N PHE C 426 20.81 39.76 -2.82
CA PHE C 426 19.91 39.27 -3.87
C PHE C 426 20.66 38.97 -5.15
N ARG C 427 21.71 39.74 -5.47
CA ARG C 427 22.45 39.49 -6.70
C ARG C 427 23.35 38.27 -6.56
N ILE C 428 23.93 38.06 -5.37
CA ILE C 428 24.82 36.93 -5.16
C ILE C 428 24.03 35.63 -5.15
N TYR C 429 22.83 35.65 -4.56
CA TYR C 429 21.99 34.47 -4.61
C TYR C 429 21.46 34.21 -6.00
N LEU C 430 21.28 35.26 -6.81
CA LEU C 430 20.76 35.05 -8.15
C LEU C 430 21.83 34.51 -9.08
N LEU C 431 23.10 34.78 -8.79
CA LEU C 431 24.16 34.19 -9.60
C LEU C 431 24.39 32.73 -9.23
N ALA C 432 24.30 32.40 -7.94
CA ALA C 432 24.56 31.04 -7.49
C ALA C 432 23.48 30.08 -7.96
N VAL C 433 22.26 30.56 -8.16
CA VAL C 433 21.26 29.76 -8.85
C VAL C 433 21.60 29.64 -10.32
N LEU C 434 22.05 30.73 -10.93
CA LEU C 434 22.34 30.74 -12.36
C LEU C 434 23.61 29.98 -12.68
N ALA C 435 24.60 29.99 -11.79
CA ALA C 435 25.84 29.26 -12.04
C ALA C 435 25.64 27.76 -11.91
N TYR C 436 24.74 27.35 -11.02
CA TYR C 436 24.46 25.92 -10.85
C TYR C 436 23.45 25.42 -11.88
N SER C 437 22.66 26.31 -12.47
CA SER C 437 21.69 25.88 -13.47
C SER C 437 22.36 25.46 -14.77
N ILE C 438 23.42 26.16 -15.15
CA ILE C 438 24.10 25.78 -16.39
C ILE C 438 24.96 24.54 -16.20
N THR C 439 25.42 24.29 -14.97
CA THR C 439 26.20 23.09 -14.70
C THR C 439 25.33 21.84 -14.77
N LEU C 440 24.07 21.96 -14.36
CA LEU C 440 23.14 20.84 -14.48
C LEU C 440 22.76 20.60 -15.93
N VAL C 441 22.77 21.64 -16.76
CA VAL C 441 22.46 21.47 -18.18
C VAL C 441 23.65 20.91 -18.92
N THR C 442 24.86 21.43 -18.66
CA THR C 442 26.03 21.06 -19.43
C THR C 442 26.53 19.64 -19.14
N LEU C 443 26.02 19.00 -18.08
CA LEU C 443 26.26 17.57 -17.91
C LEU C 443 25.23 16.73 -18.64
N TRP C 444 24.02 17.26 -18.80
CA TRP C 444 22.98 16.55 -19.55
C TRP C 444 23.28 16.52 -21.04
N SER C 445 23.94 17.56 -21.55
CA SER C 445 24.29 17.58 -22.97
C SER C 445 25.43 16.62 -23.29
N ILE C 446 26.26 16.27 -22.30
CA ILE C 446 27.31 15.29 -22.52
C ILE C 446 26.69 13.90 -22.72
N TRP C 447 25.66 13.58 -21.92
CA TRP C 447 24.97 12.30 -22.09
C TRP C 447 24.19 12.26 -23.40
N HIS C 448 23.50 13.35 -23.74
CA HIS C 448 22.57 13.33 -24.87
C HIS C 448 23.29 13.25 -26.20
N TYR C 449 24.47 13.86 -26.31
CA TYR C 449 25.25 13.81 -27.55
C TYR C 449 25.96 12.47 -27.62
N SER C 450 25.45 11.59 -28.50
CA SER C 450 25.95 10.24 -28.75
C SER C 450 26.04 9.39 -27.49
N THR D 1 -23.95 -60.38 -31.51
CA THR D 1 -23.70 -59.71 -30.23
C THR D 1 -24.86 -59.87 -29.27
N THR D 2 -24.71 -59.25 -28.10
CA THR D 2 -25.74 -59.22 -27.07
C THR D 2 -26.20 -57.79 -26.90
N GLN D 3 -26.96 -57.55 -25.83
CA GLN D 3 -27.42 -56.21 -25.50
C GLN D 3 -27.08 -55.84 -24.05
N PRO D 4 -25.80 -55.82 -23.66
CA PRO D 4 -25.49 -55.64 -22.22
C PRO D 4 -25.71 -54.21 -21.75
N ALA D 5 -25.38 -53.23 -22.60
CA ALA D 5 -25.60 -51.81 -22.41
C ALA D 5 -25.40 -51.17 -23.76
N LEU D 6 -25.10 -49.87 -23.78
CA LEU D 6 -24.54 -49.25 -24.98
C LEU D 6 -23.24 -48.51 -24.68
N LEU D 7 -22.41 -49.07 -23.81
CA LEU D 7 -21.00 -48.74 -23.69
C LEU D 7 -20.15 -49.59 -24.61
N ARG D 8 -20.77 -50.45 -25.40
CA ARG D 8 -20.00 -51.28 -26.32
C ARG D 8 -19.56 -50.49 -27.54
N LEU D 9 -20.16 -49.32 -27.76
CA LEU D 9 -19.60 -48.41 -28.74
C LEU D 9 -18.29 -47.83 -28.26
N SER D 10 -18.25 -47.33 -27.02
CA SER D 10 -17.02 -46.79 -26.46
C SER D 10 -15.95 -47.84 -26.26
N ASP D 11 -16.33 -49.11 -26.17
CA ASP D 11 -15.32 -50.17 -26.22
C ASP D 11 -14.83 -50.39 -27.63
N HIS D 12 -15.64 -50.06 -28.63
CA HIS D 12 -15.31 -50.36 -30.01
C HIS D 12 -14.26 -49.41 -30.56
N LEU D 13 -14.29 -48.15 -30.18
CA LEU D 13 -13.45 -47.16 -30.85
C LEU D 13 -12.41 -46.53 -29.93
N LEU D 14 -12.28 -47.03 -28.69
CA LEU D 14 -11.16 -46.66 -27.82
C LEU D 14 -10.38 -47.87 -27.34
N ALA D 15 -10.51 -49.01 -27.99
CA ALA D 15 -9.76 -50.19 -27.58
C ALA D 15 -8.29 -50.07 -27.95
N ASN D 16 -8.02 -49.93 -29.25
CA ASN D 16 -6.66 -49.81 -29.77
C ASN D 16 -6.38 -48.41 -30.31
N TYR D 17 -6.85 -47.39 -29.60
CA TYR D 17 -6.67 -46.01 -30.03
C TYR D 17 -5.42 -45.45 -29.38
N LYS D 18 -4.58 -44.81 -30.19
CA LYS D 18 -3.33 -44.21 -29.73
C LYS D 18 -3.50 -42.70 -29.69
N LYS D 19 -3.38 -42.12 -28.50
CA LYS D 19 -3.60 -40.70 -28.31
C LYS D 19 -2.37 -39.86 -28.60
N GLY D 20 -1.35 -40.41 -29.24
CA GLY D 20 -0.16 -39.64 -29.52
C GLY D 20 -0.03 -39.23 -30.97
N VAL D 21 -0.65 -39.97 -31.85
CA VAL D 21 -0.50 -39.74 -33.28
C VAL D 21 -1.47 -38.67 -33.74
N ARG D 22 -1.04 -37.88 -34.72
CA ARG D 22 -1.94 -36.94 -35.34
C ARG D 22 -2.90 -37.71 -36.22
N PRO D 23 -4.18 -37.62 -35.99
CA PRO D 23 -5.13 -38.60 -36.53
C PRO D 23 -5.61 -38.39 -37.96
N VAL D 24 -4.82 -38.86 -38.92
CA VAL D 24 -5.19 -38.84 -40.33
C VAL D 24 -4.85 -40.18 -40.96
N ARG D 25 -5.61 -40.54 -42.00
CA ARG D 25 -5.27 -41.73 -42.78
C ARG D 25 -4.04 -41.49 -43.62
N ASP D 26 -4.12 -40.52 -44.54
CA ASP D 26 -2.98 -40.10 -45.33
C ASP D 26 -2.29 -38.98 -44.58
N TRP D 27 -0.98 -39.09 -44.39
CA TRP D 27 -0.25 -38.13 -43.58
C TRP D 27 0.01 -36.82 -44.29
N ARG D 28 -0.39 -36.68 -45.54
CA ARG D 28 -0.15 -35.46 -46.30
C ARG D 28 -1.26 -34.45 -46.17
N LYS D 29 -2.36 -34.78 -45.53
CA LYS D 29 -3.44 -33.81 -45.39
C LYS D 29 -3.39 -33.19 -44.01
N PRO D 30 -3.52 -31.88 -43.89
CA PRO D 30 -3.45 -31.25 -42.58
C PRO D 30 -4.75 -31.39 -41.82
N THR D 31 -4.65 -31.29 -40.51
CA THR D 31 -5.82 -31.25 -39.64
C THR D 31 -6.25 -29.80 -39.49
N THR D 32 -7.52 -29.54 -39.73
CA THR D 32 -8.05 -28.18 -39.83
C THR D 32 -8.93 -27.90 -38.64
N VAL D 33 -8.41 -27.16 -37.66
CA VAL D 33 -9.25 -26.76 -36.54
C VAL D 33 -10.04 -25.51 -36.91
N SER D 34 -11.09 -25.23 -36.15
CA SER D 34 -11.95 -24.10 -36.47
C SER D 34 -12.39 -23.46 -35.16
N ILE D 35 -11.92 -22.25 -34.89
CA ILE D 35 -12.06 -21.63 -33.59
C ILE D 35 -12.93 -20.38 -33.70
N ASP D 36 -13.53 -19.99 -32.59
CA ASP D 36 -13.98 -18.60 -32.40
C ASP D 36 -14.06 -18.31 -30.90
N VAL D 37 -14.32 -17.05 -30.60
CA VAL D 37 -14.16 -16.46 -29.27
C VAL D 37 -15.25 -15.43 -29.05
N ILE D 38 -15.95 -15.50 -27.92
CA ILE D 38 -16.75 -14.37 -27.45
C ILE D 38 -16.16 -13.86 -26.16
N MET D 39 -16.41 -12.60 -25.88
CA MET D 39 -15.69 -11.86 -24.87
C MET D 39 -16.53 -11.73 -23.61
N TYR D 40 -15.94 -12.03 -22.46
CA TYR D 40 -16.73 -12.01 -21.23
C TYR D 40 -16.40 -10.87 -20.28
N ALA D 41 -15.14 -10.64 -19.94
CA ALA D 41 -14.83 -9.58 -19.00
C ALA D 41 -13.44 -9.04 -19.23
N ILE D 42 -13.28 -7.74 -18.99
CA ILE D 42 -11.97 -7.09 -18.90
C ILE D 42 -11.64 -7.03 -17.42
N LEU D 43 -10.72 -7.88 -16.97
CA LEU D 43 -10.47 -7.94 -15.54
C LEU D 43 -9.54 -6.84 -15.06
N ASN D 44 -8.47 -6.57 -15.80
CA ASN D 44 -7.50 -5.60 -15.35
C ASN D 44 -6.74 -5.05 -16.54
N VAL D 45 -6.42 -3.76 -16.51
CA VAL D 45 -5.56 -3.14 -17.50
C VAL D 45 -4.45 -2.44 -16.73
N ASP D 46 -3.23 -2.91 -16.88
CA ASP D 46 -2.09 -2.38 -16.15
C ASP D 46 -1.30 -1.50 -17.12
N GLU D 47 -1.46 -0.19 -17.01
CA GLU D 47 -0.78 0.72 -17.93
C GLU D 47 0.70 0.82 -17.65
N LYS D 48 1.13 0.52 -16.42
CA LYS D 48 2.55 0.61 -16.10
C LYS D 48 3.32 -0.56 -16.69
N ASN D 49 2.82 -1.77 -16.51
CA ASN D 49 3.52 -2.97 -16.92
C ASN D 49 3.15 -3.44 -18.32
N GLN D 50 2.22 -2.75 -18.99
CA GLN D 50 1.76 -3.05 -20.34
C GLN D 50 1.16 -4.44 -20.44
N VAL D 51 0.32 -4.79 -19.46
CA VAL D 51 -0.23 -6.14 -19.33
C VAL D 51 -1.74 -6.06 -19.21
N LEU D 52 -2.44 -6.78 -20.10
CA LEU D 52 -3.88 -6.89 -20.12
C LEU D 52 -4.33 -8.23 -19.57
N THR D 53 -5.42 -8.23 -18.80
CA THR D 53 -5.94 -9.43 -18.17
C THR D 53 -7.43 -9.56 -18.49
N THR D 54 -7.80 -10.58 -19.24
CA THR D 54 -9.18 -10.74 -19.68
C THR D 54 -9.71 -12.12 -19.29
N TYR D 55 -10.88 -12.46 -19.82
CA TYR D 55 -11.50 -13.76 -19.58
C TYR D 55 -12.46 -13.99 -20.75
N ILE D 56 -12.24 -15.05 -21.51
CA ILE D 56 -13.04 -15.30 -22.70
C ILE D 56 -13.71 -16.66 -22.60
N TRP D 57 -14.64 -16.91 -23.51
CA TRP D 57 -15.18 -18.25 -23.74
C TRP D 57 -14.70 -18.71 -25.10
N TYR D 58 -14.30 -19.96 -25.20
CA TYR D 58 -13.57 -20.47 -26.35
C TYR D 58 -14.13 -21.81 -26.78
N ARG D 59 -14.16 -22.05 -28.08
CA ARG D 59 -14.60 -23.33 -28.60
C ARG D 59 -13.89 -23.63 -29.91
N GLN D 60 -13.83 -24.91 -30.27
CA GLN D 60 -13.07 -25.34 -31.43
C GLN D 60 -13.55 -26.72 -31.87
N TYR D 61 -13.40 -27.03 -33.15
CA TYR D 61 -13.62 -28.40 -33.59
C TYR D 61 -12.66 -28.77 -34.70
N TRP D 62 -12.38 -30.07 -34.79
CA TRP D 62 -11.53 -30.62 -35.82
C TRP D 62 -12.14 -31.95 -36.26
N THR D 63 -11.38 -32.75 -37.00
CA THR D 63 -11.91 -33.96 -37.61
C THR D 63 -10.86 -35.05 -37.54
N ASP D 64 -11.24 -36.25 -37.13
CA ASP D 64 -10.31 -37.36 -37.14
C ASP D 64 -10.95 -38.62 -37.68
N GLU D 65 -10.19 -39.38 -38.44
CA GLU D 65 -10.71 -40.56 -39.12
C GLU D 65 -10.63 -41.82 -38.27
N PHE D 66 -10.28 -41.69 -37.00
CA PHE D 66 -10.20 -42.85 -36.14
C PHE D 66 -11.39 -42.97 -35.21
N LEU D 67 -12.26 -41.96 -35.18
CA LEU D 67 -13.40 -41.89 -34.29
C LEU D 67 -14.70 -41.95 -35.09
N GLN D 68 -14.78 -42.83 -36.06
CA GLN D 68 -15.94 -42.91 -36.94
C GLN D 68 -16.67 -44.23 -36.75
N TRP D 69 -17.99 -44.20 -36.93
CA TRP D 69 -18.80 -45.39 -36.82
C TRP D 69 -20.05 -45.20 -37.66
N THR D 70 -20.72 -46.30 -37.97
CA THR D 70 -22.03 -46.19 -38.58
C THR D 70 -23.07 -45.99 -37.49
N PRO D 71 -24.01 -45.04 -37.65
CA PRO D 71 -24.97 -44.78 -36.58
C PRO D 71 -25.93 -45.92 -36.36
N GLU D 72 -26.36 -46.60 -37.41
CA GLU D 72 -27.13 -47.81 -37.21
C GLU D 72 -26.20 -48.93 -36.74
N ASP D 73 -26.81 -50.02 -36.27
CA ASP D 73 -26.24 -51.16 -35.54
C ASP D 73 -25.50 -50.77 -34.25
N PHE D 74 -25.72 -49.55 -33.76
CA PHE D 74 -25.38 -49.17 -32.41
C PHE D 74 -26.58 -48.51 -31.75
N ASP D 75 -27.78 -48.95 -32.16
CA ASP D 75 -29.06 -48.42 -31.71
C ASP D 75 -29.17 -46.92 -31.97
N ASN D 76 -28.78 -46.52 -33.19
CA ASN D 76 -29.08 -45.20 -33.76
C ASN D 76 -28.43 -44.04 -33.00
N VAL D 77 -27.36 -44.30 -32.27
CA VAL D 77 -26.70 -43.22 -31.54
C VAL D 77 -25.84 -42.42 -32.53
N THR D 78 -25.88 -41.10 -32.40
CA THR D 78 -25.16 -40.24 -33.31
C THR D 78 -24.07 -39.40 -32.65
N LYS D 79 -24.11 -39.22 -31.34
CA LYS D 79 -23.03 -38.52 -30.66
C LYS D 79 -22.93 -39.02 -29.24
N LEU D 80 -21.75 -38.85 -28.64
CA LEU D 80 -21.54 -39.28 -27.28
C LEU D 80 -20.44 -38.44 -26.67
N SER D 81 -20.27 -38.59 -25.36
CA SER D 81 -19.25 -37.87 -24.62
C SER D 81 -18.06 -38.78 -24.37
N ILE D 82 -16.86 -38.25 -24.59
CA ILE D 82 -15.62 -38.97 -24.37
C ILE D 82 -14.76 -38.07 -23.49
N PRO D 83 -14.05 -38.61 -22.50
CA PRO D 83 -13.16 -37.78 -21.69
C PRO D 83 -12.04 -37.16 -22.52
N THR D 84 -11.56 -36.02 -22.05
CA THR D 84 -10.67 -35.20 -22.86
C THR D 84 -9.27 -35.81 -22.92
N ASP D 85 -8.84 -36.44 -21.84
CA ASP D 85 -7.48 -36.94 -21.72
C ASP D 85 -7.30 -38.33 -22.33
N SER D 86 -8.14 -38.72 -23.28
CA SER D 86 -8.00 -40.00 -23.95
C SER D 86 -8.07 -39.88 -25.46
N ILE D 87 -7.98 -38.67 -26.01
CA ILE D 87 -7.95 -38.44 -27.45
C ILE D 87 -6.85 -37.43 -27.77
N TRP D 88 -6.62 -37.24 -29.06
CA TRP D 88 -5.65 -36.25 -29.52
C TRP D 88 -6.23 -34.86 -29.45
N VAL D 89 -5.49 -33.93 -28.87
CA VAL D 89 -5.92 -32.55 -28.75
C VAL D 89 -4.84 -31.63 -29.30
N PRO D 90 -5.16 -30.72 -30.21
CA PRO D 90 -4.13 -29.82 -30.76
C PRO D 90 -3.69 -28.77 -29.75
N ASP D 91 -2.49 -28.25 -29.99
CA ASP D 91 -1.84 -27.31 -29.07
C ASP D 91 -1.96 -25.89 -29.60
N ILE D 92 -3.10 -25.28 -29.34
CA ILE D 92 -3.37 -23.92 -29.79
C ILE D 92 -3.04 -22.98 -28.65
N LEU D 93 -2.00 -22.17 -28.81
CA LEU D 93 -1.59 -21.21 -27.80
C LEU D 93 -1.69 -19.80 -28.34
N ILE D 94 -1.30 -18.84 -27.50
CA ILE D 94 -1.34 -17.42 -27.81
C ILE D 94 0.10 -16.92 -27.82
N ASN D 95 0.42 -16.04 -28.78
CA ASN D 95 1.79 -15.52 -28.81
C ASN D 95 2.06 -14.57 -27.66
N GLU D 96 1.06 -13.84 -27.20
CA GLU D 96 1.29 -12.73 -26.29
C GLU D 96 1.23 -13.12 -24.82
N PHE D 97 1.37 -14.40 -24.48
CA PHE D 97 1.40 -14.82 -23.09
C PHE D 97 2.58 -14.21 -22.35
N VAL D 98 2.36 -13.84 -21.09
CA VAL D 98 3.44 -13.46 -20.20
C VAL D 98 3.32 -14.23 -18.89
N ASP D 99 2.21 -14.93 -18.72
CA ASP D 99 1.94 -15.67 -17.50
C ASP D 99 0.85 -16.70 -17.81
N VAL D 100 0.49 -17.50 -16.82
CA VAL D 100 -0.55 -18.52 -16.95
C VAL D 100 -1.72 -18.14 -16.05
N GLY D 101 -2.90 -18.01 -16.65
CA GLY D 101 -4.09 -17.75 -15.88
C GLY D 101 -4.76 -19.03 -15.43
N LYS D 102 -5.42 -18.97 -14.28
CA LYS D 102 -6.12 -20.11 -13.74
C LYS D 102 -7.53 -20.16 -14.31
N SER D 103 -7.91 -21.32 -14.83
CA SER D 103 -9.19 -21.51 -15.50
C SER D 103 -9.66 -22.91 -15.23
N PRO D 104 -10.98 -23.15 -15.17
CA PRO D 104 -11.48 -24.50 -14.88
C PRO D 104 -11.24 -25.42 -16.06
N ASN D 105 -11.06 -26.71 -15.74
CA ASN D 105 -10.95 -27.69 -16.80
C ASN D 105 -12.31 -28.30 -17.12
N ILE D 106 -12.49 -28.65 -18.39
CA ILE D 106 -13.72 -29.28 -18.87
C ILE D 106 -13.35 -30.71 -19.26
N PRO D 107 -13.78 -31.70 -18.53
CA PRO D 107 -13.25 -33.04 -18.77
C PRO D 107 -13.96 -33.86 -19.84
N TYR D 108 -14.77 -33.25 -20.69
CA TYR D 108 -15.48 -34.03 -21.69
C TYR D 108 -15.51 -33.29 -23.02
N VAL D 109 -15.64 -34.05 -24.11
CA VAL D 109 -15.83 -33.53 -25.45
C VAL D 109 -16.98 -34.29 -26.11
N TYR D 110 -17.51 -33.71 -27.18
CA TYR D 110 -18.46 -34.38 -28.06
C TYR D 110 -17.76 -35.02 -29.24
N VAL D 111 -18.34 -36.11 -29.73
CA VAL D 111 -17.84 -36.77 -30.93
C VAL D 111 -19.05 -37.17 -31.77
N HIS D 112 -19.19 -36.59 -32.95
CA HIS D 112 -20.24 -37.01 -33.86
C HIS D 112 -19.79 -38.24 -34.65
N HIS D 113 -20.68 -38.80 -35.44
CA HIS D 113 -20.41 -40.08 -36.10
C HIS D 113 -19.66 -39.92 -37.41
N ARG D 114 -19.11 -38.74 -37.69
CA ARG D 114 -18.21 -38.54 -38.79
C ARG D 114 -16.80 -38.24 -38.35
N GLY D 115 -16.58 -37.99 -37.07
CA GLY D 115 -15.28 -37.63 -36.56
C GLY D 115 -15.17 -36.20 -36.11
N GLU D 116 -16.26 -35.44 -36.14
CA GLU D 116 -16.21 -34.05 -35.73
C GLU D 116 -16.18 -33.98 -34.21
N VAL D 117 -15.04 -33.59 -33.65
CA VAL D 117 -14.84 -33.53 -32.21
C VAL D 117 -14.98 -32.08 -31.77
N GLN D 118 -15.96 -31.78 -30.92
CA GLN D 118 -16.18 -30.43 -30.45
C GLN D 118 -15.65 -30.24 -29.04
N ASN D 119 -15.12 -29.06 -28.75
CA ASN D 119 -14.46 -28.83 -27.48
C ASN D 119 -14.77 -27.42 -27.00
N TYR D 120 -15.48 -27.31 -25.89
CA TYR D 120 -15.82 -26.04 -25.26
C TYR D 120 -14.99 -25.87 -24.02
N LYS D 121 -14.35 -24.70 -23.87
CA LYS D 121 -13.62 -24.44 -22.63
C LYS D 121 -13.48 -22.94 -22.39
N PRO D 122 -13.60 -22.50 -21.14
CA PRO D 122 -13.28 -21.12 -20.81
C PRO D 122 -11.84 -20.99 -20.37
N LEU D 123 -11.25 -19.82 -20.61
CA LEU D 123 -9.85 -19.65 -20.26
C LEU D 123 -9.53 -18.19 -19.97
N GLN D 124 -8.99 -17.94 -18.79
CA GLN D 124 -8.46 -16.65 -18.41
C GLN D 124 -7.08 -16.48 -19.03
N LEU D 125 -6.81 -15.32 -19.60
CA LEU D 125 -5.53 -15.12 -20.28
C LEU D 125 -4.95 -13.77 -19.93
N VAL D 126 -3.65 -13.77 -19.66
CA VAL D 126 -2.89 -12.56 -19.35
C VAL D 126 -1.93 -12.31 -20.49
N THR D 127 -2.08 -11.16 -21.14
CA THR D 127 -1.31 -10.88 -22.33
C THR D 127 -0.56 -9.56 -22.20
N ALA D 128 0.34 -9.33 -23.14
CA ALA D 128 1.12 -8.12 -23.22
C ALA D 128 0.67 -7.31 -24.42
N CYS D 129 0.45 -6.02 -24.22
CA CYS D 129 -0.08 -5.16 -25.25
C CYS D 129 0.53 -3.77 -25.13
N SER D 130 0.44 -3.01 -26.21
CA SER D 130 0.95 -1.65 -26.27
C SER D 130 -0.18 -0.68 -25.96
N LEU D 131 0.02 0.16 -24.94
CA LEU D 131 -1.01 1.06 -24.44
C LEU D 131 -0.55 2.49 -24.60
N ASP D 132 -1.33 3.30 -25.31
CA ASP D 132 -1.03 4.70 -25.50
C ASP D 132 -1.83 5.57 -24.53
N ILE D 133 -1.14 6.41 -23.79
CA ILE D 133 -1.77 7.19 -22.74
C ILE D 133 -1.61 8.64 -23.16
N TYR D 134 -1.74 8.90 -24.46
CA TYR D 134 -1.55 10.27 -24.94
C TYR D 134 -2.66 11.18 -24.46
N ASN D 135 -3.90 10.71 -24.48
CA ASN D 135 -5.04 11.45 -23.95
C ASN D 135 -5.73 10.54 -22.94
N PHE D 136 -5.55 10.84 -21.64
CA PHE D 136 -5.77 9.83 -20.61
C PHE D 136 -7.23 9.42 -20.44
N PRO D 137 -8.18 10.30 -20.09
CA PRO D 137 -9.53 9.79 -19.84
C PRO D 137 -10.31 9.49 -21.10
N PHE D 138 -9.86 9.90 -22.28
CA PHE D 138 -10.57 9.63 -23.53
C PHE D 138 -9.60 8.86 -24.42
N ASP D 139 -9.56 7.54 -24.29
CA ASP D 139 -8.59 6.77 -25.05
C ASP D 139 -9.15 5.41 -25.43
N VAL D 140 -9.01 5.05 -26.69
CA VAL D 140 -9.32 3.71 -27.15
C VAL D 140 -8.02 2.92 -27.21
N GLN D 141 -8.13 1.61 -27.03
CA GLN D 141 -6.96 0.74 -27.07
C GLN D 141 -7.18 -0.31 -28.15
N ASN D 142 -6.08 -0.87 -28.63
CA ASN D 142 -6.11 -1.80 -29.75
C ASN D 142 -5.18 -2.96 -29.40
N CYS D 143 -5.73 -3.96 -28.72
CA CYS D 143 -4.95 -5.10 -28.25
C CYS D 143 -5.14 -6.30 -29.17
N SER D 144 -4.13 -7.16 -29.24
CA SER D 144 -4.13 -8.28 -30.16
C SER D 144 -4.09 -9.59 -29.40
N LEU D 145 -4.81 -10.59 -29.91
CA LEU D 145 -4.73 -11.96 -29.43
C LEU D 145 -4.46 -12.83 -30.65
N THR D 146 -3.36 -13.57 -30.63
CA THR D 146 -2.94 -14.30 -31.82
C THR D 146 -2.92 -15.79 -31.52
N PHE D 147 -3.95 -16.50 -31.93
CA PHE D 147 -4.00 -17.94 -31.75
C PHE D 147 -3.14 -18.63 -32.80
N THR D 148 -2.28 -19.54 -32.36
CA THR D 148 -1.40 -20.24 -33.27
C THR D 148 -1.03 -21.58 -32.70
N SER D 149 -0.62 -22.49 -33.58
CA SER D 149 -0.06 -23.74 -33.15
C SER D 149 1.41 -23.54 -32.84
N TRP D 150 1.84 -23.98 -31.67
CA TRP D 150 3.19 -23.62 -31.24
C TRP D 150 4.25 -24.52 -31.87
N LEU D 151 3.91 -25.74 -32.26
CA LEU D 151 4.92 -26.62 -32.83
C LEU D 151 4.65 -26.93 -34.29
N HIS D 152 3.44 -27.36 -34.61
CA HIS D 152 3.13 -27.88 -35.92
C HIS D 152 3.10 -26.78 -36.98
N THR D 153 3.64 -27.10 -38.15
CA THR D 153 3.69 -26.16 -39.26
C THR D 153 2.35 -26.16 -40.00
N ILE D 154 2.27 -25.49 -41.13
CA ILE D 154 0.98 -25.29 -41.78
C ILE D 154 0.54 -26.50 -42.60
N GLN D 155 1.45 -27.43 -42.89
CA GLN D 155 1.03 -28.68 -43.52
C GLN D 155 0.71 -29.75 -42.49
N ASP D 156 0.58 -29.36 -41.22
CA ASP D 156 0.07 -30.28 -40.21
C ASP D 156 -1.19 -29.74 -39.57
N ILE D 157 -1.17 -28.49 -39.12
CA ILE D 157 -2.32 -27.87 -38.48
C ILE D 157 -2.61 -26.55 -39.14
N ASN D 158 -3.84 -26.38 -39.59
CA ASN D 158 -4.32 -25.18 -40.25
C ASN D 158 -5.49 -24.63 -39.45
N ILE D 159 -5.65 -23.32 -39.41
CA ILE D 159 -6.65 -22.69 -38.54
C ILE D 159 -7.64 -21.90 -39.38
N THR D 160 -8.93 -22.14 -39.15
CA THR D 160 -10.01 -21.45 -39.84
C THR D 160 -10.90 -20.85 -38.76
N LEU D 161 -11.93 -20.11 -39.16
CA LEU D 161 -12.97 -19.67 -38.24
C LEU D 161 -14.16 -20.61 -38.27
N TRP D 162 -14.85 -20.67 -37.14
CA TRP D 162 -16.10 -21.39 -37.03
C TRP D 162 -17.15 -20.77 -37.94
N ARG D 163 -17.46 -19.51 -37.69
CA ARG D 163 -18.52 -18.77 -38.35
C ARG D 163 -17.91 -17.56 -39.05
N SER D 164 -18.74 -16.85 -39.81
CA SER D 164 -18.25 -15.78 -40.66
C SER D 164 -17.78 -14.60 -39.81
N PRO D 165 -16.75 -13.87 -40.27
CA PRO D 165 -16.21 -12.77 -39.44
C PRO D 165 -17.09 -11.55 -39.31
N GLU D 166 -18.32 -11.55 -39.84
CA GLU D 166 -19.24 -10.46 -39.51
C GLU D 166 -19.95 -10.71 -38.20
N GLU D 167 -20.27 -11.97 -37.88
CA GLU D 167 -20.88 -12.28 -36.60
C GLU D 167 -19.93 -12.12 -35.43
N VAL D 168 -18.63 -12.27 -35.66
CA VAL D 168 -17.67 -12.15 -34.57
C VAL D 168 -17.44 -10.69 -34.23
N ARG D 169 -17.54 -9.80 -35.23
CA ARG D 169 -17.37 -8.37 -34.98
C ARG D 169 -18.49 -7.80 -34.13
N SER D 170 -19.73 -8.16 -34.45
CA SER D 170 -20.90 -7.53 -33.85
C SER D 170 -21.50 -8.38 -32.74
N ASP D 171 -20.68 -8.99 -31.90
CA ASP D 171 -21.16 -9.90 -30.86
C ASP D 171 -20.79 -9.31 -29.51
N LYS D 172 -21.70 -8.54 -28.93
CA LYS D 172 -21.57 -8.05 -27.56
C LYS D 172 -22.82 -8.54 -26.83
N SER D 173 -22.77 -9.77 -26.37
CA SER D 173 -23.97 -10.43 -25.86
C SER D 173 -23.88 -10.76 -24.38
N ILE D 174 -22.74 -11.27 -23.92
CA ILE D 174 -22.59 -11.67 -22.53
C ILE D 174 -21.50 -10.88 -21.83
N PHE D 175 -21.12 -9.74 -22.39
CA PHE D 175 -20.08 -8.91 -21.79
C PHE D 175 -20.59 -8.26 -20.51
N ILE D 176 -19.70 -8.10 -19.54
CA ILE D 176 -20.05 -7.52 -18.24
C ILE D 176 -19.69 -6.04 -18.26
N ASN D 177 -20.71 -5.18 -18.24
CA ASN D 177 -20.51 -3.74 -18.26
C ASN D 177 -20.29 -3.22 -16.85
N GLN D 178 -20.39 -1.88 -16.71
CA GLN D 178 -20.23 -1.14 -15.44
C GLN D 178 -18.84 -1.37 -14.84
N GLY D 179 -17.84 -1.49 -15.69
CA GLY D 179 -16.54 -1.88 -15.23
C GLY D 179 -15.37 -1.12 -15.83
N GLU D 180 -15.57 0.18 -16.07
CA GLU D 180 -14.56 1.17 -16.49
C GLU D 180 -14.13 1.00 -17.94
N TRP D 181 -14.47 -0.11 -18.58
CA TRP D 181 -14.05 -0.38 -19.94
C TRP D 181 -15.25 -0.85 -20.74
N GLU D 182 -15.41 -0.29 -21.93
CA GLU D 182 -16.51 -0.63 -22.81
C GLU D 182 -15.96 -1.34 -24.03
N LEU D 183 -16.51 -2.51 -24.35
CA LEU D 183 -16.08 -3.25 -25.51
C LEU D 183 -16.72 -2.67 -26.76
N LEU D 184 -15.93 -2.47 -27.80
CA LEU D 184 -16.45 -1.92 -29.05
C LEU D 184 -16.63 -2.98 -30.12
N GLU D 185 -15.56 -3.69 -30.47
CA GLU D 185 -15.65 -4.77 -31.45
C GLU D 185 -14.48 -5.72 -31.28
N VAL D 186 -14.65 -6.93 -31.79
CA VAL D 186 -13.62 -7.96 -31.81
C VAL D 186 -13.50 -8.43 -33.25
N PHE D 187 -12.45 -8.03 -33.95
CA PHE D 187 -12.34 -8.27 -35.38
C PHE D 187 -11.27 -9.31 -35.67
N PRO D 188 -11.61 -10.41 -36.34
CA PRO D 188 -10.60 -11.43 -36.63
C PRO D 188 -9.96 -11.24 -38.00
N GLN D 189 -8.76 -11.81 -38.13
CA GLN D 189 -8.02 -11.70 -39.38
C GLN D 189 -6.99 -12.82 -39.46
N PHE D 190 -7.01 -13.58 -40.56
CA PHE D 190 -6.06 -14.66 -40.78
C PHE D 190 -4.83 -14.13 -41.49
N LYS D 191 -3.66 -14.53 -41.00
CA LYS D 191 -2.40 -14.23 -41.70
C LYS D 191 -1.48 -15.42 -41.53
N GLU D 192 -0.57 -15.59 -42.50
CA GLU D 192 0.19 -16.83 -42.65
C GLU D 192 1.67 -16.57 -42.36
N PHE D 193 2.02 -16.76 -41.10
CA PHE D 193 3.34 -16.39 -40.61
C PHE D 193 4.38 -17.43 -41.02
N SER D 194 5.55 -16.94 -41.43
CA SER D 194 6.65 -17.81 -41.87
C SER D 194 7.96 -17.22 -41.40
N ILE D 195 8.84 -18.08 -40.88
CA ILE D 195 10.13 -17.62 -40.40
C ILE D 195 11.18 -17.72 -41.50
N ASP D 196 11.01 -18.67 -42.42
CA ASP D 196 11.86 -18.83 -43.58
C ASP D 196 11.09 -19.63 -44.63
N ILE D 197 11.81 -20.14 -45.61
CA ILE D 197 11.20 -21.07 -46.54
C ILE D 197 10.97 -22.41 -45.83
N SER D 198 9.87 -23.06 -46.20
CA SER D 198 9.45 -24.41 -45.77
C SER D 198 9.20 -24.54 -44.27
N ASN D 199 9.03 -23.45 -43.54
CA ASN D 199 8.58 -23.49 -42.15
C ASN D 199 7.59 -22.34 -41.94
N SER D 200 6.31 -22.64 -42.16
CA SER D 200 5.25 -21.65 -42.10
C SER D 200 4.26 -22.05 -41.02
N TYR D 201 3.86 -21.08 -40.20
CA TYR D 201 2.91 -21.32 -39.13
C TYR D 201 1.63 -20.55 -39.41
N ALA D 202 0.50 -21.25 -39.45
CA ALA D 202 -0.77 -20.57 -39.60
C ALA D 202 -1.16 -19.92 -38.29
N GLU D 203 -1.78 -18.75 -38.35
CA GLU D 203 -2.22 -18.09 -37.13
C GLU D 203 -3.45 -17.24 -37.41
N MET D 204 -4.30 -17.11 -36.39
CA MET D 204 -5.51 -16.33 -36.45
C MET D 204 -5.41 -15.20 -35.43
N LYS D 205 -5.68 -13.98 -35.85
CA LYS D 205 -5.39 -12.81 -35.04
C LYS D 205 -6.68 -12.05 -34.77
N PHE D 206 -7.03 -11.92 -33.50
CA PHE D 206 -8.18 -11.16 -33.05
C PHE D 206 -7.72 -9.82 -32.52
N TYR D 207 -8.39 -8.75 -32.94
CA TYR D 207 -8.15 -7.42 -32.41
C TYR D 207 -9.32 -7.02 -31.54
N VAL D 208 -9.08 -6.84 -30.26
CA VAL D 208 -10.10 -6.30 -29.36
C VAL D 208 -9.87 -4.80 -29.26
N ILE D 209 -10.96 -4.04 -29.23
CA ILE D 209 -10.90 -2.59 -29.15
C ILE D 209 -11.77 -2.17 -27.98
N ILE D 210 -11.16 -1.58 -26.97
CA ILE D 210 -11.86 -1.18 -25.77
C ILE D 210 -11.70 0.32 -25.57
N ARG D 211 -12.69 0.93 -24.93
CA ARG D 211 -12.71 2.37 -24.68
C ARG D 211 -12.98 2.62 -23.22
N ARG D 212 -12.23 3.53 -22.63
CA ARG D 212 -12.38 3.85 -21.21
C ARG D 212 -13.58 4.76 -20.98
N ARG D 213 -14.35 4.46 -19.95
CA ARG D 213 -15.45 5.36 -19.56
C ARG D 213 -14.88 6.52 -18.77
N PRO D 214 -14.97 7.75 -19.27
CA PRO D 214 -14.28 8.88 -18.63
C PRO D 214 -15.00 9.47 -17.43
N LEU D 215 -16.10 8.86 -16.96
CA LEU D 215 -16.88 9.47 -15.90
C LEU D 215 -16.20 9.37 -14.54
N PHE D 216 -15.27 8.43 -14.37
CA PHE D 216 -14.60 8.28 -13.09
C PHE D 216 -13.66 9.45 -12.82
N TYR D 217 -13.14 10.04 -13.88
CA TYR D 217 -12.05 11.01 -13.82
C TYR D 217 -12.55 12.41 -14.19
N ALA D 218 -13.76 12.73 -13.74
CA ALA D 218 -14.27 14.08 -13.78
C ALA D 218 -14.68 14.54 -12.39
N VAL D 219 -14.68 13.65 -11.41
CA VAL D 219 -14.93 14.00 -10.03
C VAL D 219 -13.69 13.82 -9.16
N SER D 220 -12.68 13.10 -9.63
CA SER D 220 -11.48 12.87 -8.85
C SER D 220 -10.39 13.89 -9.12
N LEU D 221 -10.36 14.49 -10.31
CA LEU D 221 -9.34 15.48 -10.60
C LEU D 221 -9.84 16.71 -11.33
N LEU D 222 -11.07 16.73 -11.82
CA LEU D 222 -11.57 17.96 -12.42
C LEU D 222 -12.26 18.83 -11.38
N LEU D 223 -12.83 18.24 -10.35
CA LEU D 223 -13.60 18.99 -9.36
C LEU D 223 -12.70 19.77 -8.40
N PRO D 224 -11.60 19.25 -7.84
CA PRO D 224 -10.73 20.14 -7.05
C PRO D 224 -9.92 21.11 -7.88
N SER D 225 -9.77 20.86 -9.18
CA SER D 225 -8.97 21.77 -9.99
C SER D 225 -9.73 23.07 -10.28
N ILE D 226 -11.04 22.99 -10.48
CA ILE D 226 -11.83 24.21 -10.62
C ILE D 226 -12.26 24.78 -9.28
N PHE D 227 -12.04 24.04 -8.20
CA PHE D 227 -12.41 24.56 -6.89
C PHE D 227 -11.36 25.53 -6.36
N LEU D 228 -10.09 25.24 -6.56
CA LEU D 228 -9.06 26.14 -6.08
C LEU D 228 -8.83 27.32 -7.02
N MET D 229 -9.57 27.41 -8.11
CA MET D 229 -9.64 28.67 -8.85
C MET D 229 -10.53 29.67 -8.14
N VAL D 230 -11.72 29.26 -7.68
CA VAL D 230 -12.67 30.21 -7.11
C VAL D 230 -12.26 30.65 -5.71
N VAL D 231 -11.34 29.94 -5.06
CA VAL D 231 -10.81 30.43 -3.80
C VAL D 231 -9.84 31.58 -4.05
N ASP D 232 -9.11 31.57 -5.17
CA ASP D 232 -8.28 32.71 -5.51
C ASP D 232 -9.07 33.90 -6.04
N ILE D 233 -10.27 33.67 -6.57
CA ILE D 233 -11.07 34.80 -7.02
C ILE D 233 -11.60 35.59 -5.83
N VAL D 234 -12.02 34.90 -4.76
CA VAL D 234 -12.39 35.60 -3.53
C VAL D 234 -11.17 35.94 -2.70
N GLY D 235 -9.97 35.55 -3.12
CA GLY D 235 -8.77 35.94 -2.41
C GLY D 235 -8.25 37.31 -2.77
N PHE D 236 -8.66 37.85 -3.92
CA PHE D 236 -8.25 39.19 -4.28
C PHE D 236 -9.10 40.27 -3.63
N CYS D 237 -10.14 39.92 -2.90
CA CYS D 237 -10.97 40.91 -2.25
C CYS D 237 -10.33 41.49 -0.99
N LEU D 238 -9.26 40.88 -0.51
CA LEU D 238 -8.52 41.44 0.61
C LEU D 238 -7.80 42.71 0.17
N PRO D 239 -7.79 43.75 1.00
CA PRO D 239 -6.96 44.91 0.69
C PRO D 239 -5.49 44.57 0.91
N PRO D 240 -4.59 45.15 0.10
CA PRO D 240 -3.20 44.69 0.12
C PRO D 240 -2.41 45.07 1.35
N ASP D 241 -2.72 46.20 1.99
CA ASP D 241 -1.94 46.66 3.13
C ASP D 241 -2.34 46.01 4.44
N SER D 242 -3.17 44.97 4.42
CA SER D 242 -3.60 44.33 5.67
C SER D 242 -2.48 43.47 6.24
N GLY D 243 -2.00 42.50 5.47
CA GLY D 243 -0.89 41.66 5.87
C GLY D 243 -1.16 40.17 5.71
N GLU D 244 -2.43 39.77 5.73
CA GLU D 244 -2.76 38.35 5.59
C GLU D 244 -2.89 37.94 4.14
N ARG D 245 -2.82 38.88 3.21
CA ARG D 245 -3.01 38.56 1.80
C ARG D 245 -1.85 37.74 1.27
N VAL D 246 -0.65 38.01 1.76
CA VAL D 246 0.52 37.22 1.36
C VAL D 246 0.46 35.84 2.01
N SER D 247 0.03 35.77 3.26
CA SER D 247 -0.12 34.49 3.93
C SER D 247 -1.30 33.69 3.39
N PHE D 248 -2.26 34.36 2.77
CA PHE D 248 -3.38 33.64 2.15
C PHE D 248 -2.92 32.91 0.90
N LYS D 249 -2.14 33.59 0.05
CA LYS D 249 -1.81 33.03 -1.26
C LYS D 249 -0.81 31.90 -1.16
N ILE D 250 0.11 31.94 -0.18
CA ILE D 250 1.08 30.88 -0.07
C ILE D 250 0.47 29.64 0.58
N THR D 251 -0.62 29.79 1.31
CA THR D 251 -1.24 28.64 1.97
C THR D 251 -1.88 27.71 0.95
N LEU D 252 -2.60 28.25 -0.03
CA LEU D 252 -3.25 27.37 -0.99
C LEU D 252 -2.32 26.94 -2.11
N LEU D 253 -1.21 27.64 -2.32
CA LEU D 253 -0.18 27.09 -3.20
C LEU D 253 0.48 25.89 -2.54
N LEU D 254 0.65 25.92 -1.22
CA LEU D 254 0.98 24.71 -0.49
C LEU D 254 -0.14 23.69 -0.59
N GLY D 255 -1.39 24.15 -0.53
CA GLY D 255 -2.52 23.24 -0.58
C GLY D 255 -2.73 22.59 -1.93
N TYR D 256 -2.31 23.24 -3.01
CA TYR D 256 -2.45 22.65 -4.33
C TYR D 256 -1.25 21.79 -4.70
N SER D 257 -0.08 22.07 -4.14
CA SER D 257 1.08 21.23 -4.38
C SER D 257 0.95 19.87 -3.73
N VAL D 258 0.18 19.78 -2.64
CA VAL D 258 -0.19 18.48 -2.09
C VAL D 258 -1.12 17.75 -3.05
N PHE D 259 -2.00 18.50 -3.74
CA PHE D 259 -2.96 17.89 -4.64
C PHE D 259 -2.31 17.32 -5.88
N LEU D 260 -1.24 17.95 -6.38
CA LEU D 260 -0.57 17.43 -7.56
C LEU D 260 0.17 16.13 -7.26
N ILE D 261 0.63 15.97 -6.02
CA ILE D 261 1.42 14.81 -5.67
C ILE D 261 0.53 13.61 -5.41
N ILE D 262 -0.57 13.82 -4.67
CA ILE D 262 -1.40 12.70 -4.23
C ILE D 262 -2.24 12.13 -5.37
N VAL D 263 -2.41 12.87 -6.46
CA VAL D 263 -3.28 12.43 -7.54
C VAL D 263 -2.43 11.84 -8.66
N SER D 264 -1.20 12.33 -8.81
CA SER D 264 -0.30 11.77 -9.83
C SER D 264 0.20 10.38 -9.47
N ASP D 265 0.02 9.94 -8.21
CA ASP D 265 0.36 8.57 -7.84
C ASP D 265 -0.63 7.58 -8.48
N THR D 266 -1.89 7.98 -8.61
CA THR D 266 -2.91 7.09 -9.17
C THR D 266 -3.20 7.36 -10.65
N LEU D 267 -2.31 8.04 -11.36
CA LEU D 267 -2.50 8.31 -12.79
C LEU D 267 -1.22 7.96 -13.54
N PRO D 268 -1.23 6.90 -14.36
CA PRO D 268 0.02 6.43 -14.97
C PRO D 268 0.42 7.27 -16.18
N ALA D 269 1.67 7.06 -16.60
CA ALA D 269 2.24 7.75 -17.77
C ALA D 269 3.42 6.94 -18.27
N THR D 270 3.35 6.48 -19.52
CA THR D 270 4.37 5.60 -20.09
C THR D 270 4.73 6.03 -21.51
N ALA D 271 6.03 6.07 -21.81
CA ALA D 271 6.68 6.17 -23.11
C ALA D 271 6.42 7.48 -23.86
N ILE D 272 5.69 8.42 -23.27
CA ILE D 272 5.35 9.67 -23.94
C ILE D 272 5.95 10.79 -23.11
N GLY D 273 6.09 10.54 -21.81
CA GLY D 273 6.29 11.62 -20.88
C GLY D 273 5.02 11.82 -20.08
N THR D 274 4.24 12.83 -20.46
CA THR D 274 2.96 13.11 -19.85
C THR D 274 1.84 13.01 -20.88
N PRO D 275 0.61 12.74 -20.45
CA PRO D 275 -0.55 12.94 -21.33
C PRO D 275 -0.90 14.41 -21.51
N LEU D 276 -2.01 14.69 -22.20
CA LEU D 276 -2.45 16.07 -22.34
C LEU D 276 -3.11 16.62 -21.09
N ILE D 277 -3.37 15.78 -20.08
CA ILE D 277 -3.87 16.29 -18.81
C ILE D 277 -2.75 17.00 -18.06
N GLY D 278 -1.54 16.46 -18.12
CA GLY D 278 -0.40 17.09 -17.45
C GLY D 278 -0.01 18.43 -18.03
N VAL D 279 -0.34 18.69 -19.28
CA VAL D 279 -0.15 20.03 -19.84
C VAL D 279 -1.16 20.99 -19.24
N TYR D 280 -2.39 20.53 -19.00
CA TYR D 280 -3.44 21.38 -18.48
C TYR D 280 -3.37 21.54 -16.96
N PHE D 281 -2.33 21.05 -16.30
CA PHE D 281 -2.08 21.38 -14.91
C PHE D 281 -0.89 22.30 -14.72
N VAL D 282 0.06 22.30 -15.66
CA VAL D 282 1.11 23.31 -15.65
C VAL D 282 0.51 24.68 -15.94
N VAL D 283 -0.53 24.73 -16.77
CA VAL D 283 -1.27 25.97 -16.96
C VAL D 283 -1.99 26.38 -15.67
N CYS D 284 -2.45 25.40 -14.89
CA CYS D 284 -3.04 25.73 -13.59
C CYS D 284 -2.01 26.25 -12.60
N MET D 285 -0.76 25.79 -12.70
CA MET D 285 0.28 26.33 -11.83
C MET D 285 0.72 27.71 -12.28
N ALA D 286 0.90 27.90 -13.59
CA ALA D 286 1.35 29.19 -14.09
C ALA D 286 0.28 30.25 -13.95
N LEU D 287 -0.99 29.86 -13.88
CA LEU D 287 -2.04 30.84 -13.63
C LEU D 287 -2.15 31.19 -12.16
N LEU D 288 -1.43 30.49 -11.29
CA LEU D 288 -1.50 30.74 -9.86
C LEU D 288 -0.22 31.37 -9.31
N VAL D 289 0.91 31.21 -9.99
CA VAL D 289 2.12 31.94 -9.62
C VAL D 289 1.99 33.40 -10.03
N ILE D 290 1.32 33.66 -11.16
CA ILE D 290 1.03 35.05 -11.56
C ILE D 290 0.08 35.70 -10.56
N SER D 291 -0.81 34.91 -9.97
CA SER D 291 -1.60 35.42 -8.85
C SER D 291 -0.74 35.74 -7.64
N LEU D 292 0.36 35.01 -7.46
CA LEU D 292 1.26 35.30 -6.35
C LEU D 292 2.26 36.37 -6.71
N ALA D 293 2.61 36.51 -7.98
CA ALA D 293 3.57 37.53 -8.38
C ALA D 293 2.95 38.91 -8.51
N GLU D 294 1.63 39.03 -8.45
CA GLU D 294 1.06 40.36 -8.48
C GLU D 294 0.70 40.87 -7.08
N THR D 295 0.39 39.97 -6.15
CA THR D 295 0.28 40.38 -4.76
C THR D 295 1.63 40.57 -4.11
N ILE D 296 2.71 40.12 -4.75
CA ILE D 296 4.04 40.37 -4.21
C ILE D 296 4.56 41.72 -4.66
N PHE D 297 3.86 42.37 -5.59
CA PHE D 297 4.24 43.64 -6.19
C PHE D 297 3.45 44.81 -5.65
N ILE D 298 2.19 44.60 -5.28
CA ILE D 298 1.42 45.68 -4.66
C ILE D 298 1.89 45.92 -3.23
N VAL D 299 2.24 44.85 -2.52
CA VAL D 299 2.72 44.97 -1.15
C VAL D 299 4.07 45.69 -1.12
N ARG D 300 4.87 45.54 -2.17
CA ARG D 300 6.13 46.28 -2.26
C ARG D 300 5.88 47.77 -2.48
N LEU D 301 4.82 48.12 -3.20
CA LEU D 301 4.48 49.52 -3.42
C LEU D 301 3.66 50.12 -2.31
N VAL D 302 2.88 49.33 -1.60
CA VAL D 302 1.98 49.84 -0.56
C VAL D 302 2.58 49.43 0.77
N HIS D 303 3.38 50.31 1.35
CA HIS D 303 4.16 50.03 2.55
C HIS D 303 4.70 51.36 3.06
N LYS D 304 5.11 51.38 4.31
CA LYS D 304 5.63 52.59 4.97
C LYS D 304 7.10 52.39 5.34
N GLN D 305 8.00 52.76 4.43
CA GLN D 305 9.42 52.55 4.62
C GLN D 305 10.24 53.84 4.52
N ASP D 306 9.64 54.99 4.89
CA ASP D 306 10.18 56.33 4.66
C ASP D 306 10.56 56.54 3.20
N LEU D 307 9.55 56.56 2.32
CA LEU D 307 9.80 56.65 0.90
C LEU D 307 9.41 58.01 0.33
N GLN D 308 9.85 58.25 -0.90
CA GLN D 308 9.80 59.57 -1.52
C GLN D 308 8.50 59.80 -2.26
N ARG D 309 8.49 60.86 -3.07
CA ARG D 309 7.30 61.28 -3.80
C ARG D 309 6.98 60.32 -4.93
N PRO D 310 5.71 60.12 -5.25
CA PRO D 310 5.35 59.40 -6.47
C PRO D 310 5.68 60.26 -7.68
N VAL D 311 6.18 59.61 -8.71
CA VAL D 311 6.76 60.33 -9.85
C VAL D 311 5.63 60.96 -10.66
N PRO D 312 5.70 62.26 -10.99
CA PRO D 312 4.61 62.89 -11.76
C PRO D 312 4.51 62.40 -13.18
N ASP D 313 5.56 61.73 -13.70
CA ASP D 313 5.42 60.94 -14.91
C ASP D 313 4.41 59.83 -14.71
N TRP D 314 4.42 59.21 -13.54
CA TRP D 314 3.57 58.05 -13.29
C TRP D 314 2.38 58.38 -12.40
N LEU D 315 2.14 59.67 -12.16
CA LEU D 315 0.89 60.13 -11.57
C LEU D 315 -0.10 60.55 -12.65
N ARG D 316 0.38 61.28 -13.66
CA ARG D 316 -0.47 61.63 -14.79
C ARG D 316 -0.82 60.40 -15.61
N HIS D 317 0.12 59.47 -15.74
CA HIS D 317 -0.10 58.27 -16.53
C HIS D 317 -1.08 57.32 -15.85
N LEU D 318 -1.16 57.34 -14.52
CA LEU D 318 -1.89 56.30 -13.82
C LEU D 318 -3.21 56.81 -13.25
N VAL D 319 -3.18 57.87 -12.46
CA VAL D 319 -4.40 58.25 -11.73
C VAL D 319 -5.39 58.93 -12.65
N LEU D 320 -4.91 59.81 -13.53
CA LEU D 320 -5.80 60.63 -14.34
C LEU D 320 -6.16 59.99 -15.68
N ASP D 321 -5.50 58.90 -16.07
CA ASP D 321 -5.79 58.25 -17.34
C ASP D 321 -6.59 56.97 -17.16
N ARG D 322 -6.43 56.29 -16.04
CA ARG D 322 -7.21 55.09 -15.73
C ARG D 322 -8.50 55.43 -14.99
N ILE D 323 -8.94 56.69 -15.02
CA ILE D 323 -10.18 57.12 -14.40
C ILE D 323 -11.29 57.03 -15.46
N ALA D 324 -10.90 56.71 -16.70
CA ALA D 324 -11.83 56.48 -17.79
C ALA D 324 -11.70 55.09 -18.40
N TRP D 325 -10.78 54.27 -17.91
CA TRP D 325 -10.52 52.97 -18.55
C TRP D 325 -11.16 51.83 -17.78
N ILE D 326 -11.07 51.85 -16.44
CA ILE D 326 -11.61 50.77 -15.62
C ILE D 326 -12.61 51.29 -14.59
N LEU D 327 -12.31 52.44 -13.98
CA LEU D 327 -13.15 53.02 -12.94
C LEU D 327 -13.81 54.27 -13.52
N CYS D 328 -14.67 54.90 -12.74
CA CYS D 328 -15.24 56.20 -13.12
C CYS D 328 -14.77 57.29 -12.16
N LEU D 385 11.99 90.16 24.88
CA LEU D 385 12.82 88.98 24.63
C LEU D 385 12.03 87.71 24.83
N ALA D 386 11.07 87.75 25.76
CA ALA D 386 10.27 86.57 26.05
C ALA D 386 9.25 86.29 24.97
N VAL D 387 8.84 87.30 24.21
CA VAL D 387 7.91 87.06 23.13
C VAL D 387 8.64 86.45 21.93
N ARG D 388 9.96 86.59 21.88
CA ARG D 388 10.75 85.91 20.85
C ARG D 388 11.19 84.52 21.30
N GLY D 389 11.47 84.37 22.60
CA GLY D 389 11.93 83.08 23.10
C GLY D 389 10.84 82.02 23.11
N LEU D 390 9.61 82.43 23.43
CA LEU D 390 8.49 81.49 23.32
C LEU D 390 8.12 81.24 21.87
N LEU D 391 8.38 82.21 20.98
CA LEU D 391 8.06 82.03 19.58
C LEU D 391 9.01 81.03 18.92
N GLN D 392 10.26 80.97 19.39
CA GLN D 392 11.19 79.96 18.88
C GLN D 392 10.81 78.57 19.38
N GLU D 393 10.16 78.49 20.55
CA GLU D 393 9.72 77.20 21.05
C GLU D 393 8.56 76.65 20.23
N LEU D 394 7.58 77.50 19.93
CA LEU D 394 6.37 77.02 19.25
C LEU D 394 6.64 76.73 17.77
N SER D 395 7.53 77.49 17.15
CA SER D 395 7.86 77.24 15.75
C SER D 395 8.64 75.95 15.58
N SER D 396 9.38 75.53 16.61
CA SER D 396 10.06 74.24 16.57
C SER D 396 9.10 73.09 16.83
N ILE D 397 8.05 73.32 17.61
CA ILE D 397 7.04 72.30 17.84
C ILE D 397 6.20 72.10 16.59
N ARG D 398 5.84 73.20 15.91
CA ARG D 398 5.11 73.11 14.65
C ARG D 398 5.94 72.43 13.57
N HIS D 399 7.25 72.65 13.58
CA HIS D 399 8.14 71.97 12.65
C HIS D 399 8.21 70.47 12.93
N PHE D 400 8.04 70.07 14.18
CA PHE D 400 8.02 68.66 14.52
C PHE D 400 6.73 67.98 14.11
N LEU D 401 5.64 68.73 13.98
CA LEU D 401 4.39 68.15 13.52
C LEU D 401 4.21 68.27 12.01
N GLU D 402 4.70 69.34 11.39
CA GLU D 402 4.57 69.46 9.94
C GLU D 402 5.53 68.54 9.20
N LYS D 403 6.50 67.97 9.91
CA LYS D 403 7.27 66.85 9.40
C LYS D 403 6.49 65.55 9.51
N ARG D 404 5.62 65.44 10.51
CA ARG D 404 4.89 64.20 10.76
C ARG D 404 3.71 64.01 9.81
N ASP D 405 2.93 65.06 9.54
CA ASP D 405 1.72 64.90 8.77
C ASP D 405 2.00 64.70 7.29
N GLU D 406 3.13 65.22 6.79
CA GLU D 406 3.51 64.95 5.41
C GLU D 406 4.04 63.53 5.26
N MET D 407 4.49 62.92 6.36
CA MET D 407 4.80 61.49 6.32
C MET D 407 3.53 60.65 6.33
N ARG D 408 2.41 61.21 6.82
CA ARG D 408 1.13 60.58 6.54
C ARG D 408 0.66 60.88 5.12
N GLU D 409 1.18 61.94 4.52
CA GLU D 409 0.95 62.19 3.10
C GLU D 409 1.86 61.36 2.21
N VAL D 410 2.77 60.59 2.80
CA VAL D 410 3.51 59.60 2.03
C VAL D 410 2.55 58.56 1.47
N ALA D 411 1.78 57.92 2.35
CA ALA D 411 1.11 56.68 2.00
C ALA D 411 -0.12 56.91 1.14
N ARG D 412 -0.82 58.03 1.37
CA ARG D 412 -2.11 58.23 0.74
C ARG D 412 -1.98 58.43 -0.76
N ASP D 413 -0.81 58.88 -1.23
CA ASP D 413 -0.58 58.85 -2.67
C ASP D 413 -0.21 57.46 -3.13
N TRP D 414 0.60 56.72 -2.36
CA TRP D 414 0.97 55.38 -2.77
C TRP D 414 -0.16 54.38 -2.52
N LEU D 415 -1.02 54.62 -1.53
CA LEU D 415 -2.23 53.81 -1.41
C LEU D 415 -3.16 54.03 -2.59
N ARG D 416 -3.21 55.25 -3.10
CA ARG D 416 -4.09 55.54 -4.23
C ARG D 416 -3.56 54.89 -5.51
N VAL D 417 -2.24 54.85 -5.68
CA VAL D 417 -1.67 54.15 -6.82
C VAL D 417 -1.83 52.64 -6.67
N GLY D 418 -1.61 52.12 -5.46
CA GLY D 418 -1.72 50.70 -5.23
C GLY D 418 -3.12 50.15 -5.32
N TYR D 419 -4.14 50.99 -5.19
CA TYR D 419 -5.51 50.50 -5.36
C TYR D 419 -5.95 50.51 -6.82
N VAL D 420 -5.41 51.41 -7.63
CA VAL D 420 -5.78 51.44 -9.04
C VAL D 420 -5.12 50.31 -9.79
N LEU D 421 -3.87 49.98 -9.43
CA LEU D 421 -3.21 48.82 -10.01
C LEU D 421 -3.87 47.51 -9.57
N ASP D 422 -4.47 47.49 -8.38
CA ASP D 422 -5.09 46.26 -7.90
C ASP D 422 -6.40 45.97 -8.61
N ARG D 423 -7.17 47.01 -8.94
CA ARG D 423 -8.39 46.79 -9.69
C ARG D 423 -8.11 46.59 -11.17
N LEU D 424 -7.00 47.13 -11.67
CA LEU D 424 -6.62 46.90 -13.06
C LEU D 424 -6.18 45.46 -13.27
N LEU D 425 -5.31 44.95 -12.40
CA LEU D 425 -4.82 43.59 -12.53
C LEU D 425 -5.88 42.57 -12.13
N PHE D 426 -6.91 42.98 -11.40
CA PHE D 426 -8.01 42.07 -11.11
C PHE D 426 -8.85 41.77 -12.33
N ARG D 427 -9.02 42.75 -13.23
CA ARG D 427 -9.82 42.52 -14.42
C ARG D 427 -9.08 41.66 -15.43
N ILE D 428 -7.76 41.85 -15.55
CA ILE D 428 -6.97 41.09 -16.50
C ILE D 428 -6.86 39.64 -16.05
N TYR D 429 -6.72 39.40 -14.76
CA TYR D 429 -6.71 38.04 -14.26
C TYR D 429 -8.08 37.39 -14.37
N LEU D 430 -9.15 38.18 -14.29
CA LEU D 430 -10.49 37.60 -14.38
C LEU D 430 -10.82 37.24 -15.82
N LEU D 431 -10.23 37.92 -16.80
CA LEU D 431 -10.46 37.53 -18.18
C LEU D 431 -9.65 36.29 -18.56
N ALA D 432 -8.43 36.19 -18.04
CA ALA D 432 -7.57 35.06 -18.39
C ALA D 432 -8.09 33.75 -17.81
N VAL D 433 -8.79 33.82 -16.68
CA VAL D 433 -9.51 32.66 -16.20
C VAL D 433 -10.71 32.38 -17.10
N LEU D 434 -11.40 33.44 -17.51
CA LEU D 434 -12.62 33.27 -18.32
C LEU D 434 -12.29 32.87 -19.75
N ALA D 435 -11.16 33.34 -20.29
CA ALA D 435 -10.80 32.96 -21.66
C ALA D 435 -10.33 31.52 -21.73
N TYR D 436 -9.70 31.02 -20.68
CA TYR D 436 -9.26 29.63 -20.66
C TYR D 436 -10.37 28.68 -20.25
N SER D 437 -11.41 29.18 -19.57
CA SER D 437 -12.50 28.31 -19.17
C SER D 437 -13.35 27.90 -20.36
N ILE D 438 -13.55 28.79 -21.32
CA ILE D 438 -14.35 28.42 -22.49
C ILE D 438 -13.56 27.53 -23.44
N THR D 439 -12.23 27.65 -23.45
CA THR D 439 -11.40 26.80 -24.29
C THR D 439 -11.42 25.36 -23.79
N LEU D 440 -11.49 25.18 -22.47
CA LEU D 440 -11.59 23.83 -21.92
C LEU D 440 -12.98 23.24 -22.18
N VAL D 441 -14.00 24.07 -22.29
CA VAL D 441 -15.34 23.56 -22.59
C VAL D 441 -15.48 23.26 -24.07
N THR D 442 -14.99 24.16 -24.94
CA THR D 442 -15.20 24.01 -26.38
C THR D 442 -14.40 22.88 -27.00
N LEU D 443 -13.43 22.31 -26.28
CA LEU D 443 -12.81 21.07 -26.73
C LEU D 443 -13.57 19.85 -26.25
N TRP D 444 -14.26 19.96 -25.11
CA TRP D 444 -15.07 18.86 -24.62
C TRP D 444 -16.31 18.66 -25.46
N SER D 445 -16.86 19.74 -26.03
CA SER D 445 -18.02 19.60 -26.89
C SER D 445 -17.69 18.98 -28.24
N ILE D 446 -16.44 19.08 -28.69
CA ILE D 446 -16.02 18.41 -29.91
C ILE D 446 -16.03 16.90 -29.72
N TRP D 447 -15.56 16.43 -28.56
CA TRP D 447 -15.59 15.00 -28.27
C TRP D 447 -17.02 14.50 -28.08
N HIS D 448 -17.84 15.25 -27.36
CA HIS D 448 -19.15 14.77 -26.97
C HIS D 448 -20.11 14.67 -28.14
N TYR D 449 -19.99 15.58 -29.11
CA TYR D 449 -20.85 15.54 -30.30
C TYR D 449 -20.33 14.47 -31.24
N SER D 450 -21.05 13.34 -31.30
CA SER D 450 -20.74 12.17 -32.13
C SER D 450 -19.33 11.62 -31.91
N THR E 1 -19.70 -69.37 -2.96
CA THR E 1 -18.64 -68.45 -2.57
C THR E 1 -18.09 -68.76 -1.18
N THR E 2 -17.15 -67.93 -0.74
CA THR E 2 -16.56 -68.02 0.59
C THR E 2 -16.94 -66.79 1.38
N GLN E 3 -16.28 -66.60 2.52
CA GLN E 3 -16.49 -65.42 3.34
C GLN E 3 -15.17 -64.71 3.67
N PRO E 4 -14.42 -64.24 2.66
CA PRO E 4 -13.07 -63.73 2.98
C PRO E 4 -13.09 -62.36 3.65
N ALA E 5 -14.03 -61.51 3.24
CA ALA E 5 -14.32 -60.19 3.82
C ALA E 5 -15.66 -59.78 3.25
N LEU E 6 -15.93 -58.47 3.25
CA LEU E 6 -17.00 -57.95 2.42
C LEU E 6 -16.52 -56.80 1.51
N LEU E 7 -15.31 -56.94 0.98
CA LEU E 7 -14.84 -56.18 -0.16
C LEU E 7 -15.17 -56.89 -1.46
N ARG E 8 -15.85 -58.03 -1.40
CA ARG E 8 -16.21 -58.74 -2.60
C ARG E 8 -17.39 -58.09 -3.30
N LEU E 9 -18.10 -57.20 -2.60
CA LEU E 9 -19.06 -56.35 -3.28
C LEU E 9 -18.36 -55.33 -4.16
N SER E 10 -17.37 -54.64 -3.61
CA SER E 10 -16.62 -53.66 -4.40
C SER E 10 -15.80 -54.30 -5.50
N ASP E 11 -15.49 -55.59 -5.41
CA ASP E 11 -14.92 -56.29 -6.53
C ASP E 11 -15.98 -56.59 -7.58
N HIS E 12 -17.24 -56.70 -7.15
CA HIS E 12 -18.30 -57.13 -8.04
C HIS E 12 -18.73 -56.04 -9.00
N LEU E 13 -18.73 -54.79 -8.56
CA LEU E 13 -19.34 -53.73 -9.36
C LEU E 13 -18.35 -52.67 -9.81
N LEU E 14 -17.05 -52.88 -9.56
CA LEU E 14 -16.00 -52.05 -10.15
C LEU E 14 -14.98 -52.86 -10.92
N ALA E 15 -15.30 -54.10 -11.31
CA ALA E 15 -14.35 -54.89 -12.07
C ALA E 15 -14.27 -54.41 -13.51
N ASN E 16 -15.39 -54.43 -14.22
CA ASN E 16 -15.46 -54.02 -15.61
C ASN E 16 -16.24 -52.71 -15.77
N TYR E 17 -16.03 -51.77 -14.86
CA TYR E 17 -16.73 -50.50 -14.90
C TYR E 17 -15.91 -49.48 -15.66
N LYS E 18 -16.54 -48.79 -16.60
CA LYS E 18 -15.89 -47.77 -17.40
C LYS E 18 -16.31 -46.39 -16.91
N LYS E 19 -15.37 -45.61 -16.45
CA LYS E 19 -15.65 -44.30 -15.88
C LYS E 19 -15.75 -43.20 -16.92
N GLY E 20 -15.85 -43.53 -18.20
CA GLY E 20 -15.93 -42.50 -19.22
C GLY E 20 -17.31 -42.34 -19.79
N VAL E 21 -18.12 -43.38 -19.72
CA VAL E 21 -19.42 -43.37 -20.37
C VAL E 21 -20.45 -42.73 -19.44
N ARG E 22 -21.41 -42.04 -20.04
CA ARG E 22 -22.52 -41.53 -19.26
C ARG E 22 -23.42 -42.69 -18.90
N PRO E 23 -23.65 -42.95 -17.64
CA PRO E 23 -24.17 -44.25 -17.20
C PRO E 23 -25.68 -44.45 -17.26
N VAL E 24 -26.16 -44.83 -18.45
CA VAL E 24 -27.57 -45.17 -18.65
C VAL E 24 -27.66 -46.45 -19.48
N ARG E 25 -28.75 -47.19 -19.28
CA ARG E 25 -29.03 -48.34 -20.13
C ARG E 25 -29.46 -47.90 -21.51
N ASP E 26 -30.57 -47.18 -21.58
CA ASP E 26 -31.04 -46.59 -22.82
C ASP E 26 -30.45 -45.19 -22.91
N TRP E 27 -29.83 -44.88 -24.04
CA TRP E 27 -29.12 -43.62 -24.18
C TRP E 27 -30.04 -42.43 -24.41
N ARG E 28 -31.34 -42.65 -24.50
CA ARG E 28 -32.29 -41.58 -24.76
C ARG E 28 -32.80 -40.92 -23.49
N LYS E 29 -32.48 -41.45 -22.32
CA LYS E 29 -32.97 -40.83 -21.10
C LYS E 29 -31.87 -39.99 -20.48
N PRO E 30 -32.16 -38.78 -20.05
CA PRO E 30 -31.13 -37.93 -19.47
C PRO E 30 -30.82 -38.32 -18.03
N THR E 31 -29.62 -37.96 -17.61
CA THR E 31 -29.21 -38.10 -16.21
C THR E 31 -29.62 -36.85 -15.46
N THR E 32 -30.32 -37.03 -14.36
CA THR E 32 -30.95 -35.92 -13.63
C THR E 32 -30.23 -35.71 -12.31
N VAL E 33 -29.38 -34.69 -12.25
CA VAL E 33 -28.73 -34.36 -10.99
C VAL E 33 -29.67 -33.50 -10.16
N SER E 34 -29.39 -33.41 -8.86
CA SER E 34 -30.27 -32.66 -7.97
C SER E 34 -29.39 -31.96 -6.95
N ILE E 35 -29.33 -30.63 -7.01
CA ILE E 35 -28.36 -29.86 -6.25
C ILE E 35 -29.09 -28.97 -5.25
N ASP E 36 -28.38 -28.58 -4.19
CA ASP E 36 -28.73 -27.38 -3.42
C ASP E 36 -27.49 -26.86 -2.72
N VAL E 37 -27.63 -25.70 -2.10
CA VAL E 37 -26.54 -24.87 -1.61
C VAL E 37 -26.97 -24.17 -0.33
N ILE E 38 -26.16 -24.24 0.72
CA ILE E 38 -26.30 -23.35 1.85
C ILE E 38 -25.08 -22.45 1.92
N MET E 39 -25.25 -21.30 2.53
CA MET E 39 -24.29 -20.21 2.41
C MET E 39 -23.46 -20.11 3.68
N TYR E 40 -22.15 -20.02 3.53
CA TYR E 40 -21.29 -20.02 4.71
C TYR E 40 -20.65 -18.68 5.02
N ALA E 41 -19.98 -18.03 4.07
CA ALA E 41 -19.33 -16.77 4.38
C ALA E 41 -19.24 -15.89 3.14
N ILE E 42 -19.32 -14.59 3.36
CA ILE E 42 -19.01 -13.58 2.37
C ILE E 42 -17.57 -13.16 2.64
N LEU E 43 -16.64 -13.59 1.81
CA LEU E 43 -15.23 -13.33 2.12
C LEU E 43 -14.81 -11.93 1.70
N ASN E 44 -15.21 -11.50 0.52
CA ASN E 44 -14.75 -10.20 0.02
C ASN E 44 -15.75 -9.69 -1.00
N VAL E 45 -15.97 -8.38 -1.01
CA VAL E 45 -16.76 -7.72 -2.03
C VAL E 45 -15.89 -6.59 -2.58
N ASP E 46 -15.51 -6.70 -3.85
CA ASP E 46 -14.63 -5.73 -4.48
C ASP E 46 -15.49 -4.84 -5.37
N GLU E 47 -15.81 -3.64 -4.90
CA GLU E 47 -16.67 -2.75 -5.67
C GLU E 47 -15.96 -2.17 -6.88
N LYS E 48 -14.63 -2.10 -6.86
CA LYS E 48 -13.90 -1.54 -7.99
C LYS E 48 -13.88 -2.51 -9.16
N ASN E 49 -13.55 -3.77 -8.90
CA ASN E 49 -13.36 -4.76 -9.95
C ASN E 49 -14.62 -5.56 -10.25
N GLN E 50 -15.71 -5.30 -9.52
CA GLN E 50 -17.02 -5.96 -9.69
C GLN E 50 -16.90 -7.48 -9.47
N VAL E 51 -16.19 -7.87 -8.42
CA VAL E 51 -15.88 -9.27 -8.16
C VAL E 51 -16.28 -9.64 -6.74
N LEU E 52 -17.11 -10.67 -6.61
CA LEU E 52 -17.57 -11.21 -5.33
C LEU E 52 -16.84 -12.50 -5.00
N THR E 53 -16.50 -12.68 -3.73
CA THR E 53 -15.76 -13.85 -3.27
C THR E 53 -16.50 -14.46 -2.09
N THR E 54 -17.02 -15.67 -2.25
CA THR E 54 -17.82 -16.31 -1.21
C THR E 54 -17.25 -17.69 -0.89
N TYR E 55 -18.02 -18.45 -0.11
CA TYR E 55 -17.66 -19.81 0.27
C TYR E 55 -18.94 -20.52 0.63
N ILE E 56 -19.28 -21.59 -0.07
CA ILE E 56 -20.55 -22.27 0.14
C ILE E 56 -20.29 -23.73 0.49
N TRP E 57 -21.35 -24.40 0.93
CA TRP E 57 -21.37 -25.85 1.04
C TRP E 57 -22.32 -26.39 -0.01
N TYR E 58 -21.94 -27.46 -0.68
CA TYR E 58 -22.60 -27.92 -1.88
C TYR E 58 -22.81 -29.42 -1.82
N ARG E 59 -23.94 -29.90 -2.34
CA ARG E 59 -24.19 -31.32 -2.43
C ARG E 59 -25.08 -31.62 -3.62
N GLN E 60 -25.03 -32.87 -4.08
CA GLN E 60 -25.71 -33.26 -5.30
C GLN E 60 -25.89 -34.77 -5.33
N TYR E 61 -26.92 -35.24 -6.03
CA TYR E 61 -27.02 -36.67 -6.27
C TYR E 61 -27.61 -36.93 -7.64
N TRP E 62 -27.25 -38.08 -8.20
CA TRP E 62 -27.76 -38.53 -9.48
C TRP E 62 -27.98 -40.04 -9.38
N THR E 63 -28.20 -40.69 -10.52
CA THR E 63 -28.59 -42.09 -10.54
C THR E 63 -27.90 -42.79 -11.68
N ASP E 64 -27.31 -43.97 -11.43
CA ASP E 64 -26.71 -44.73 -12.51
C ASP E 64 -27.08 -46.20 -12.40
N GLU E 65 -27.31 -46.83 -13.55
CA GLU E 65 -27.77 -48.21 -13.58
C GLU E 65 -26.63 -49.21 -13.59
N PHE E 66 -25.40 -48.76 -13.40
CA PHE E 66 -24.27 -49.67 -13.39
C PHE E 66 -23.78 -49.96 -11.99
N LEU E 67 -24.31 -49.27 -10.98
CA LEU E 67 -23.89 -49.39 -9.60
C LEU E 67 -25.01 -49.97 -8.74
N GLN E 68 -25.69 -51.00 -9.24
CA GLN E 68 -26.82 -51.58 -8.54
C GLN E 68 -26.52 -52.99 -8.09
N TRP E 69 -27.12 -53.38 -6.97
CA TRP E 69 -26.96 -54.73 -6.46
C TRP E 69 -28.17 -55.07 -5.60
N THR E 70 -28.36 -56.36 -5.36
CA THR E 70 -29.37 -56.74 -4.39
C THR E 70 -28.78 -56.66 -2.99
N PRO E 71 -29.48 -56.08 -2.01
CA PRO E 71 -28.88 -55.95 -0.68
C PRO E 71 -28.68 -57.26 0.03
N GLU E 72 -29.59 -58.21 -0.13
CA GLU E 72 -29.32 -59.54 0.38
C GLU E 72 -28.29 -60.22 -0.52
N ASP E 73 -27.77 -61.35 -0.01
CA ASP E 73 -26.60 -62.13 -0.50
C ASP E 73 -25.31 -61.30 -0.59
N PHE E 74 -25.27 -60.14 0.06
CA PHE E 74 -24.03 -59.44 0.36
C PHE E 74 -24.01 -59.05 1.83
N ASP E 75 -24.64 -59.89 2.65
CA ASP E 75 -24.79 -59.70 4.10
C ASP E 75 -25.47 -58.37 4.40
N ASN E 76 -26.56 -58.10 3.68
CA ASN E 76 -27.54 -57.05 4.00
C ASN E 76 -26.95 -55.64 3.95
N VAL E 77 -25.87 -55.43 3.22
CA VAL E 77 -25.30 -54.09 3.13
C VAL E 77 -26.14 -53.26 2.16
N THR E 78 -26.39 -52.01 2.51
CA THR E 78 -27.22 -51.15 1.69
C THR E 78 -26.51 -49.93 1.15
N LYS E 79 -25.38 -49.53 1.72
CA LYS E 79 -24.61 -48.44 1.16
C LYS E 79 -23.14 -48.62 1.52
N LEU E 80 -22.29 -48.01 0.71
CA LEU E 80 -20.86 -48.11 0.95
C LEU E 80 -20.18 -46.88 0.38
N SER E 81 -18.90 -46.73 0.69
CA SER E 81 -18.09 -45.63 0.21
C SER E 81 -17.23 -46.08 -0.96
N ILE E 82 -17.21 -45.28 -2.01
CA ILE E 82 -16.41 -45.54 -3.20
C ILE E 82 -15.57 -44.28 -3.44
N PRO E 83 -14.30 -44.41 -3.82
CA PRO E 83 -13.51 -43.21 -4.13
C PRO E 83 -14.06 -42.45 -5.32
N THR E 84 -13.81 -41.15 -5.34
CA THR E 84 -14.49 -40.27 -6.28
C THR E 84 -13.92 -40.43 -7.68
N ASP E 85 -12.62 -40.71 -7.79
CA ASP E 85 -11.95 -40.76 -9.08
C ASP E 85 -12.06 -42.10 -9.77
N SER E 86 -13.09 -42.89 -9.45
CA SER E 86 -13.30 -44.16 -10.10
C SER E 86 -14.73 -44.35 -10.59
N ILE E 87 -15.53 -43.29 -10.62
CA ILE E 87 -16.89 -43.32 -11.16
C ILE E 87 -17.10 -42.10 -12.05
N TRP E 88 -18.25 -42.08 -12.72
CA TRP E 88 -18.62 -40.96 -13.57
C TRP E 88 -19.12 -39.80 -12.71
N VAL E 89 -18.60 -38.61 -12.96
CA VAL E 89 -19.02 -37.42 -12.23
C VAL E 89 -19.43 -36.33 -13.22
N PRO E 90 -20.61 -35.73 -13.09
CA PRO E 90 -21.02 -34.69 -14.04
C PRO E 90 -20.24 -33.39 -13.82
N ASP E 91 -20.21 -32.58 -14.88
CA ASP E 91 -19.43 -31.35 -14.91
C ASP E 91 -20.35 -30.15 -14.71
N ILE E 92 -20.65 -29.87 -13.46
CA ILE E 92 -21.51 -28.74 -13.10
C ILE E 92 -20.62 -27.57 -12.76
N LEU E 93 -20.66 -26.53 -13.59
CA LEU E 93 -19.88 -25.33 -13.37
C LEU E 93 -20.79 -24.13 -13.18
N ILE E 94 -20.16 -22.97 -13.00
CA ILE E 94 -20.84 -21.70 -12.79
C ILE E 94 -20.53 -20.81 -13.99
N ASN E 95 -21.52 -20.05 -14.46
CA ASN E 95 -21.27 -19.17 -15.58
C ASN E 95 -20.40 -17.99 -15.19
N GLU E 96 -20.49 -17.53 -13.95
CA GLU E 96 -19.90 -16.25 -13.58
C GLU E 96 -18.48 -16.37 -13.05
N PHE E 97 -17.79 -17.48 -13.31
CA PHE E 97 -16.39 -17.60 -12.90
C PHE E 97 -15.52 -16.55 -13.55
N VAL E 98 -14.54 -16.05 -12.78
CA VAL E 98 -13.49 -15.20 -13.34
C VAL E 98 -12.14 -15.74 -12.89
N ASP E 99 -12.14 -16.70 -11.98
CA ASP E 99 -10.92 -17.25 -11.42
C ASP E 99 -11.27 -18.59 -10.79
N VAL E 100 -10.27 -19.27 -10.25
CA VAL E 100 -10.45 -20.56 -9.58
C VAL E 100 -10.11 -20.39 -8.11
N GLY E 101 -11.05 -20.73 -7.25
CA GLY E 101 -10.82 -20.70 -5.82
C GLY E 101 -10.28 -22.03 -5.33
N LYS E 102 -9.46 -21.95 -4.28
CA LYS E 102 -8.88 -23.13 -3.67
C LYS E 102 -9.84 -23.70 -2.64
N SER E 103 -10.12 -25.00 -2.75
CA SER E 103 -11.08 -25.67 -1.89
C SER E 103 -10.60 -27.08 -1.66
N PRO E 104 -10.90 -27.68 -0.50
CA PRO E 104 -10.44 -29.04 -0.23
C PRO E 104 -11.16 -30.05 -1.09
N ASN E 105 -10.48 -31.15 -1.40
CA ASN E 105 -11.13 -32.22 -2.11
C ASN E 105 -11.70 -33.25 -1.14
N ILE E 106 -12.80 -33.86 -1.54
CA ILE E 106 -13.46 -34.90 -0.75
C ILE E 106 -13.31 -36.20 -1.53
N PRO E 107 -12.52 -37.13 -1.08
CA PRO E 107 -12.19 -38.28 -1.94
C PRO E 107 -13.17 -39.44 -1.87
N TYR E 108 -14.37 -39.26 -1.34
CA TYR E 108 -15.29 -40.38 -1.25
C TYR E 108 -16.71 -39.94 -1.58
N VAL E 109 -17.52 -40.89 -2.04
CA VAL E 109 -18.95 -40.70 -2.26
C VAL E 109 -19.70 -41.86 -1.65
N TYR E 110 -21.00 -41.67 -1.45
CA TYR E 110 -21.92 -42.73 -1.07
C TYR E 110 -22.58 -43.33 -2.29
N VAL E 111 -22.92 -44.61 -2.20
CA VAL E 111 -23.67 -45.31 -3.24
C VAL E 111 -24.71 -46.19 -2.56
N HIS E 112 -25.99 -45.90 -2.75
CA HIS E 112 -27.03 -46.77 -2.24
C HIS E 112 -27.26 -47.92 -3.22
N HIS E 113 -28.12 -48.86 -2.84
CA HIS E 113 -28.28 -50.09 -3.60
C HIS E 113 -29.27 -49.96 -4.74
N ARG E 114 -29.66 -48.73 -5.09
CA ARG E 114 -30.44 -48.47 -6.29
C ARG E 114 -29.66 -47.70 -7.33
N GLY E 115 -28.50 -47.17 -6.98
CA GLY E 115 -27.72 -46.36 -7.88
C GLY E 115 -27.67 -44.89 -7.50
N GLU E 116 -28.25 -44.51 -6.38
CA GLU E 116 -28.24 -43.12 -5.96
C GLU E 116 -26.87 -42.78 -5.40
N VAL E 117 -26.11 -41.98 -6.13
CA VAL E 117 -24.75 -41.59 -5.74
C VAL E 117 -24.79 -40.21 -5.13
N GLN E 118 -24.42 -40.06 -3.87
CA GLN E 118 -24.44 -38.77 -3.21
C GLN E 118 -23.05 -38.20 -3.10
N ASN E 119 -22.94 -36.88 -3.22
CA ASN E 119 -21.63 -36.23 -3.29
C ASN E 119 -21.68 -34.92 -2.52
N TYR E 120 -20.94 -34.84 -1.43
CA TYR E 120 -20.82 -33.63 -0.61
C TYR E 120 -19.47 -33.00 -0.86
N LYS E 121 -19.45 -31.69 -1.13
CA LYS E 121 -18.17 -31.00 -1.25
C LYS E 121 -18.31 -29.52 -0.97
N PRO E 122 -17.34 -28.91 -0.29
CA PRO E 122 -17.32 -27.45 -0.16
C PRO E 122 -16.49 -26.84 -1.27
N LEU E 123 -16.84 -25.61 -1.64
CA LEU E 123 -16.11 -24.97 -2.72
C LEU E 123 -16.15 -23.45 -2.60
N GLN E 124 -14.97 -22.86 -2.58
CA GLN E 124 -14.82 -21.40 -2.64
C GLN E 124 -14.98 -20.96 -4.08
N LEU E 125 -15.72 -19.89 -4.30
CA LEU E 125 -16.00 -19.45 -5.66
C LEU E 125 -15.85 -17.94 -5.76
N VAL E 126 -15.19 -17.51 -6.83
CA VAL E 126 -15.00 -16.09 -7.14
C VAL E 126 -15.80 -15.77 -8.38
N THR E 127 -16.75 -14.87 -8.25
CA THR E 127 -17.66 -14.57 -9.34
C THR E 127 -17.66 -13.09 -9.68
N ALA E 128 -18.28 -12.78 -10.81
CA ALA E 128 -18.43 -11.41 -11.28
C ALA E 128 -19.88 -11.01 -11.16
N CYS E 129 -20.13 -9.83 -10.61
CA CYS E 129 -21.47 -9.36 -10.35
C CYS E 129 -21.55 -7.87 -10.56
N SER E 130 -22.77 -7.37 -10.73
CA SER E 130 -23.02 -5.95 -10.92
C SER E 130 -23.37 -5.32 -9.59
N LEU E 131 -22.62 -4.30 -9.19
CA LEU E 131 -22.74 -3.68 -7.88
C LEU E 131 -23.13 -2.22 -8.06
N ASP E 132 -24.24 -1.81 -7.46
CA ASP E 132 -24.71 -0.43 -7.51
C ASP E 132 -24.32 0.30 -6.23
N ILE E 133 -23.65 1.44 -6.39
CA ILE E 133 -23.11 2.17 -5.25
C ILE E 133 -23.85 3.51 -5.25
N TYR E 134 -25.14 3.47 -5.58
CA TYR E 134 -25.89 4.72 -5.65
C TYR E 134 -26.06 5.35 -4.27
N ASN E 135 -26.34 4.53 -3.26
CA ASN E 135 -26.43 4.98 -1.88
C ASN E 135 -25.49 4.10 -1.05
N PHE E 136 -24.33 4.67 -0.66
CA PHE E 136 -23.19 3.84 -0.29
C PHE E 136 -23.39 3.04 1.01
N PRO E 137 -23.63 3.65 2.18
CA PRO E 137 -23.69 2.82 3.38
C PRO E 137 -25.01 2.08 3.54
N PHE E 138 -26.04 2.39 2.77
CA PHE E 138 -27.32 1.71 2.87
C PHE E 138 -27.62 1.12 1.50
N ASP E 139 -27.12 -0.09 1.23
CA ASP E 139 -27.29 -0.67 -0.09
C ASP E 139 -27.44 -2.18 -0.03
N VAL E 140 -28.44 -2.69 -0.70
CA VAL E 140 -28.59 -4.12 -0.88
C VAL E 140 -28.01 -4.48 -2.24
N GLN E 141 -27.52 -5.71 -2.36
CA GLN E 141 -26.95 -6.19 -3.60
C GLN E 141 -27.70 -7.43 -4.05
N ASN E 142 -27.64 -7.72 -5.34
CA ASN E 142 -28.40 -8.81 -5.94
C ASN E 142 -27.47 -9.55 -6.88
N CYS E 143 -26.76 -10.53 -6.34
CA CYS E 143 -25.77 -11.29 -7.10
C CYS E 143 -26.34 -12.63 -7.53
N SER E 144 -25.84 -13.15 -8.65
CA SER E 144 -26.37 -14.37 -9.25
C SER E 144 -25.31 -15.45 -9.26
N LEU E 145 -25.73 -16.69 -9.02
CA LEU E 145 -24.90 -17.87 -9.21
C LEU E 145 -25.67 -18.82 -10.11
N THR E 146 -25.11 -19.18 -11.24
CA THR E 146 -25.85 -19.96 -12.22
C THR E 146 -25.15 -21.30 -12.45
N PHE E 147 -25.67 -22.35 -11.84
CA PHE E 147 -25.13 -23.68 -12.02
C PHE E 147 -25.61 -24.26 -13.34
N THR E 148 -24.68 -24.77 -14.13
CA THR E 148 -25.05 -25.33 -15.43
C THR E 148 -24.04 -26.39 -15.82
N SER E 149 -24.46 -27.27 -16.72
CA SER E 149 -23.54 -28.21 -17.33
C SER E 149 -22.85 -27.52 -18.49
N TRP E 150 -21.53 -27.59 -18.52
CA TRP E 150 -20.80 -26.79 -19.49
C TRP E 150 -20.79 -27.42 -20.87
N LEU E 151 -20.92 -28.74 -20.98
CA LEU E 151 -20.86 -29.36 -22.29
C LEU E 151 -22.19 -29.99 -22.67
N HIS E 152 -22.75 -30.82 -21.78
CA HIS E 152 -23.91 -31.64 -22.12
C HIS E 152 -25.17 -30.80 -22.27
N THR E 153 -25.97 -31.14 -23.27
CA THR E 153 -27.22 -30.44 -23.54
C THR E 153 -28.31 -30.98 -22.62
N ILE E 154 -29.56 -30.57 -22.84
CA ILE E 154 -30.61 -30.89 -21.88
C ILE E 154 -31.16 -32.30 -22.07
N GLN E 155 -30.89 -32.96 -23.19
CA GLN E 155 -31.25 -34.36 -23.31
C GLN E 155 -30.12 -35.27 -22.87
N ASP E 156 -29.12 -34.72 -22.18
CA ASP E 156 -28.11 -35.56 -21.52
C ASP E 156 -28.09 -35.31 -20.03
N ILE E 157 -28.02 -34.05 -19.61
CA ILE E 157 -27.97 -33.70 -18.19
C ILE E 157 -29.03 -32.66 -17.91
N ASN E 158 -29.88 -32.94 -16.94
CA ASN E 158 -30.96 -32.07 -16.51
C ASN E 158 -30.75 -31.77 -15.03
N ILE E 159 -31.12 -30.58 -14.59
CA ILE E 159 -30.83 -30.13 -13.23
C ILE E 159 -32.13 -29.84 -12.50
N THR E 160 -32.28 -30.40 -11.31
CA THR E 160 -33.42 -30.20 -10.45
C THR E 160 -32.90 -29.71 -9.11
N LEU E 161 -33.79 -29.39 -8.18
CA LEU E 161 -33.41 -29.12 -6.80
C LEU E 161 -33.57 -30.36 -5.94
N TRP E 162 -32.74 -30.41 -4.89
CA TRP E 162 -32.86 -31.45 -3.88
C TRP E 162 -34.19 -31.34 -3.15
N ARG E 163 -34.40 -30.21 -2.50
CA ARG E 163 -35.54 -29.94 -1.65
C ARG E 163 -36.32 -28.75 -2.21
N SER E 164 -37.45 -28.46 -1.61
CA SER E 164 -38.37 -27.47 -2.14
C SER E 164 -37.77 -26.07 -1.99
N PRO E 165 -38.05 -25.16 -2.94
CA PRO E 165 -37.44 -23.82 -2.88
C PRO E 165 -37.94 -22.91 -1.77
N GLU E 166 -38.80 -23.37 -0.87
CA GLU E 166 -39.10 -22.56 0.31
C GLU E 166 -38.06 -22.78 1.40
N GLU E 167 -37.54 -24.00 1.55
CA GLU E 167 -36.49 -24.23 2.52
C GLU E 167 -35.17 -23.60 2.13
N VAL E 168 -34.92 -23.39 0.84
CA VAL E 168 -33.66 -22.81 0.43
C VAL E 168 -33.67 -21.30 0.66
N ARG E 169 -34.84 -20.68 0.56
CA ARG E 169 -34.96 -19.24 0.80
C ARG E 169 -34.71 -18.89 2.26
N SER E 170 -35.30 -19.64 3.17
CA SER E 170 -35.30 -19.30 4.60
C SER E 170 -34.27 -20.08 5.38
N ASP E 171 -33.07 -20.26 4.83
CA ASP E 171 -32.03 -21.06 5.46
C ASP E 171 -30.84 -20.16 5.77
N LYS E 172 -30.82 -19.60 6.97
CA LYS E 172 -29.67 -18.87 7.49
C LYS E 172 -29.28 -19.55 8.78
N SER E 173 -28.51 -20.63 8.66
CA SER E 173 -28.24 -21.50 9.79
C SER E 173 -26.79 -21.53 10.20
N ILE E 174 -25.86 -21.58 9.25
CA ILE E 174 -24.45 -21.66 9.55
C ILE E 174 -23.68 -20.48 9.01
N PHE E 175 -24.37 -19.39 8.70
CA PHE E 175 -23.72 -18.20 8.17
C PHE E 175 -22.91 -17.51 9.26
N ILE E 176 -21.78 -16.92 8.86
CA ILE E 176 -20.88 -16.26 9.79
C ILE E 176 -21.19 -14.77 9.78
N ASN E 177 -21.73 -14.26 10.88
CA ASN E 177 -22.08 -12.85 10.99
C ASN E 177 -20.87 -12.03 11.46
N GLN E 178 -21.13 -10.80 11.88
CA GLN E 178 -20.15 -9.83 12.37
C GLN E 178 -19.08 -9.53 11.32
N GLY E 179 -19.51 -9.49 10.06
CA GLY E 179 -18.56 -9.38 8.97
C GLY E 179 -18.94 -8.43 7.86
N GLU E 180 -19.58 -7.31 8.21
CA GLU E 180 -19.91 -6.16 7.37
C GLU E 180 -21.04 -6.44 6.38
N TRP E 181 -21.43 -7.71 6.22
CA TRP E 181 -22.45 -8.08 5.26
C TRP E 181 -23.43 -9.01 5.93
N GLU E 182 -24.71 -8.76 5.74
CA GLU E 182 -25.78 -9.56 6.32
C GLU E 182 -26.51 -10.28 5.21
N LEU E 183 -26.65 -11.59 5.34
CA LEU E 183 -27.37 -12.37 4.35
C LEU E 183 -28.86 -12.24 4.58
N LEU E 184 -29.62 -12.00 3.50
CA LEU E 184 -31.06 -11.86 3.62
C LEU E 184 -31.79 -13.10 3.14
N GLU E 185 -31.57 -13.52 1.88
CA GLU E 185 -32.20 -14.73 1.37
C GLU E 185 -31.40 -15.24 0.19
N VAL E 186 -31.59 -16.52 -0.12
CA VAL E 186 -31.00 -17.19 -1.28
C VAL E 186 -32.15 -17.85 -2.02
N PHE E 187 -32.54 -17.27 -3.15
CA PHE E 187 -33.74 -17.73 -3.85
C PHE E 187 -33.39 -18.43 -5.14
N PRO E 188 -33.78 -19.68 -5.33
CA PRO E 188 -33.45 -20.40 -6.56
C PRO E 188 -34.54 -20.28 -7.63
N GLN E 189 -34.12 -20.48 -8.88
CA GLN E 189 -35.05 -20.39 -10.00
C GLN E 189 -34.48 -21.14 -11.18
N PHE E 190 -35.28 -22.05 -11.75
CA PHE E 190 -34.88 -22.82 -12.91
C PHE E 190 -35.26 -22.08 -14.19
N LYS E 191 -34.34 -22.03 -15.14
CA LYS E 191 -34.66 -21.50 -16.46
C LYS E 191 -33.88 -22.31 -17.50
N GLU E 192 -34.41 -22.37 -18.71
CA GLU E 192 -33.97 -23.34 -19.71
C GLU E 192 -33.31 -22.60 -20.88
N PHE E 193 -31.99 -22.45 -20.75
CA PHE E 193 -31.23 -21.63 -21.67
C PHE E 193 -30.98 -22.36 -22.98
N SER E 194 -31.11 -21.64 -24.09
CA SER E 194 -30.92 -22.20 -25.42
C SER E 194 -30.24 -21.18 -26.32
N ILE E 195 -29.25 -21.63 -27.07
CA ILE E 195 -28.53 -20.73 -27.96
C ILE E 195 -29.16 -20.71 -29.35
N ASP E 196 -29.78 -21.81 -29.75
CA ASP E 196 -30.53 -21.92 -31.00
C ASP E 196 -31.49 -23.08 -30.87
N ILE E 197 -32.02 -23.52 -32.01
CA ILE E 197 -32.80 -24.75 -32.01
C ILE E 197 -31.87 -25.93 -31.80
N SER E 198 -32.37 -26.95 -31.10
CA SER E 198 -31.76 -28.25 -30.84
C SER E 198 -30.44 -28.19 -30.07
N ASN E 199 -30.13 -27.08 -29.40
CA ASN E 199 -29.01 -27.00 -28.48
C ASN E 199 -29.45 -26.19 -27.27
N SER E 200 -29.97 -26.88 -26.27
CA SER E 200 -30.53 -26.26 -25.08
C SER E 200 -29.76 -26.74 -23.86
N TYR E 201 -29.41 -25.80 -22.98
CA TYR E 201 -28.68 -26.12 -21.76
C TYR E 201 -29.55 -25.82 -20.55
N ALA E 202 -29.76 -26.82 -19.71
CA ALA E 202 -30.49 -26.58 -18.47
C ALA E 202 -29.60 -25.86 -17.49
N GLU E 203 -30.18 -24.95 -16.71
CA GLU E 203 -29.39 -24.26 -15.71
C GLU E 203 -30.26 -23.87 -14.52
N MET E 204 -29.65 -23.82 -13.35
CA MET E 204 -30.32 -23.44 -12.12
C MET E 204 -29.67 -22.19 -11.57
N LYS E 205 -30.47 -21.20 -11.24
CA LYS E 205 -29.97 -19.87 -10.94
C LYS E 205 -30.34 -19.48 -9.51
N PHE E 206 -29.33 -19.24 -8.68
CA PHE E 206 -29.50 -18.79 -7.31
C PHE E 206 -29.24 -17.30 -7.23
N TYR E 207 -30.13 -16.57 -6.57
CA TYR E 207 -29.94 -15.15 -6.31
C TYR E 207 -29.63 -14.98 -4.83
N VAL E 208 -28.44 -14.51 -4.53
CA VAL E 208 -28.11 -14.15 -3.15
C VAL E 208 -28.34 -12.65 -3.00
N ILE E 209 -28.88 -12.25 -1.85
CA ILE E 209 -29.18 -10.86 -1.56
C ILE E 209 -28.52 -10.51 -0.24
N ILE E 210 -27.56 -9.60 -0.28
CA ILE E 210 -26.81 -9.22 0.90
C ILE E 210 -26.99 -7.73 1.14
N ARG E 211 -26.89 -7.33 2.41
CA ARG E 211 -27.07 -5.95 2.82
C ARG E 211 -25.90 -5.53 3.69
N ARG E 212 -25.37 -4.34 3.43
CA ARG E 212 -24.22 -3.84 4.17
C ARG E 212 -24.65 -3.30 5.52
N ARG E 213 -23.88 -3.62 6.55
CA ARG E 213 -24.12 -3.05 7.86
C ARG E 213 -23.54 -1.64 7.92
N PRO E 214 -24.36 -0.60 8.06
CA PRO E 214 -23.87 0.77 7.92
C PRO E 214 -23.17 1.32 9.16
N LEU E 215 -22.93 0.51 10.19
CA LEU E 215 -22.39 1.05 11.43
C LEU E 215 -20.91 1.39 11.32
N PHE E 216 -20.20 0.81 10.35
CA PHE E 216 -18.78 1.10 10.21
C PHE E 216 -18.56 2.53 9.71
N TYR E 217 -19.51 3.04 8.96
CA TYR E 217 -19.38 4.28 8.21
C TYR E 217 -20.25 5.38 8.81
N ALA E 218 -20.33 5.40 10.14
CA ALA E 218 -20.88 6.52 10.87
C ALA E 218 -19.89 7.08 11.87
N VAL E 219 -18.76 6.42 12.05
CA VAL E 219 -17.68 6.92 12.88
C VAL E 219 -16.45 7.27 12.07
N SER E 220 -16.35 6.81 10.82
CA SER E 220 -15.19 7.10 10.00
C SER E 220 -15.37 8.32 9.12
N LEU E 221 -16.60 8.68 8.77
CA LEU E 221 -16.81 9.86 7.94
C LEU E 221 -17.97 10.74 8.37
N LEU E 222 -18.80 10.30 9.30
CA LEU E 222 -19.85 11.20 9.79
C LEU E 222 -19.37 12.01 10.99
N LEU E 223 -18.46 11.46 11.77
CA LEU E 223 -18.02 12.11 13.00
C LEU E 223 -17.06 13.29 12.72
N PRO E 224 -16.06 13.22 11.83
CA PRO E 224 -15.31 14.45 11.54
C PRO E 224 -16.08 15.45 10.70
N SER E 225 -17.13 15.04 10.02
CA SER E 225 -17.87 15.99 9.18
C SER E 225 -18.71 16.93 10.03
N ILE E 226 -19.29 16.43 11.12
CA ILE E 226 -20.01 17.31 12.04
C ILE E 226 -19.09 17.95 13.04
N PHE E 227 -17.84 17.52 13.11
CA PHE E 227 -16.91 18.14 14.05
C PHE E 227 -16.36 19.45 13.52
N LEU E 228 -16.05 19.52 12.23
CA LEU E 228 -15.54 20.75 11.68
C LEU E 228 -16.64 21.77 11.37
N MET E 229 -17.89 21.43 11.63
CA MET E 229 -18.93 22.45 11.68
C MET E 229 -18.84 23.27 12.96
N VAL E 230 -18.69 22.61 14.12
CA VAL E 230 -18.75 23.31 15.40
C VAL E 230 -17.47 24.10 15.65
N VAL E 231 -16.39 23.82 14.93
CA VAL E 231 -15.21 24.66 15.03
C VAL E 231 -15.44 25.99 14.32
N ASP E 232 -16.21 25.99 13.23
CA ASP E 232 -16.57 27.25 12.59
C ASP E 232 -17.63 28.04 13.35
N ILE E 233 -18.43 27.37 14.19
CA ILE E 233 -19.41 28.11 14.97
C ILE E 233 -18.71 28.91 16.07
N VAL E 234 -17.69 28.33 16.70
CA VAL E 234 -16.88 29.09 17.65
C VAL E 234 -15.83 29.93 16.95
N GLY E 235 -15.72 29.83 15.62
CA GLY E 235 -14.80 30.69 14.90
C GLY E 235 -15.34 32.06 14.59
N PHE E 236 -16.65 32.25 14.63
CA PHE E 236 -17.23 33.56 14.40
C PHE E 236 -17.20 34.44 15.64
N CYS E 237 -16.77 33.92 16.79
CA CYS E 237 -16.73 34.73 17.99
C CYS E 237 -15.54 35.68 18.01
N LEU E 238 -14.58 35.52 17.11
CA LEU E 238 -13.49 36.46 16.99
C LEU E 238 -13.99 37.78 16.44
N PRO E 239 -13.53 38.92 16.97
CA PRO E 239 -13.86 40.19 16.35
C PRO E 239 -13.10 40.35 15.05
N PRO E 240 -13.70 41.02 14.06
CA PRO E 240 -13.11 41.00 12.70
C PRO E 240 -11.85 41.82 12.55
N ASP E 241 -11.68 42.89 13.31
CA ASP E 241 -10.52 43.76 13.15
C ASP E 241 -9.27 43.26 13.87
N SER E 242 -9.29 42.04 14.39
CA SER E 242 -8.12 41.54 15.11
C SER E 242 -6.99 41.16 14.15
N GLY E 243 -7.27 40.25 13.22
CA GLY E 243 -6.33 39.87 12.19
C GLY E 243 -6.16 38.37 12.05
N GLU E 244 -6.43 37.61 13.12
CA GLU E 244 -6.27 36.16 13.06
C GLU E 244 -7.51 35.47 12.54
N ARG E 245 -8.60 36.22 12.32
CA ARG E 245 -9.85 35.59 11.89
C ARG E 245 -9.73 35.08 10.46
N VAL E 246 -8.98 35.78 9.62
CA VAL E 246 -8.76 35.31 8.26
C VAL E 246 -7.81 34.12 8.26
N SER E 247 -6.79 34.15 9.11
CA SER E 247 -5.88 33.03 9.24
C SER E 247 -6.53 31.83 9.91
N PHE E 248 -7.58 32.06 10.69
CA PHE E 248 -8.30 30.94 11.31
C PHE E 248 -9.10 30.17 10.27
N LYS E 249 -9.79 30.88 9.38
CA LYS E 249 -10.72 30.22 8.46
C LYS E 249 -10.00 29.47 7.36
N ILE E 250 -8.83 29.97 6.92
CA ILE E 250 -8.13 29.28 5.86
C ILE E 250 -7.40 28.05 6.39
N THR E 251 -7.13 28.00 7.70
CA THR E 251 -6.42 26.86 8.25
C THR E 251 -7.30 25.61 8.25
N LEU E 252 -8.56 25.73 8.64
CA LEU E 252 -9.40 24.54 8.67
C LEU E 252 -10.00 24.20 7.31
N LEU E 253 -10.02 25.16 6.38
CA LEU E 253 -10.33 24.80 5.00
C LEU E 253 -9.20 23.97 4.40
N LEU E 254 -7.96 24.30 4.75
CA LEU E 254 -6.84 23.39 4.49
C LEU E 254 -7.02 22.08 5.23
N GLY E 255 -7.50 22.15 6.48
CA GLY E 255 -7.66 20.96 7.29
C GLY E 255 -8.78 20.04 6.83
N TYR E 256 -9.79 20.59 6.16
CA TYR E 256 -10.88 19.75 5.66
C TYR E 256 -10.60 19.23 4.26
N SER E 257 -9.78 19.94 3.49
CA SER E 257 -9.40 19.47 2.17
C SER E 257 -8.48 18.26 2.25
N VAL E 258 -7.72 18.13 3.34
CA VAL E 258 -6.98 16.91 3.62
C VAL E 258 -7.96 15.78 3.93
N PHE E 259 -9.06 16.10 4.61
CA PHE E 259 -10.01 15.07 5.00
C PHE E 259 -10.78 14.51 3.82
N LEU E 260 -11.06 15.33 2.80
CA LEU E 260 -11.77 14.83 1.63
C LEU E 260 -10.91 13.90 0.81
N ILE E 261 -9.59 14.11 0.83
CA ILE E 261 -8.70 13.30 0.01
C ILE E 261 -8.42 11.95 0.66
N ILE E 262 -8.16 11.95 1.98
CA ILE E 262 -7.72 10.75 2.65
C ILE E 262 -8.87 9.75 2.85
N VAL E 263 -10.11 10.21 2.75
CA VAL E 263 -11.25 9.35 3.02
C VAL E 263 -11.84 8.84 1.71
N SER E 264 -11.71 9.64 0.64
CA SER E 264 -12.19 9.19 -0.66
C SER E 264 -11.32 8.10 -1.28
N ASP E 265 -10.13 7.87 -0.73
CA ASP E 265 -9.31 6.74 -1.18
C ASP E 265 -9.93 5.41 -0.75
N THR E 266 -10.56 5.38 0.42
CA THR E 266 -11.16 4.15 0.93
C THR E 266 -12.66 4.06 0.69
N LEU E 267 -13.20 4.83 -0.24
CA LEU E 267 -14.63 4.77 -0.56
C LEU E 267 -14.82 4.69 -2.07
N PRO E 268 -15.26 3.55 -2.60
CA PRO E 268 -15.30 3.37 -4.06
C PRO E 268 -16.49 4.06 -4.70
N ALA E 269 -16.41 4.16 -6.03
CA ALA E 269 -17.48 4.76 -6.84
C ALA E 269 -17.33 4.27 -8.27
N THR E 270 -18.36 3.59 -8.78
CA THR E 270 -18.32 2.98 -10.10
C THR E 270 -19.61 3.21 -10.87
N ALA E 271 -19.46 3.60 -12.15
CA ALA E 271 -20.46 3.65 -13.21
C ALA E 271 -21.58 4.66 -12.99
N ILE E 272 -21.55 5.43 -11.91
CA ILE E 272 -22.60 6.39 -11.60
C ILE E 272 -21.96 7.77 -11.57
N GLY E 273 -20.67 7.81 -11.26
CA GLY E 273 -20.06 9.05 -10.86
C GLY E 273 -19.81 9.00 -9.37
N THR E 274 -20.67 9.64 -8.59
CA THR E 274 -20.60 9.64 -7.15
C THR E 274 -21.87 9.03 -6.56
N PRO E 275 -21.80 8.49 -5.34
CA PRO E 275 -23.02 8.18 -4.59
C PRO E 275 -23.70 9.43 -4.04
N LEU E 276 -24.75 9.24 -3.25
CA LEU E 276 -25.41 10.37 -2.61
C LEU E 276 -24.63 10.91 -1.42
N ILE E 277 -23.58 10.23 -0.98
CA ILE E 277 -22.72 10.79 0.06
C ILE E 277 -21.87 11.92 -0.50
N GLY E 278 -21.39 11.77 -1.74
CA GLY E 278 -20.60 12.80 -2.37
C GLY E 278 -21.35 14.07 -2.67
N VAL E 279 -22.68 14.00 -2.78
CA VAL E 279 -23.48 15.21 -2.88
C VAL E 279 -23.52 15.92 -1.53
N TYR E 280 -23.58 15.17 -0.45
CA TYR E 280 -23.67 15.75 0.89
C TYR E 280 -22.32 16.20 1.44
N PHE E 281 -21.26 16.15 0.64
CA PHE E 281 -20.00 16.78 1.01
C PHE E 281 -19.69 18.03 0.22
N VAL E 282 -20.24 18.15 -1.00
CA VAL E 282 -20.18 19.41 -1.73
C VAL E 282 -21.01 20.46 -1.00
N VAL E 283 -22.10 20.05 -0.36
CA VAL E 283 -22.86 20.97 0.48
C VAL E 283 -22.04 21.36 1.71
N CYS E 284 -21.20 20.46 2.21
CA CYS E 284 -20.30 20.81 3.31
C CYS E 284 -19.22 21.78 2.87
N MET E 285 -18.79 21.71 1.62
CA MET E 285 -17.81 22.67 1.11
C MET E 285 -18.45 24.02 0.85
N ALA E 286 -19.63 24.02 0.22
CA ALA E 286 -20.29 25.27 -0.10
C ALA E 286 -20.80 25.98 1.15
N LEU E 287 -21.04 25.24 2.23
CA LEU E 287 -21.42 25.90 3.47
C LEU E 287 -20.22 26.45 4.21
N LEU E 288 -19.00 26.16 3.74
CA LEU E 288 -17.80 26.64 4.41
C LEU E 288 -17.07 27.70 3.61
N VAL E 289 -17.27 27.76 2.29
CA VAL E 289 -16.75 28.87 1.50
C VAL E 289 -17.56 30.13 1.78
N ILE E 290 -18.87 29.99 2.00
CA ILE E 290 -19.70 31.12 2.40
C ILE E 290 -19.29 31.63 3.77
N SER E 291 -18.81 30.74 4.64
CA SER E 291 -18.20 31.18 5.88
C SER E 291 -16.91 31.94 5.64
N LEU E 292 -16.19 31.63 4.57
CA LEU E 292 -14.98 32.35 4.23
C LEU E 292 -15.28 33.61 3.43
N ALA E 293 -16.36 33.61 2.65
CA ALA E 293 -16.69 34.77 1.86
C ALA E 293 -17.38 35.86 2.65
N GLU E 294 -17.78 35.59 3.90
CA GLU E 294 -18.36 36.68 4.68
C GLU E 294 -17.34 37.28 5.63
N THR E 295 -16.35 36.51 6.08
CA THR E 295 -15.24 37.12 6.81
C THR E 295 -14.27 37.82 5.87
N ILE E 296 -14.39 37.60 4.56
CA ILE E 296 -13.54 38.32 3.62
C ILE E 296 -14.15 39.67 3.28
N PHE E 297 -15.39 39.90 3.69
CA PHE E 297 -16.15 41.09 3.38
C PHE E 297 -16.24 42.06 4.55
N ILE E 298 -16.25 41.56 5.78
CA ILE E 298 -16.24 42.44 6.93
C ILE E 298 -14.86 43.06 7.10
N VAL E 299 -13.81 42.29 6.84
CA VAL E 299 -12.44 42.79 6.95
C VAL E 299 -12.18 43.88 5.91
N ARG E 300 -12.84 43.78 4.75
CA ARG E 300 -12.72 44.83 3.75
C ARG E 300 -13.40 46.12 4.20
N LEU E 301 -14.49 46.00 4.96
CA LEU E 301 -15.18 47.17 5.47
C LEU E 301 -14.60 47.70 6.76
N VAL E 302 -13.98 46.85 7.57
CA VAL E 302 -13.48 47.25 8.87
C VAL E 302 -11.96 47.27 8.77
N HIS E 303 -11.43 48.44 8.45
CA HIS E 303 -10.02 48.63 8.15
C HIS E 303 -9.75 50.12 8.14
N LYS E 304 -8.47 50.49 8.24
CA LYS E 304 -8.05 51.89 8.29
C LYS E 304 -7.18 52.21 7.07
N GLN E 305 -7.82 52.66 5.99
CA GLN E 305 -7.14 52.92 4.73
C GLN E 305 -7.32 54.36 4.24
N ASP E 306 -7.50 55.32 5.17
CA ASP E 306 -7.88 56.70 4.87
C ASP E 306 -9.15 56.75 4.02
N LEU E 307 -10.27 56.31 4.60
CA LEU E 307 -11.51 56.22 3.84
C LEU E 307 -12.52 57.28 4.27
N GLN E 308 -13.56 57.41 3.46
CA GLN E 308 -14.50 58.52 3.54
C GLN E 308 -15.66 58.23 4.48
N ARG E 309 -16.68 59.07 4.41
CA ARG E 309 -17.83 58.99 5.27
C ARG E 309 -18.70 57.78 4.93
N PRO E 310 -19.35 57.17 5.92
CA PRO E 310 -20.37 56.16 5.60
C PRO E 310 -21.59 56.85 5.04
N VAL E 311 -22.19 56.21 4.05
CA VAL E 311 -23.25 56.84 3.26
C VAL E 311 -24.51 56.96 4.10
N PRO E 312 -25.14 58.14 4.18
CA PRO E 312 -26.36 58.27 5.01
C PRO E 312 -27.55 57.53 4.44
N ASP E 313 -27.50 57.12 3.17
CA ASP E 313 -28.43 56.13 2.65
C ASP E 313 -28.27 54.82 3.41
N TRP E 314 -27.02 54.44 3.72
CA TRP E 314 -26.76 53.15 4.32
C TRP E 314 -26.43 53.27 5.80
N LEU E 315 -26.64 54.45 6.38
CA LEU E 315 -26.63 54.61 7.84
C LEU E 315 -28.03 54.53 8.41
N ARG E 316 -29.00 55.17 7.73
CA ARG E 316 -30.39 55.04 8.14
C ARG E 316 -30.91 53.64 7.89
N HIS E 317 -30.47 53.03 6.79
CA HIS E 317 -30.93 51.69 6.44
C HIS E 317 -30.37 50.63 7.37
N LEU E 318 -29.19 50.86 7.96
CA LEU E 318 -28.51 49.80 8.67
C LEU E 318 -28.55 49.98 10.18
N VAL E 319 -28.12 51.14 10.68
CA VAL E 319 -27.95 51.26 12.13
C VAL E 319 -29.30 51.43 12.82
N LEU E 320 -30.18 52.24 12.23
CA LEU E 320 -31.42 52.60 12.90
C LEU E 320 -32.58 51.65 12.58
N ASP E 321 -32.42 50.76 11.60
CA ASP E 321 -33.49 49.84 11.23
C ASP E 321 -33.24 48.43 11.76
N ARG E 322 -31.98 48.04 11.90
CA ARG E 322 -31.62 46.75 12.47
C ARG E 322 -31.45 46.81 13.98
N ILE E 323 -31.96 47.86 14.62
CA ILE E 323 -31.93 48.00 16.08
C ILE E 323 -33.21 47.40 16.64
N ALA E 324 -34.11 46.99 15.74
CA ALA E 324 -35.35 46.31 16.13
C ALA E 324 -35.48 44.93 15.48
N TRP E 325 -34.52 44.52 14.66
CA TRP E 325 -34.65 43.27 13.91
C TRP E 325 -33.85 42.15 14.54
N ILE E 326 -32.62 42.43 14.97
CA ILE E 326 -31.75 41.41 15.54
C ILE E 326 -31.27 41.79 16.94
N LEU E 327 -30.94 43.05 17.15
CA LEU E 327 -30.43 43.54 18.43
C LEU E 327 -31.51 44.42 19.06
N CYS E 328 -31.26 44.89 20.28
CA CYS E 328 -32.13 45.87 20.91
C CYS E 328 -31.41 47.20 21.10
N LEU E 385 1.77 92.58 18.13
CA LEU E 385 2.13 91.69 17.05
C LEU E 385 2.40 90.28 17.56
N ALA E 386 2.93 90.20 18.78
CA ALA E 386 3.26 88.92 19.38
C ALA E 386 2.03 88.15 19.83
N VAL E 387 0.93 88.84 20.11
CA VAL E 387 -0.29 88.15 20.47
C VAL E 387 -0.97 87.58 19.24
N ARG E 388 -0.62 88.09 18.05
CA ARG E 388 -1.12 87.51 16.81
C ARG E 388 -0.20 86.42 16.30
N GLY E 389 1.12 86.59 16.51
CA GLY E 389 2.07 85.60 16.01
C GLY E 389 2.02 84.30 16.77
N LEU E 390 1.81 84.36 18.09
CA LEU E 390 1.60 83.14 18.85
C LEU E 390 0.23 82.53 18.58
N LEU E 391 -0.75 83.35 18.22
CA LEU E 391 -2.08 82.84 17.92
C LEU E 391 -2.09 82.07 16.62
N GLN E 392 -1.26 82.47 15.65
CA GLN E 392 -1.14 81.70 14.41
C GLN E 392 -0.43 80.38 14.64
N GLU E 393 0.44 80.32 15.65
CA GLU E 393 1.12 79.06 15.96
C GLU E 393 0.15 78.07 16.59
N LEU E 394 -0.68 78.51 17.53
CA LEU E 394 -1.55 77.59 18.25
C LEU E 394 -2.72 77.13 17.39
N SER E 395 -3.21 77.99 16.51
CA SER E 395 -4.30 77.60 15.63
C SER E 395 -3.85 76.59 14.58
N SER E 396 -2.57 76.60 14.23
CA SER E 396 -2.03 75.59 13.33
C SER E 396 -1.79 74.27 14.05
N ILE E 397 -1.47 74.32 15.34
CA ILE E 397 -1.31 73.09 16.12
C ILE E 397 -2.66 72.43 16.35
N ARG E 398 -3.70 73.24 16.65
CA ARG E 398 -5.04 72.72 16.81
C ARG E 398 -5.58 72.13 15.51
N HIS E 399 -5.20 72.73 14.37
CA HIS E 399 -5.59 72.19 13.08
C HIS E 399 -4.90 70.85 12.80
N PHE E 400 -3.70 70.66 13.36
CA PHE E 400 -3.01 69.38 13.20
C PHE E 400 -3.61 68.29 14.06
N LEU E 401 -4.29 68.65 15.15
CA LEU E 401 -4.96 67.65 15.97
C LEU E 401 -6.41 67.44 15.59
N GLU E 402 -7.11 68.49 15.13
CA GLU E 402 -8.50 68.29 14.72
C GLU E 402 -8.61 67.59 13.38
N LYS E 403 -7.50 67.47 12.65
CA LYS E 403 -7.40 66.55 11.53
C LYS E 403 -7.20 65.12 12.01
N ARG E 404 -6.54 64.93 13.14
CA ARG E 404 -6.21 63.60 13.64
C ARG E 404 -7.40 62.90 14.28
N ASP E 405 -8.16 63.62 15.11
CA ASP E 405 -9.23 62.96 15.87
C ASP E 405 -10.42 62.59 15.01
N GLU E 406 -10.65 63.33 13.92
CA GLU E 406 -11.71 62.94 12.99
C GLU E 406 -11.28 61.74 12.15
N MET E 407 -9.98 61.49 12.04
CA MET E 407 -9.53 60.24 11.44
C MET E 407 -9.68 59.07 12.41
N ARG E 408 -9.77 59.36 13.72
CA ARG E 408 -10.25 58.33 14.64
C ARG E 408 -11.77 58.22 14.58
N GLU E 409 -12.44 59.27 14.10
CA GLU E 409 -13.87 59.18 13.82
C GLU E 409 -14.16 58.52 12.48
N VAL E 410 -13.12 58.16 11.73
CA VAL E 410 -13.31 57.33 10.56
C VAL E 410 -13.84 55.95 10.99
N ALA E 411 -13.11 55.29 11.88
CA ALA E 411 -13.31 53.87 12.09
C ALA E 411 -14.54 53.57 12.92
N ARG E 412 -14.86 54.45 13.87
CA ARG E 412 -15.91 54.14 14.84
C ARG E 412 -17.29 54.10 14.19
N ASP E 413 -17.46 54.78 13.05
CA ASP E 413 -18.68 54.57 12.29
C ASP E 413 -18.60 53.28 11.48
N TRP E 414 -17.44 52.98 10.89
CA TRP E 414 -17.33 51.75 10.11
C TRP E 414 -17.19 50.52 11.01
N LEU E 415 -16.63 50.66 12.21
CA LEU E 415 -16.68 49.57 13.19
C LEU E 415 -18.11 49.29 13.61
N ARG E 416 -18.92 50.33 13.73
CA ARG E 416 -20.30 50.13 14.15
C ARG E 416 -21.12 49.46 13.05
N VAL E 417 -20.84 49.78 11.78
CA VAL E 417 -21.50 49.09 10.68
C VAL E 417 -21.01 47.66 10.57
N GLY E 418 -19.70 47.45 10.73
CA GLY E 418 -19.13 46.12 10.61
C GLY E 418 -19.51 45.17 11.72
N TYR E 419 -19.96 45.69 12.87
CA TYR E 419 -20.42 44.79 13.92
C TYR E 419 -21.88 44.42 13.76
N VAL E 420 -22.69 45.28 13.16
CA VAL E 420 -24.09 44.94 12.96
C VAL E 420 -24.24 43.94 11.83
N LEU E 421 -23.43 44.06 10.79
CA LEU E 421 -23.43 43.06 9.73
C LEU E 421 -22.89 41.73 10.21
N ASP E 422 -21.99 41.73 11.19
CA ASP E 422 -21.41 40.48 11.68
C ASP E 422 -22.40 39.71 12.53
N ARG E 423 -23.23 40.39 13.31
CA ARG E 423 -24.25 39.69 14.07
C ARG E 423 -25.45 39.32 13.21
N LEU E 424 -25.68 40.06 12.14
CA LEU E 424 -26.76 39.71 11.22
C LEU E 424 -26.41 38.45 10.44
N LEU E 425 -25.21 38.40 9.87
CA LEU E 425 -24.79 37.23 9.11
C LEU E 425 -24.49 36.03 9.98
N PHE E 426 -24.29 36.24 11.29
CA PHE E 426 -24.12 35.12 12.19
C PHE E 426 -25.42 34.37 12.41
N ARG E 427 -26.55 35.08 12.43
CA ARG E 427 -27.83 34.40 12.65
C ARG E 427 -28.27 33.64 11.41
N ILE E 428 -28.00 34.19 10.23
CA ILE E 428 -28.40 33.53 8.99
C ILE E 428 -27.57 32.28 8.75
N TYR E 429 -26.28 32.34 9.08
CA TYR E 429 -25.45 31.15 8.97
C TYR E 429 -25.82 30.12 10.02
N LEU E 430 -26.31 30.56 11.18
CA LEU E 430 -26.65 29.61 12.21
C LEU E 430 -27.97 28.90 11.91
N LEU E 431 -28.85 29.55 11.14
CA LEU E 431 -30.08 28.87 10.73
C LEU E 431 -29.82 27.88 9.60
N ALA E 432 -28.93 28.23 8.67
CA ALA E 432 -28.66 27.37 7.53
C ALA E 432 -27.94 26.10 7.93
N VAL E 433 -27.16 26.15 9.02
CA VAL E 433 -26.65 24.92 9.60
C VAL E 433 -27.76 24.15 10.27
N LEU E 434 -28.66 24.87 10.97
CA LEU E 434 -29.72 24.21 11.71
C LEU E 434 -30.81 23.67 10.79
N ALA E 435 -31.07 24.34 9.66
CA ALA E 435 -32.08 23.86 8.74
C ALA E 435 -31.61 22.63 7.98
N TYR E 436 -30.31 22.53 7.71
CA TYR E 436 -29.77 21.37 7.03
C TYR E 436 -29.50 20.22 7.98
N SER E 437 -29.36 20.50 9.28
CA SER E 437 -29.10 19.44 10.24
C SER E 437 -30.34 18.57 10.46
N ILE E 438 -31.52 19.18 10.46
CA ILE E 438 -32.74 18.39 10.65
C ILE E 438 -33.10 17.62 9.39
N THR E 439 -32.71 18.13 8.22
CA THR E 439 -32.98 17.43 6.97
C THR E 439 -32.15 16.16 6.88
N LEU E 440 -30.91 16.21 7.39
CA LEU E 440 -30.08 15.02 7.43
C LEU E 440 -30.60 14.00 8.43
N VAL E 441 -31.26 14.46 9.49
CA VAL E 441 -31.81 13.53 10.47
C VAL E 441 -33.12 12.94 9.96
N THR E 442 -33.99 13.77 9.38
CA THR E 442 -35.33 13.31 9.00
C THR E 442 -35.33 12.38 7.80
N LEU E 443 -34.21 12.26 7.08
CA LEU E 443 -34.07 11.21 6.09
C LEU E 443 -33.55 9.91 6.70
N TRP E 444 -32.77 10.02 7.77
CA TRP E 444 -32.28 8.84 8.46
C TRP E 444 -33.39 8.13 9.22
N SER E 445 -34.38 8.87 9.71
CA SER E 445 -35.50 8.24 10.41
C SER E 445 -36.44 7.52 9.47
N ILE E 446 -36.47 7.91 8.19
CA ILE E 446 -37.27 7.18 7.21
C ILE E 446 -36.68 5.80 6.95
N TRP E 447 -35.35 5.71 6.88
CA TRP E 447 -34.70 4.41 6.71
C TRP E 447 -34.85 3.55 7.96
N HIS E 448 -34.67 4.15 9.14
CA HIS E 448 -34.60 3.37 10.37
C HIS E 448 -35.95 2.78 10.76
N TYR E 449 -37.04 3.49 10.48
CA TYR E 449 -38.37 3.00 10.79
C TYR E 449 -38.77 1.98 9.73
N SER E 450 -38.75 0.69 10.12
CA SER E 450 -39.08 -0.46 9.27
C SER E 450 -38.27 -0.52 7.98
C1 NAG F . 12.44 -70.65 23.06
C2 NAG F . 11.63 -69.45 23.57
C3 NAG F . 11.84 -68.27 22.63
C4 NAG F . 13.32 -67.94 22.50
C5 NAG F . 14.11 -69.19 22.08
C6 NAG F . 15.60 -68.99 22.12
C7 NAG F . 9.48 -69.39 24.73
C8 NAG F . 8.05 -69.81 24.71
N2 NAG F . 10.23 -69.78 23.69
O1 NAG F . 12.28 -71.72 23.93
O3 NAG F . 11.15 -67.14 23.15
O4 NAG F . 13.52 -66.92 21.53
O5 NAG F . 13.83 -70.29 22.96
O6 NAG F . 16.11 -68.55 20.86
O7 NAG F . 9.96 -68.73 25.66
C1 NAG F . 12.55 -64.08 18.85
C2 NAG F . 13.78 -64.98 18.74
C3 NAG F . 13.70 -66.13 19.75
C4 NAG F . 13.46 -65.59 21.16
C5 NAG F . 12.24 -64.66 21.18
C6 NAG F . 12.04 -63.99 22.50
C7 NAG F . 13.22 -66.25 16.64
C8 NAG F . 13.73 -66.59 15.28
N2 NAG F . 14.03 -65.48 17.39
O3 NAG F . 14.91 -66.87 19.70
O5 NAG F . 12.40 -63.62 20.20
O6 NAG F . 11.61 -62.63 22.33
O7 NAG F . 12.12 -66.66 17.04
C1 NAG G . -18.41 -41.84 20.37
C2 NAG G . -18.86 -43.20 20.87
C3 NAG G . -18.93 -43.19 22.38
C4 NAG G . -17.59 -42.77 22.97
C5 NAG G . -17.12 -41.45 22.35
C6 NAG G . -15.70 -41.09 22.73
C7 NAG G . -20.26 -44.30 19.19
C8 NAG G . -21.65 -44.57 18.72
N2 NAG G . -20.15 -43.55 20.29
O3 NAG G . -19.26 -44.50 22.83
O4 NAG G . -16.99 -42.81 24.21
O5 NAG G . -17.13 -41.55 20.92
O6 NAG G . -14.94 -40.74 21.59
O7 NAG G . -19.27 -44.73 18.60
C1 NAG G . -17.27 -42.98 25.56
C2 NAG G . -17.85 -41.68 26.10
C3 NAG G . -18.30 -41.86 27.55
C4 NAG G . -19.25 -43.06 27.67
C5 NAG G . -18.61 -44.31 27.07
C6 NAG G . -19.56 -45.48 27.00
C7 NAG G . -17.25 -39.34 25.72
C8 NAG G . -16.14 -38.34 25.66
N2 NAG G . -16.90 -40.59 26.00
O3 NAG G . -18.96 -40.69 27.99
O4 NAG G . -19.63 -43.29 29.02
O5 NAG G . -18.21 -44.03 25.70
O6 NAG G . -20.58 -45.26 26.05
O7 NAG G . -18.42 -39.02 25.54
C1 BMA G . -18.55 -43.49 29.96
C2 BMA G . -18.77 -42.56 31.18
C3 BMA G . -17.71 -42.83 32.24
C4 BMA G . -17.62 -44.34 32.59
C5 BMA G . -17.38 -45.14 31.30
C6 BMA G . -17.36 -46.63 31.54
O2 BMA G . -20.02 -42.84 31.79
O3 BMA G . -17.94 -42.06 33.42
O4 BMA G . -16.58 -44.57 33.50
O5 BMA G . -18.45 -44.86 30.37
O6 BMA G . -16.60 -47.24 30.51
C1 NAG H . -14.93 -20.52 24.29
C2 NAG H . -14.90 -20.59 25.81
C3 NAG H . -15.47 -21.93 26.27
C4 NAG H . -16.87 -22.12 25.72
C5 NAG H . -16.87 -21.96 24.21
C6 NAG H . -18.26 -21.97 23.62
C7 NAG H . -13.26 -19.42 27.19
C8 NAG H . -11.84 -19.35 27.64
N2 NAG H . -13.56 -20.40 26.33
O3 NAG H . -15.48 -21.96 27.70
O4 NAG H . -18.13 -22.36 26.22
O5 NAG H . -16.27 -20.71 23.83
O6 NAG H . -18.52 -23.16 22.90
O7 NAG H . -14.10 -18.62 27.57
C1 NAG H . -18.70 -23.24 27.13
C2 NAG H . -19.58 -24.23 26.39
C3 NAG H . -20.14 -25.27 27.37
C4 NAG H . -19.02 -25.93 28.16
C5 NAG H . -18.16 -24.87 28.83
C6 NAG H . -16.94 -25.46 29.51
C7 NAG H . -21.12 -23.95 24.50
C8 NAG H . -22.23 -23.14 23.92
N2 NAG H . -20.66 -23.56 25.69
O3 NAG H . -20.87 -26.26 26.64
O4 NAG H . -19.57 -26.79 29.15
O5 NAG H . -17.66 -23.95 27.84
O6 NAG H . -15.74 -24.88 29.02
O7 NAG H . -20.66 -24.93 23.92
C1 NAG I . 43.97 -58.23 -18.21
C2 NAG I . 43.87 -57.26 -17.05
C3 NAG I . 42.75 -56.26 -17.31
C4 NAG I . 42.98 -55.54 -18.63
C5 NAG I . 43.17 -56.55 -19.77
C6 NAG I . 43.58 -55.91 -21.07
C7 NAG I . 44.30 -57.62 -14.67
C8 NAG I . 43.97 -58.44 -13.46
N2 NAG I . 43.66 -57.96 -15.79
O1 NAG I . 45.03 -59.12 -17.99
O3 NAG I . 42.71 -55.32 -16.24
O4 NAG I . 41.86 -54.71 -18.92
O5 NAG I . 44.19 -57.50 -19.44
O6 NAG I . 42.46 -55.59 -21.88
O7 NAG I . 45.10 -56.69 -14.62
C1 NAG I . 38.35 -52.84 -18.38
C2 NAG I . 38.85 -53.34 -19.74
C3 NAG I . 40.07 -54.25 -19.55
C4 NAG I . 41.14 -53.55 -18.72
C5 NAG I . 40.54 -53.04 -17.41
C6 NAG I . 41.51 -52.22 -16.59
C7 NAG I . 37.12 -55.08 -20.24
C8 NAG I . 36.11 -55.50 -21.27
N2 NAG I . 37.82 -53.97 -20.54
O3 NAG I . 40.58 -54.59 -20.84
O5 NAG I . 39.42 -52.20 -17.67
O6 NAG I . 40.87 -51.12 -15.98
O7 NAG I . 37.27 -55.72 -19.20
C1 NAG J . 24.57 -40.95 15.15
C2 NAG J . 25.27 -42.26 15.44
C3 NAG J . 26.64 -41.99 16.03
C4 NAG J . 27.45 -41.09 15.12
C5 NAG J . 26.66 -39.83 14.76
C6 NAG J . 27.32 -38.99 13.69
C7 NAG J . 23.62 -44.01 15.87
C8 NAG J . 22.86 -44.77 16.91
N2 NAG J . 24.46 -43.08 16.32
O3 NAG J . 27.32 -43.23 16.22
O4 NAG J . 28.77 -40.72 15.02
O5 NAG J . 25.36 -40.19 14.25
O6 NAG J . 26.40 -38.66 12.67
O7 NAG J . 23.49 -44.23 14.68
C1 NAG J . 29.97 -40.70 15.70
C2 NAG J . 29.94 -39.57 16.72
C3 NAG J . 31.19 -39.60 17.59
C4 NAG J . 31.35 -40.97 18.24
C5 NAG J . 31.32 -42.06 17.17
C6 NAG J . 31.32 -43.45 17.76
C7 NAG J . 29.13 -37.25 16.55
C8 NAG J . 29.12 -36.01 15.73
N2 NAG J . 29.83 -38.28 16.04
O3 NAG J . 31.07 -38.61 18.60
O4 NAG J . 32.54 -41.05 19.02
O5 NAG J . 30.12 -41.95 16.39
O6 NAG J . 30.08 -43.74 18.40
O7 NAG J . 28.53 -37.34 17.61
C1 BMA J . 33.77 -40.74 18.31
C2 BMA J . 34.56 -39.71 19.17
C3 BMA J . 35.92 -39.45 18.51
C4 BMA J . 36.68 -40.77 18.24
C5 BMA J . 35.79 -41.69 17.38
C6 BMA J . 36.44 -43.04 17.12
O2 BMA J . 34.83 -40.23 20.46
O3 BMA J . 36.72 -38.58 19.31
O4 BMA J . 37.89 -40.51 17.55
O5 BMA J . 34.55 -41.92 18.07
O6 BMA J . 35.87 -43.57 15.93
C1 NAG K . 23.31 -19.21 18.04
C2 NAG K . 24.73 -18.99 18.53
C3 NAG K . 25.35 -20.32 18.91
C4 NAG K . 24.50 -21.03 19.96
C5 NAG K . 23.06 -21.17 19.45
C6 NAG K . 22.12 -21.69 20.50
C7 NAG K . 26.15 -17.15 17.79
C8 NAG K . 26.96 -16.58 16.67
N2 NAG K . 25.54 -18.31 17.53
O3 NAG K . 26.67 -20.09 19.44
O4 NAG K . 24.65 -21.53 21.22
O5 NAG K . 22.55 -19.88 19.05
O6 NAG K . 21.72 -23.02 20.22
O7 NAG K . 26.03 -16.58 18.86
C1 NAG K . 25.56 -22.35 21.87
C2 NAG K . 24.89 -23.69 22.19
C3 NAG K . 25.91 -24.64 22.82
C4 NAG K . 27.15 -24.78 21.94
C5 NAG K . 27.72 -23.41 21.62
C6 NAG K . 28.87 -23.46 20.64
C7 NAG K . 22.64 -24.24 22.98
C8 NAG K . 21.56 -23.91 23.95
N2 NAG K . 23.75 -23.50 23.07
O3 NAG K . 25.30 -25.92 23.01
O4 NAG K . 28.13 -25.56 22.60
O5 NAG K . 26.71 -22.57 21.04
O6 NAG K . 28.60 -22.66 19.49
O7 NAG K . 22.52 -25.13 22.14
C1 NAG L . 12.74 -44.80 -58.97
C2 NAG L . 13.51 -43.70 -58.24
C3 NAG L . 12.66 -43.14 -57.09
C4 NAG L . 11.32 -42.66 -57.63
C5 NAG L . 10.61 -43.76 -58.42
C6 NAG L . 9.38 -43.27 -59.13
C7 NAG L . 15.92 -43.47 -57.83
C8 NAG L . 17.15 -44.12 -57.27
N2 NAG L . 14.79 -44.19 -57.74
O1 NAG L . 13.50 -45.27 -60.03
O3 NAG L . 13.37 -42.08 -56.48
O4 NAG L . 10.49 -42.25 -56.54
O5 NAG L . 11.49 -44.28 -59.44
O6 NAG L . 8.21 -43.45 -58.34
O7 NAG L . 15.94 -42.35 -58.34
C1 NAG L . 9.43 -41.45 -52.75
C2 NAG L . 8.47 -42.02 -53.81
C3 NAG L . 9.26 -42.48 -55.04
C4 NAG L . 10.14 -41.35 -55.56
C5 NAG L . 11.02 -40.82 -54.43
C6 NAG L . 11.83 -39.60 -54.85
C7 NAG L . 7.96 -44.26 -52.80
C8 NAG L . 6.84 -45.14 -52.36
N2 NAG L . 7.60 -43.08 -53.31
O3 NAG L . 8.33 -42.88 -56.05
O5 NAG L . 10.21 -40.40 -53.32
O6 NAG L . 11.89 -38.65 -53.79
O7 NAG L . 9.14 -44.62 -52.70
C1 NAG M . 32.62 -28.23 -25.52
C2 NAG M . 33.46 -29.21 -26.31
C3 NAG M . 34.35 -28.43 -27.29
C4 NAG M . 33.51 -27.51 -28.16
C5 NAG M . 32.59 -26.64 -27.30
C6 NAG M . 31.58 -25.86 -28.11
C7 NAG M . 33.84 -31.25 -25.06
C8 NAG M . 34.77 -32.01 -24.15
N2 NAG M . 34.25 -30.05 -25.44
O3 NAG M . 35.06 -29.36 -28.10
O4 NAG M . 33.69 -26.80 -29.31
O5 NAG M . 31.83 -27.45 -26.39
O6 NAG M . 30.28 -26.00 -27.57
O7 NAG M . 32.77 -31.73 -25.42
C1 NAG M . 34.69 -26.30 -30.15
C2 NAG M . 35.29 -25.05 -29.50
C3 NAG M . 36.48 -24.55 -30.33
C4 NAG M . 37.49 -25.68 -30.54
C5 NAG M . 36.81 -26.90 -31.14
C6 NAG M . 37.73 -28.10 -31.21
C7 NAG M . 34.25 -23.16 -28.33
C8 NAG M . 33.15 -22.15 -28.35
N2 NAG M . 34.29 -24.00 -29.37
O3 NAG M . 37.09 -23.46 -29.64
O4 NAG M . 38.58 -25.24 -31.35
O5 NAG M . 35.71 -27.29 -30.30
O6 NAG M . 38.02 -28.61 -29.93
O7 NAG M . 35.07 -23.22 -27.42
C1 BMA M . 38.23 -24.72 -32.65
C2 BMA M . 38.95 -23.36 -32.84
C3 BMA M . 38.69 -22.83 -34.25
C4 BMA M . 39.03 -23.89 -35.32
C5 BMA M . 38.24 -25.18 -35.03
C6 BMA M . 38.56 -26.29 -36.00
O2 BMA M . 40.36 -23.53 -32.73
O3 BMA M . 39.42 -21.63 -34.50
O4 BMA M . 38.70 -23.41 -36.61
O5 BMA M . 38.56 -25.63 -33.70
O6 BMA M . 37.46 -27.18 -36.04
C1 NAG N . 28.90 -7.73 -18.61
C2 NAG N . 29.72 -7.00 -19.67
C3 NAG N . 30.62 -7.99 -20.38
C4 NAG N . 31.51 -8.72 -19.38
C5 NAG N . 30.65 -9.36 -18.29
C6 NAG N . 31.47 -9.94 -17.17
C7 NAG N . 28.95 -4.99 -20.82
C8 NAG N . 28.02 -4.43 -21.84
N2 NAG N . 28.87 -6.31 -20.62
O3 NAG N . 31.43 -7.29 -21.32
O4 NAG N . 32.84 -8.91 -19.17
O5 NAG N . 29.77 -8.39 -17.70
O6 NAG N . 31.46 -11.36 -17.20
O7 NAG N . 29.74 -4.29 -20.20
C1 NAG N . 33.93 -9.29 -19.94
C2 NAG N . 34.40 -10.68 -19.50
C3 NAG N . 35.55 -11.15 -20.40
C4 NAG N . 35.15 -11.08 -21.87
C5 NAG N . 34.65 -9.67 -22.21
C6 NAG N . 34.11 -9.56 -23.62
C7 NAG N . 34.59 -11.71 -17.30
C8 NAG N . 35.07 -11.55 -15.89
N2 NAG N . 34.80 -10.69 -18.11
O3 NAG N . 35.89 -12.49 -20.06
O4 NAG N . 36.27 -11.39 -22.69
O5 NAG N . 33.58 -9.31 -21.33
O6 NAG N . 32.77 -9.11 -23.62
O7 NAG N . 34.04 -12.74 -17.68
C1 NAG O . -37.48 -48.75 -43.32
C2 NAG O . -36.86 -47.36 -43.51
C3 NAG O . -36.25 -46.89 -42.20
C4 NAG O . -37.31 -46.91 -41.09
C5 NAG O . -37.95 -48.30 -40.99
C6 NAG O . -39.13 -48.33 -40.04
C7 NAG O . -35.78 -46.37 -45.46
C8 NAG O . -34.69 -46.52 -46.50
N2 NAG O . -35.87 -47.36 -44.56
O1 NAG O . -38.06 -49.15 -44.52
O3 NAG O . -35.75 -45.57 -42.36
O4 NAG O . -36.69 -46.59 -39.83
O5 NAG O . -38.45 -48.71 -42.26
O6 NAG O . -38.74 -48.70 -38.73
O7 NAG O . -36.53 -45.41 -45.45
C1 NAG O . -33.82 -45.48 -37.25
C2 NAG O . -34.94 -46.48 -36.92
C3 NAG O . -35.68 -46.90 -38.19
C4 NAG O . -36.17 -45.68 -38.96
C5 NAG O . -35.01 -44.71 -39.21
C6 NAG O . -35.44 -43.40 -39.83
C7 NAG O . -33.58 -48.56 -36.55
C8 NAG O . -33.29 -49.64 -35.55
N2 NAG O . -34.48 -47.64 -36.17
O3 NAG O . -36.78 -47.72 -37.83
O5 NAG O . -34.36 -44.37 -37.96
O6 NAG O . -34.72 -42.31 -39.29
O7 NAG O . -33.01 -48.53 -37.64
C1 NAG P . -5.22 -21.46 -44.92
C2 NAG P . -5.40 -22.26 -46.19
C3 NAG P . -6.21 -21.44 -47.19
C4 NAG P . -7.53 -20.98 -46.58
C5 NAG P . -7.28 -20.27 -45.24
C6 NAG P . -8.54 -19.97 -44.49
C7 NAG P . -3.58 -23.85 -46.48
C8 NAG P . -2.26 -24.12 -47.12
N2 NAG P . -4.13 -22.66 -46.74
O3 NAG P . -6.47 -22.25 -48.34
O4 NAG P . -8.70 -20.45 -47.04
O5 NAG P . -6.48 -21.10 -44.39
O6 NAG P . -8.45 -20.40 -43.14
O7 NAG P . -4.13 -24.66 -45.75
C1 NAG P . -9.27 -19.84 -48.16
C2 NAG P . -8.84 -18.38 -48.19
C3 NAG P . -9.33 -17.71 -49.46
C4 NAG P . -8.89 -18.50 -50.69
C5 NAG P . -9.32 -19.96 -50.57
C6 NAG P . -8.77 -20.83 -51.67
C7 NAG P . -8.62 -16.70 -46.42
C8 NAG P . -9.26 -16.07 -45.22
N2 NAG P . -9.32 -17.67 -47.02
O3 NAG P . -8.81 -16.38 -49.54
O4 NAG P . -9.39 -17.92 -51.90
O5 NAG P . -8.81 -20.51 -49.34
O6 NAG P . -7.36 -21.00 -51.55
O7 NAG P . -7.51 -16.36 -46.81
C1 BMA P . -10.83 -17.76 -51.96
C2 BMA P . -11.13 -16.31 -52.41
C3 BMA P . -12.63 -16.14 -52.60
C4 BMA P . -13.21 -17.22 -53.54
C5 BMA P . -12.86 -18.62 -52.99
C6 BMA P . -13.33 -19.74 -53.89
O2 BMA P . -10.53 -16.04 -53.67
O3 BMA P . -12.95 -14.84 -53.10
O4 BMA P . -14.61 -17.10 -53.64
O5 BMA P . -11.42 -18.70 -52.86
O6 BMA P . -13.47 -20.90 -53.09
C1 NAG Q . -5.72 -2.05 -34.64
C2 NAG Q . -6.61 -1.32 -35.63
C3 NAG Q . -6.70 -2.11 -36.93
C4 NAG Q . -5.31 -2.36 -37.49
C5 NAG Q . -4.43 -3.02 -36.44
C6 NAG Q . -2.98 -3.12 -36.87
C7 NAG Q . -8.45 0.14 -34.97
C8 NAG Q . -9.83 0.22 -34.40
N2 NAG Q . -7.93 -1.08 -35.09
O3 NAG Q . -7.48 -1.38 -37.87
O4 NAG Q . -4.62 -2.10 -38.66
O5 NAG Q . -4.43 -2.26 -35.23
O6 NAG Q . -2.63 -4.46 -37.17
O7 NAG Q . -7.83 1.14 -35.31
C1 NAG Q . -4.87 -2.28 -40.01
C2 NAG Q . -3.95 -3.37 -40.56
C3 NAG Q . -4.27 -3.64 -42.03
C4 NAG Q . -5.75 -3.94 -42.22
C5 NAG Q . -6.60 -2.83 -41.60
C6 NAG Q . -8.07 -3.14 -41.64
C7 NAG Q . -1.61 -3.90 -40.10
C8 NAG Q . -0.22 -3.36 -39.95
N2 NAG Q . -2.56 -3.01 -40.39
O3 NAG Q . -3.48 -4.73 -42.49
O4 NAG Q . -6.05 -4.06 -43.61
O5 NAG Q . -6.24 -2.65 -40.23
O6 NAG Q . -8.64 -3.10 -40.34
O7 NAG Q . -1.85 -5.09 -39.96
C1 NAG R . -37.93 -64.58 7.15
C2 NAG R . -38.27 -63.13 6.83
C3 NAG R . -37.02 -62.27 6.88
C4 NAG R . -36.34 -62.41 8.24
C5 NAG R . -36.09 -63.88 8.57
C6 NAG R . -35.60 -64.08 9.99
C7 NAG R . -39.97 -62.22 5.31
C8 NAG R . -40.52 -62.22 3.91
N2 NAG R . -38.92 -63.01 5.52
O1 NAG R . -39.08 -65.34 7.14
O3 NAG R . -37.37 -60.91 6.64
O4 NAG R . -35.11 -61.70 8.24
O5 NAG R . -37.29 -64.64 8.44
O6 NAG R . -34.18 -64.08 10.05
O7 NAG R . -40.47 -61.54 6.20
C1 NAG R . -32.15 -59.34 6.87
C2 NAG R . -31.94 -60.56 7.79
C3 NAG R . -33.21 -61.39 7.89
C4 NAG R . -34.40 -60.52 8.29
C5 NAG R . -34.51 -59.31 7.35
C6 NAG R . -35.57 -58.34 7.79
C7 NAG R . -30.59 -62.04 6.27
C8 NAG R . -29.30 -62.78 6.17
N2 NAG R . -30.78 -61.37 7.43
O3 NAG R . -33.00 -62.43 8.83
O5 NAG R . -33.27 -58.58 7.33
O6 NAG R . -35.15 -56.99 7.59
O7 NAG R . -31.39 -62.03 5.35
C1 NAG S . -36.50 -29.68 -16.70
C2 NAG S . -37.49 -30.72 -17.18
C3 NAG S . -38.88 -30.37 -16.68
C4 NAG S . -38.87 -30.22 -15.16
C5 NAG S . -37.78 -29.25 -14.73
C6 NAG S . -37.57 -29.21 -13.23
C7 NAG S . -36.73 -31.73 -19.27
C8 NAG S . -36.82 -31.70 -20.77
N2 NAG S . -37.47 -30.82 -18.63
O3 NAG S . -39.78 -31.41 -17.05
O4 NAG S . -39.82 -30.15 -14.16
O5 NAG S . -36.51 -29.63 -15.29
O6 NAG S . -36.20 -29.33 -12.89
O7 NAG S . -36.02 -32.53 -18.68
C1 NAG S . -41.18 -29.95 -13.94
C2 NAG S . -41.46 -28.46 -14.04
C3 NAG S . -42.96 -28.20 -13.94
C4 NAG S . -43.72 -29.03 -14.97
C5 NAG S . -43.34 -30.51 -14.85
C6 NAG S . -43.93 -31.36 -15.95
C7 NAG S . -40.24 -26.50 -13.21
C8 NAG S . -39.54 -25.89 -12.04
N2 NAG S . -40.75 -27.72 -13.01
O3 NAG S . -43.22 -26.82 -14.15
O4 NAG S . -45.13 -28.85 -14.87
O5 NAG S . -41.91 -30.65 -14.94
O6 NAG S . -43.32 -31.07 -17.21
O7 NAG S . -40.34 -25.92 -14.28
C1 BMA S . -45.69 -29.14 -13.56
C2 BMA S . -46.60 -27.95 -13.15
C3 BMA S . -47.30 -28.27 -11.83
C4 BMA S . -48.04 -29.62 -11.91
C5 BMA S . -47.04 -30.72 -12.31
C6 BMA S . -47.69 -32.07 -12.47
O2 BMA S . -47.62 -27.73 -14.11
O3 BMA S . -48.21 -27.23 -11.47
O4 BMA S . -48.62 -29.93 -10.65
O5 BMA S . -46.44 -30.36 -13.57
O6 BMA S . -46.71 -33.07 -12.27
C1 NAG T . -32.65 -9.80 -8.20
C2 NAG T . -34.04 -9.55 -7.63
C3 NAG T . -35.02 -10.55 -8.22
C4 NAG T . -35.01 -10.47 -9.73
C5 NAG T . -33.60 -10.64 -10.27
C6 NAG T . -33.50 -10.39 -11.75
C7 NAG T . -34.43 -8.61 -5.41
C8 NAG T . -34.37 -8.84 -3.93
N2 NAG T . -34.03 -9.62 -6.18
O3 NAG T . -36.33 -10.27 -7.71
O4 NAG T . -35.93 -10.24 -10.74
O5 NAG T . -32.71 -9.72 -9.63
O6 NAG T . -33.29 -11.60 -12.47
O7 NAG T . -34.79 -7.54 -5.88
C1 NAG T . -37.19 -10.72 -11.07
C2 NAG T . -37.09 -11.57 -12.34
C3 NAG T . -38.44 -12.17 -12.67
C4 NAG T . -39.01 -12.93 -11.48
C5 NAG T . -39.04 -12.03 -10.25
C6 NAG T . -39.45 -12.76 -8.99
C7 NAG T . -35.77 -11.28 -14.39
C8 NAG T . -35.35 -10.33 -15.46
N2 NAG T . -36.59 -10.78 -13.46
O3 NAG T . -38.31 -13.05 -13.78
O4 NAG T . -40.33 -13.37 -11.76
O5 NAG T . -37.72 -11.51 -10.00
O6 NAG T . -38.46 -12.66 -7.98
O7 NAG T . -35.39 -12.45 -14.36
C10 S87 U . -27.69 -30.20 5.52
C11 S87 U . -24.75 -28.96 1.88
C12 S87 U . -27.38 -28.86 2.76
C13 S87 U . -20.41 -31.49 7.84
C14 S87 U . -20.61 -33.43 7.00
C15 S87 U . -25.72 -28.36 1.09
C16 S87 U . -27.04 -28.31 1.54
C17 S87 U . -20.21 -33.54 8.32
C18 S87 U . -20.44 -29.98 7.96
C01 S87 U . -22.59 -31.20 5.43
C02 S87 U . -23.50 -31.52 6.43
C03 S87 U . -24.82 -31.18 6.29
C04 S87 U . -25.26 -30.50 5.14
C05 S87 U . -24.37 -30.19 4.16
C06 S87 U . -23.02 -30.54 4.30
C07 S87 U . -21.10 -31.55 5.51
C08 S87 U . -25.10 -29.51 3.12
C09 S87 U . -26.39 -29.46 3.55
N01 S87 U . -26.48 -30.06 4.75
N02 S87 U . -20.72 -32.14 6.77
N03 S87 U . -20.11 -32.32 8.81
O01 S87 U . -22.11 -30.23 3.31
C10 S87 V . 5.06 -35.58 20.85
C11 S87 V . 2.24 -34.22 17.15
C12 S87 V . 2.25 -34.75 19.88
C13 S87 V . 9.67 -34.19 14.78
C14 S87 V . 9.37 -36.22 14.23
C15 S87 V . 1.07 -34.10 17.89
C16 S87 V . 1.07 -34.36 19.24
C17 S87 V . 10.73 -35.97 14.31
C18 S87 V . 9.36 -32.76 15.17
C01 S87 V . 6.73 -35.01 15.95
C02 S87 V . 7.48 -35.40 17.06
C03 S87 V . 6.88 -35.50 18.31
C04 S87 V . 5.50 -35.22 18.43
C05 S87 V . 4.78 -34.84 17.35
C06 S87 V . 5.40 -34.74 16.10
C07 S87 V . 7.34 -34.88 14.56
C08 S87 V . 3.42 -34.62 17.79
C09 S87 V . 3.43 -34.87 19.13
N01 S87 V . 4.67 -35.23 19.50
N02 S87 V . 8.76 -35.10 14.54
N03 S87 V . 10.86 -34.70 14.65
O01 S87 V . 4.66 -34.35 14.98
C10 S87 W . 30.49 -27.97 -4.59
C11 S87 W . 25.90 -28.22 -3.09
C12 S87 W . 28.54 -28.21 -2.21
C13 S87 W . 25.95 -26.42 -10.67
C14 S87 W . 25.91 -28.51 -11.05
C15 S87 W . 26.18 -28.32 -1.74
C16 S87 W . 27.50 -28.32 -1.31
C17 S87 W . 26.33 -27.85 -12.20
C18 S87 W . 25.82 -25.10 -9.94
C01 S87 W . 26.37 -27.84 -7.77
C02 S87 W . 27.72 -27.78 -8.12
C03 S87 W . 28.70 -27.83 -7.14
C04 S87 W . 28.32 -27.94 -5.79
C05 S87 W . 27.00 -28.01 -5.46
C06 S87 W . 26.02 -27.96 -6.44
C07 S87 W . 25.25 -27.81 -8.79
C08 S87 W . 26.95 -28.12 -4.01
C09 S87 W . 28.24 -28.12 -3.59
N01 S87 W . 29.05 -28.01 -4.66
N02 S87 W . 25.70 -27.59 -10.14
N03 S87 W . 26.34 -26.57 -11.91
O01 S87 W . 24.68 -28.02 -6.10
C10 S87 X . 12.99 -18.13 -34.93
C11 S87 X . 12.94 -19.45 -30.27
C12 S87 X . 14.57 -18.52 -32.31
C13 S87 X . 5.58 -19.08 -32.85
C14 S87 X . 5.81 -21.12 -33.40
C15 S87 X . 14.28 -19.22 -30.03
C16 S87 X . 15.10 -18.76 -31.05
C17 S87 X . 4.73 -20.58 -34.07
C18 S87 X . 5.86 -17.75 -32.18
C01 S87 X . 8.74 -19.78 -32.42
C02 S87 X . 8.84 -19.39 -33.75
C03 S87 X . 10.06 -18.98 -34.26
C04 S87 X . 11.19 -18.96 -33.43
C05 S87 X . 11.09 -19.34 -32.14
C06 S87 X . 9.87 -19.76 -31.62
C07 S87 X . 7.44 -20.25 -31.78
C08 S87 X . 12.41 -19.21 -31.55
C09 S87 X . 13.21 -18.75 -32.55
N01 S87 X . 12.47 -18.60 -33.67
N02 S87 X . 6.31 -20.15 -32.67
N03 S87 X . 4.63 -19.32 -33.71
O01 S87 X . 9.75 -20.16 -30.29
C10 S87 Y . -22.51 -19.39 -28.55
C11 S87 Y . -17.94 -19.81 -27.00
C12 S87 Y . -19.51 -18.81 -29.05
C13 S87 Y . -22.74 -22.10 -21.30
C14 S87 Y . -22.61 -24.04 -22.14
C15 S87 Y . -17.35 -19.15 -28.06
C16 S87 Y . -18.15 -18.65 -29.09
C17 S87 Y . -23.71 -23.98 -21.32
C18 S87 Y . -22.41 -20.66 -21.00
C01 S87 Y . -21.14 -21.75 -24.12
C02 S87 Y . -22.42 -21.59 -24.63
C03 S87 Y . -22.61 -20.92 -25.83
C04 S87 Y . -21.49 -20.42 -26.54
C05 S87 Y . -20.24 -20.58 -26.04
C06 S87 Y . -20.06 -21.25 -24.81
C07 S87 Y . -20.85 -22.46 -22.81
C08 S87 Y . -19.33 -19.97 -26.96
C09 S87 Y . -20.11 -19.48 -27.97
N01 S87 Y . -21.40 -19.76 -27.70
N02 S87 Y . -22.05 -22.85 -22.11
N03 S87 Y . -23.76 -22.77 -20.82
O01 S87 Y . -18.78 -21.42 -24.30
#